data_1S3A
#
_entry.id   1S3A
#
_entity_poly.entity_id   1
_entity_poly.type   'polypeptide(L)'
_entity_poly.pdbx_seq_one_letter_code
;KAGMAAAAASRGVGAKLGLREIRIHLCQRSPGSQGVRDFIEKRYVELKKANPDLPILIRECSDVQPKLWARYAFGQETNV
PLNNFSADQVTRALENVLSGKA
;
_entity_poly.pdbx_strand_id   A
#
# COMPACT_ATOMS: atom_id res chain seq x y z
N GLY A 18 7.17 -1.78 -10.07
CA GLY A 18 7.08 -3.14 -10.61
C GLY A 18 5.70 -3.42 -11.18
N LEU A 19 4.86 -2.40 -11.25
CA LEU A 19 3.50 -2.56 -11.63
C LEU A 19 2.93 -1.33 -12.29
N ARG A 20 1.64 -1.38 -12.54
CA ARG A 20 0.95 -0.30 -13.19
C ARG A 20 0.43 0.68 -12.17
N GLU A 21 -0.01 0.20 -10.99
CA GLU A 21 -0.52 1.15 -9.97
C GLU A 21 -0.68 0.58 -8.56
N ILE A 22 -0.41 1.44 -7.56
CA ILE A 22 -0.77 1.19 -6.16
C ILE A 22 -1.61 2.34 -5.67
N ARG A 23 -2.74 2.01 -5.16
CA ARG A 23 -3.64 2.99 -4.63
C ARG A 23 -4.01 2.58 -3.25
N ILE A 24 -3.47 3.23 -2.29
CA ILE A 24 -3.81 2.93 -0.94
C ILE A 24 -5.11 3.55 -0.68
N HIS A 25 -6.00 2.82 -0.24
CA HIS A 25 -7.26 3.38 0.11
C HIS A 25 -7.17 3.55 1.60
N LEU A 26 -7.30 4.76 2.11
CA LEU A 26 -7.11 4.95 3.53
C LEU A 26 -8.40 5.25 4.28
N CYS A 27 -8.62 6.52 4.52
CA CYS A 27 -9.73 7.07 5.31
C CYS A 27 -9.53 6.81 6.80
N GLN A 28 -10.37 7.42 7.60
CA GLN A 28 -10.47 7.13 9.00
C GLN A 28 -11.93 6.77 9.24
N ARG A 29 -12.19 5.50 9.42
CA ARG A 29 -13.55 5.04 9.44
C ARG A 29 -13.67 3.73 10.24
N SER A 30 -12.96 2.72 9.82
CA SER A 30 -13.01 1.42 10.44
C SER A 30 -11.58 1.00 10.89
N PRO A 31 -11.40 -0.24 11.49
CA PRO A 31 -10.11 -0.80 11.90
C PRO A 31 -8.88 -0.33 11.12
N GLY A 32 -7.98 0.32 11.82
CA GLY A 32 -6.78 0.85 11.24
C GLY A 32 -5.56 0.42 12.01
N SER A 33 -4.38 0.84 11.58
CA SER A 33 -3.17 0.41 12.20
C SER A 33 -2.18 1.53 12.33
N GLN A 34 -1.19 1.26 13.10
CA GLN A 34 -0.12 2.16 13.40
C GLN A 34 0.94 1.90 12.38
N GLY A 35 1.01 0.64 11.93
CA GLY A 35 1.94 0.28 10.90
C GLY A 35 1.49 0.89 9.63
N VAL A 36 0.18 0.98 9.50
CA VAL A 36 -0.40 1.59 8.34
C VAL A 36 -0.09 3.07 8.39
N ARG A 37 -0.56 3.71 9.45
CA ARG A 37 -0.32 5.11 9.78
C ARG A 37 1.15 5.50 9.52
N ASP A 38 2.04 4.68 10.04
CA ASP A 38 3.48 4.86 9.85
C ASP A 38 3.80 4.92 8.44
N PHE A 39 3.36 3.94 7.71
CA PHE A 39 3.53 3.93 6.28
C PHE A 39 3.01 5.23 5.72
N ILE A 40 1.78 5.50 6.01
CA ILE A 40 1.02 6.65 5.49
C ILE A 40 1.82 7.97 5.66
N GLU A 41 2.44 8.16 6.81
CA GLU A 41 3.03 9.45 7.11
C GLU A 41 4.53 9.44 7.06
N LYS A 42 5.08 8.53 7.81
CA LYS A 42 6.49 8.43 8.04
C LYS A 42 7.14 7.79 6.86
N ARG A 43 6.43 6.90 6.24
CA ARG A 43 7.03 6.09 5.27
C ARG A 43 6.57 6.48 3.89
N TYR A 44 5.48 7.23 3.76
CA TYR A 44 4.93 7.65 2.42
C TYR A 44 5.99 8.08 1.40
N VAL A 45 6.55 9.23 1.62
CA VAL A 45 7.56 9.79 0.74
C VAL A 45 8.75 8.82 0.59
N GLU A 46 9.00 8.08 1.65
CA GLU A 46 10.03 7.09 1.68
C GLU A 46 9.66 5.90 0.82
N LEU A 47 8.39 5.50 0.71
CA LEU A 47 8.12 4.34 -0.13
C LEU A 47 8.03 4.77 -1.54
N LYS A 48 7.71 6.03 -1.72
CA LYS A 48 7.64 6.67 -3.00
C LYS A 48 9.04 6.73 -3.61
N LYS A 49 10.03 6.98 -2.76
CA LYS A 49 11.40 7.00 -3.21
C LYS A 49 12.00 5.60 -3.13
N ALA A 50 11.48 4.78 -2.21
CA ALA A 50 12.04 3.47 -1.97
C ALA A 50 11.78 2.56 -3.13
N ASN A 51 10.62 2.74 -3.71
CA ASN A 51 10.14 1.94 -4.78
C ASN A 51 9.74 2.94 -5.84
N PRO A 52 10.71 3.38 -6.62
CA PRO A 52 10.55 4.43 -7.64
C PRO A 52 9.53 4.08 -8.66
N ASP A 53 9.62 2.88 -9.10
CA ASP A 53 8.70 2.32 -10.11
C ASP A 53 7.38 1.85 -9.49
N LEU A 54 7.06 2.38 -8.35
CA LEU A 54 5.83 2.02 -7.69
C LEU A 54 4.90 3.26 -7.67
N PRO A 55 3.83 3.26 -8.50
CA PRO A 55 2.76 4.28 -8.44
C PRO A 55 2.11 4.32 -7.10
N ILE A 56 2.06 5.47 -6.53
CA ILE A 56 1.56 5.61 -5.16
C ILE A 56 0.51 6.69 -5.08
N LEU A 57 -0.73 6.27 -4.96
CA LEU A 57 -1.86 7.18 -4.82
C LEU A 57 -2.52 6.95 -3.46
N ILE A 58 -2.66 7.98 -2.66
CA ILE A 58 -3.35 7.89 -1.38
C ILE A 58 -4.83 8.21 -1.60
N ARG A 59 -5.64 7.23 -1.38
CA ARG A 59 -7.05 7.32 -1.64
C ARG A 59 -7.89 7.39 -0.37
N GLU A 60 -9.15 7.64 -0.57
CA GLU A 60 -10.10 7.96 0.47
C GLU A 60 -11.09 6.79 0.73
N CYS A 61 -11.89 6.94 1.81
CA CYS A 61 -12.96 6.03 2.31
C CYS A 61 -13.52 5.11 1.24
N SER A 62 -13.45 3.81 1.48
CA SER A 62 -13.86 2.85 0.50
C SER A 62 -14.37 1.53 1.11
N ASP A 63 -13.71 1.02 2.13
CA ASP A 63 -14.05 -0.26 2.71
C ASP A 63 -13.81 -0.11 4.17
N VAL A 64 -13.13 -1.08 4.79
CA VAL A 64 -12.76 -0.97 6.20
C VAL A 64 -11.89 0.27 6.39
N GLN A 65 -10.66 0.20 5.94
CA GLN A 65 -9.78 1.32 6.10
C GLN A 65 -8.52 1.20 5.25
N PRO A 66 -7.44 0.48 5.66
CA PRO A 66 -6.21 0.50 4.91
C PRO A 66 -6.10 -0.63 3.90
N LYS A 67 -6.56 -0.43 2.69
CA LYS A 67 -6.47 -1.49 1.67
C LYS A 67 -5.41 -1.13 0.70
N LEU A 68 -4.76 -2.13 0.20
CA LEU A 68 -3.71 -1.95 -0.72
C LEU A 68 -4.23 -2.23 -2.08
N TRP A 69 -4.52 -1.24 -2.84
CA TRP A 69 -4.89 -1.54 -4.18
C TRP A 69 -3.65 -1.62 -5.02
N ALA A 70 -3.55 -2.66 -5.77
CA ALA A 70 -2.52 -2.87 -6.68
C ALA A 70 -3.11 -3.37 -7.97
N ARG A 71 -2.65 -2.83 -9.05
CA ARG A 71 -2.97 -3.30 -10.32
C ARG A 71 -1.65 -3.39 -11.00
N TYR A 72 -1.14 -4.54 -10.94
CA TYR A 72 0.20 -4.83 -11.43
C TYR A 72 0.27 -4.77 -12.95
N ALA A 73 1.50 -4.75 -13.47
CA ALA A 73 1.73 -4.84 -14.92
C ALA A 73 1.80 -6.29 -15.33
N PHE A 74 1.73 -7.14 -14.31
CA PHE A 74 1.49 -8.55 -14.54
C PHE A 74 0.01 -8.65 -14.90
N GLY A 75 -0.69 -7.56 -14.57
CA GLY A 75 -2.06 -7.38 -14.88
C GLY A 75 -2.96 -8.12 -13.95
N GLN A 76 -2.65 -8.03 -12.67
CA GLN A 76 -3.44 -8.66 -11.64
C GLN A 76 -3.91 -7.64 -10.62
N GLU A 77 -4.94 -8.02 -9.88
CA GLU A 77 -5.55 -7.18 -8.88
C GLU A 77 -5.08 -7.48 -7.51
N THR A 78 -5.12 -6.46 -6.72
CA THR A 78 -4.85 -6.51 -5.32
C THR A 78 -5.57 -5.36 -4.71
N ASN A 79 -6.37 -5.61 -3.75
CA ASN A 79 -7.06 -4.57 -3.02
C ASN A 79 -7.24 -5.03 -1.60
N VAL A 80 -6.26 -4.74 -0.73
CA VAL A 80 -6.35 -5.42 0.58
C VAL A 80 -5.89 -4.75 1.85
N PRO A 81 -6.80 -4.78 2.86
CA PRO A 81 -6.58 -4.36 4.23
C PRO A 81 -5.29 -4.88 4.76
N LEU A 82 -4.37 -3.99 4.86
CA LEU A 82 -3.03 -4.27 5.27
C LEU A 82 -2.82 -3.86 6.73
N ASN A 83 -3.94 -3.82 7.45
CA ASN A 83 -4.06 -3.46 8.88
C ASN A 83 -3.04 -4.20 9.79
N ASN A 84 -2.71 -5.37 9.44
CA ASN A 84 -1.83 -6.20 10.28
C ASN A 84 -0.34 -5.99 10.02
N PHE A 85 0.01 -5.12 9.12
CA PHE A 85 1.39 -4.97 8.77
C PHE A 85 1.92 -3.60 9.17
N SER A 86 3.16 -3.59 9.47
CA SER A 86 3.89 -2.43 9.93
C SER A 86 4.50 -1.60 8.77
N ALA A 87 4.99 -0.39 9.10
CA ALA A 87 5.52 0.62 8.13
C ALA A 87 6.50 0.06 7.06
N ASP A 88 7.64 -0.43 7.53
CA ASP A 88 8.69 -0.86 6.62
C ASP A 88 8.26 -2.08 5.91
N GLN A 89 7.70 -2.95 6.70
CA GLN A 89 7.21 -4.23 6.21
C GLN A 89 6.18 -4.04 5.14
N VAL A 90 5.21 -3.13 5.31
CA VAL A 90 4.28 -2.88 4.21
C VAL A 90 5.02 -2.42 3.00
N THR A 91 5.97 -1.50 3.14
CA THR A 91 6.67 -1.01 1.95
C THR A 91 7.53 -2.09 1.22
N ARG A 92 8.11 -2.92 2.00
CA ARG A 92 8.92 -4.02 1.50
C ARG A 92 8.00 -5.10 0.95
N ALA A 93 6.90 -5.37 1.66
CA ALA A 93 5.88 -6.31 1.19
C ALA A 93 5.29 -5.82 -0.10
N LEU A 94 5.11 -4.49 -0.24
CA LEU A 94 4.72 -3.91 -1.51
C LEU A 94 5.69 -4.33 -2.56
N GLU A 95 6.96 -4.07 -2.33
CA GLU A 95 7.99 -4.44 -3.31
C GLU A 95 7.93 -5.93 -3.62
N ASN A 96 7.80 -6.72 -2.58
CA ASN A 96 7.60 -8.16 -2.69
C ASN A 96 6.47 -8.45 -3.69
N VAL A 97 5.27 -8.05 -3.30
CA VAL A 97 4.07 -8.27 -4.08
C VAL A 97 4.09 -7.70 -5.43
N LEU A 98 4.52 -6.51 -5.55
CA LEU A 98 4.29 -5.87 -6.78
C LEU A 98 5.37 -5.95 -7.75
N SER A 99 6.54 -6.07 -7.31
CA SER A 99 7.54 -6.18 -8.26
C SER A 99 7.65 -7.64 -8.71
N GLY A 100 7.15 -8.60 -7.90
CA GLY A 100 7.12 -9.93 -8.42
C GLY A 100 6.44 -10.95 -7.57
N LYS A 101 5.34 -10.61 -6.89
CA LYS A 101 4.68 -11.70 -6.13
C LYS A 101 3.51 -12.23 -6.91
N ALA A 102 2.80 -11.32 -7.41
CA ALA A 102 1.59 -11.58 -8.10
C ALA A 102 1.68 -11.08 -9.53
N GLY A 18 7.22 -1.82 -9.77
CA GLY A 18 7.17 -3.18 -10.31
C GLY A 18 5.80 -3.50 -10.79
N LEU A 19 4.96 -2.49 -10.88
CA LEU A 19 3.59 -2.69 -11.23
C LEU A 19 3.03 -1.44 -11.87
N ARG A 20 1.73 -1.37 -11.96
CA ARG A 20 1.09 -0.27 -12.61
C ARG A 20 0.43 0.67 -11.63
N GLU A 21 0.02 0.18 -10.44
CA GLU A 21 -0.74 1.07 -9.54
C GLU A 21 -0.73 0.60 -8.04
N ILE A 22 -0.43 1.52 -7.06
CA ILE A 22 -0.73 1.23 -5.66
C ILE A 22 -1.58 2.36 -5.10
N ARG A 23 -2.71 2.01 -4.61
CA ARG A 23 -3.62 2.97 -4.07
C ARG A 23 -4.00 2.60 -2.68
N ILE A 24 -3.59 3.40 -1.77
CA ILE A 24 -3.91 3.18 -0.41
C ILE A 24 -5.26 3.70 -0.17
N HIS A 25 -6.06 2.95 0.43
CA HIS A 25 -7.31 3.47 0.86
C HIS A 25 -7.09 3.88 2.30
N LEU A 26 -7.26 5.16 2.59
CA LEU A 26 -6.91 5.72 3.87
C LEU A 26 -8.05 6.56 4.47
N CYS A 27 -8.30 6.33 5.73
CA CYS A 27 -9.25 7.06 6.55
C CYS A 27 -8.90 6.86 8.01
N GLN A 28 -9.66 7.48 8.86
CA GLN A 28 -9.68 7.18 10.27
C GLN A 28 -11.14 7.06 10.63
N ARG A 29 -11.69 5.88 10.44
CA ARG A 29 -13.11 5.66 10.60
C ARG A 29 -13.34 4.31 11.26
N SER A 30 -13.02 3.24 10.56
CA SER A 30 -13.08 1.94 11.15
C SER A 30 -11.64 1.52 11.46
N PRO A 31 -11.39 0.31 12.10
CA PRO A 31 -10.03 -0.19 12.40
C PRO A 31 -9.01 0.16 11.32
N GLY A 32 -8.18 1.14 11.64
CA GLY A 32 -7.21 1.63 10.72
C GLY A 32 -5.99 0.77 10.66
N SER A 33 -4.85 1.36 10.57
CA SER A 33 -3.65 0.62 10.55
C SER A 33 -2.49 1.51 10.83
N GLN A 34 -1.55 0.95 11.44
CA GLN A 34 -0.33 1.62 11.78
C GLN A 34 0.60 1.34 10.68
N GLY A 35 0.29 0.22 9.99
CA GLY A 35 0.95 -0.12 8.81
C GLY A 35 0.73 0.96 7.83
N VAL A 36 -0.54 1.37 7.69
CA VAL A 36 -0.80 2.49 6.78
C VAL A 36 -0.21 3.73 7.31
N ARG A 37 -0.69 4.19 8.48
CA ARG A 37 -0.22 5.42 9.17
C ARG A 37 1.27 5.64 8.98
N ASP A 38 2.03 4.72 9.48
CA ASP A 38 3.47 4.78 9.43
C ASP A 38 3.97 4.79 8.02
N PHE A 39 3.41 3.98 7.17
CA PHE A 39 3.74 4.05 5.77
C PHE A 39 3.46 5.47 5.25
N ILE A 40 2.23 5.89 5.42
CA ILE A 40 1.67 7.20 4.94
C ILE A 40 2.54 8.39 5.46
N GLU A 41 3.03 8.22 6.66
CA GLU A 41 3.61 9.29 7.42
C GLU A 41 5.12 9.22 7.49
N LYS A 42 5.58 8.12 8.05
CA LYS A 42 6.98 7.92 8.32
C LYS A 42 7.70 7.56 7.05
N ARG A 43 7.03 6.78 6.22
CA ARG A 43 7.70 6.17 5.14
C ARG A 43 7.38 6.86 3.83
N TYR A 44 6.28 7.57 3.75
CA TYR A 44 5.71 8.16 2.46
C TYR A 44 6.70 8.62 1.38
N VAL A 45 7.48 9.60 1.66
CA VAL A 45 8.37 10.12 0.64
C VAL A 45 9.49 9.10 0.31
N GLU A 46 9.89 8.40 1.33
CA GLU A 46 10.84 7.30 1.22
C GLU A 46 10.14 6.13 0.52
N LEU A 47 8.82 6.07 0.59
CA LEU A 47 8.04 5.05 -0.02
C LEU A 47 7.97 5.30 -1.49
N LYS A 48 7.82 6.55 -1.84
CA LYS A 48 7.76 6.96 -3.21
C LYS A 48 9.14 6.73 -3.86
N LYS A 49 10.20 6.98 -3.09
CA LYS A 49 11.55 6.87 -3.63
C LYS A 49 12.09 5.44 -3.51
N ALA A 50 11.63 4.67 -2.52
CA ALA A 50 12.21 3.37 -2.32
C ALA A 50 11.56 2.38 -3.24
N ASN A 51 10.37 2.72 -3.66
CA ASN A 51 9.57 1.93 -4.51
C ASN A 51 9.25 2.86 -5.69
N PRO A 52 10.22 3.05 -6.59
CA PRO A 52 10.15 4.03 -7.69
C PRO A 52 9.03 3.76 -8.67
N ASP A 53 9.03 2.61 -9.17
CA ASP A 53 7.98 2.16 -10.10
C ASP A 53 6.78 1.59 -9.31
N LEU A 54 6.55 2.16 -8.18
CA LEU A 54 5.45 1.81 -7.37
C LEU A 54 4.60 3.08 -7.19
N PRO A 55 3.52 3.24 -7.99
CA PRO A 55 2.57 4.35 -7.85
C PRO A 55 2.03 4.49 -6.47
N ILE A 56 2.13 5.67 -5.95
CA ILE A 56 1.71 5.98 -4.59
C ILE A 56 0.48 6.91 -4.66
N LEU A 57 -0.70 6.35 -4.56
CA LEU A 57 -1.93 7.15 -4.60
C LEU A 57 -2.72 7.00 -3.31
N ILE A 58 -3.03 8.11 -2.68
CA ILE A 58 -3.77 8.14 -1.43
C ILE A 58 -5.25 8.26 -1.75
N ARG A 59 -5.95 7.23 -1.51
CA ARG A 59 -7.35 7.11 -1.78
C ARG A 59 -8.11 6.99 -0.49
N GLU A 60 -9.40 7.02 -0.57
CA GLU A 60 -10.24 6.95 0.59
C GLU A 60 -10.71 5.50 0.84
N CYS A 61 -11.14 5.21 2.04
CA CYS A 61 -11.62 3.91 2.45
C CYS A 61 -13.03 3.64 1.89
N SER A 62 -13.44 2.39 1.88
CA SER A 62 -14.75 2.05 1.37
C SER A 62 -15.40 0.88 2.16
N ASP A 63 -14.71 0.35 3.17
CA ASP A 63 -15.26 -0.74 3.99
C ASP A 63 -14.79 -0.60 5.43
N VAL A 64 -13.69 -1.23 5.78
CA VAL A 64 -13.14 -1.02 7.09
C VAL A 64 -12.28 0.23 7.02
N GLN A 65 -11.09 0.10 6.50
CA GLN A 65 -10.22 1.24 6.43
C GLN A 65 -8.99 1.02 5.49
N PRO A 66 -7.91 0.31 5.95
CA PRO A 66 -6.62 0.35 5.27
C PRO A 66 -6.48 -0.70 4.20
N LYS A 67 -7.08 -0.51 3.09
CA LYS A 67 -6.97 -1.50 2.04
C LYS A 67 -5.86 -1.12 1.12
N LEU A 68 -5.24 -2.15 0.63
CA LEU A 68 -4.15 -2.03 -0.26
C LEU A 68 -4.65 -2.24 -1.62
N TRP A 69 -4.81 -1.22 -2.38
CA TRP A 69 -5.19 -1.46 -3.72
C TRP A 69 -3.94 -1.57 -4.56
N ALA A 70 -3.89 -2.58 -5.34
CA ALA A 70 -2.82 -2.82 -6.22
C ALA A 70 -3.37 -3.20 -7.59
N ARG A 71 -2.69 -2.79 -8.62
CA ARG A 71 -3.00 -3.17 -9.94
C ARG A 71 -1.65 -3.29 -10.59
N TYR A 72 -1.21 -4.45 -10.62
CA TYR A 72 0.13 -4.81 -11.04
C TYR A 72 0.31 -4.67 -12.57
N ALA A 73 1.55 -4.87 -13.04
CA ALA A 73 1.87 -4.79 -14.47
C ALA A 73 1.75 -6.12 -15.12
N PHE A 74 1.77 -7.15 -14.32
CA PHE A 74 1.34 -8.44 -14.80
C PHE A 74 -0.19 -8.41 -14.84
N GLY A 75 -0.72 -7.32 -14.28
CA GLY A 75 -2.07 -6.93 -14.40
C GLY A 75 -3.02 -7.60 -13.46
N GLN A 76 -2.49 -8.18 -12.41
CA GLN A 76 -3.31 -8.73 -11.34
C GLN A 76 -3.77 -7.56 -10.46
N GLU A 77 -4.81 -7.76 -9.70
CA GLU A 77 -5.29 -6.72 -8.83
C GLU A 77 -5.19 -7.16 -7.38
N THR A 78 -5.37 -6.24 -6.50
CA THR A 78 -5.32 -6.45 -5.10
C THR A 78 -6.01 -5.31 -4.41
N ASN A 79 -6.83 -5.60 -3.47
CA ASN A 79 -7.54 -4.59 -2.70
C ASN A 79 -7.71 -5.07 -1.28
N VAL A 80 -6.77 -4.74 -0.35
CA VAL A 80 -6.91 -5.40 0.99
C VAL A 80 -6.44 -4.71 2.26
N PRO A 81 -7.35 -4.73 3.28
CA PRO A 81 -7.11 -4.27 4.64
C PRO A 81 -5.86 -4.89 5.20
N LEU A 82 -4.88 -4.08 5.26
CA LEU A 82 -3.58 -4.47 5.60
C LEU A 82 -3.27 -4.15 7.06
N ASN A 83 -4.34 -4.07 7.83
CA ASN A 83 -4.33 -3.78 9.29
C ASN A 83 -3.35 -4.67 10.10
N ASN A 84 -2.99 -5.78 9.55
CA ASN A 84 -2.13 -6.77 10.22
C ASN A 84 -0.63 -6.47 10.05
N PHE A 85 -0.29 -5.38 9.36
CA PHE A 85 1.10 -5.09 9.06
C PHE A 85 1.57 -3.78 9.73
N SER A 86 2.76 -3.35 9.36
CA SER A 86 3.41 -2.15 9.87
C SER A 86 4.10 -1.42 8.69
N ALA A 87 4.71 -0.24 8.96
CA ALA A 87 5.32 0.67 7.94
C ALA A 87 6.30 -0.03 7.00
N ASP A 88 7.38 -0.50 7.59
CA ASP A 88 8.50 -1.13 6.86
C ASP A 88 8.02 -2.36 6.17
N GLN A 89 7.27 -3.10 6.90
CA GLN A 89 6.61 -4.30 6.41
C GLN A 89 5.78 -4.03 5.18
N VAL A 90 4.83 -3.09 5.22
CA VAL A 90 4.02 -2.81 4.04
C VAL A 90 4.88 -2.38 2.85
N THR A 91 5.89 -1.56 3.06
CA THR A 91 6.71 -1.12 1.93
C THR A 91 7.53 -2.23 1.28
N ARG A 92 8.11 -3.04 2.09
CA ARG A 92 8.94 -4.13 1.60
C ARG A 92 8.08 -5.25 1.12
N ALA A 93 6.99 -5.55 1.86
CA ALA A 93 6.05 -6.58 1.44
C ALA A 93 5.55 -6.27 0.06
N LEU A 94 5.11 -5.01 -0.13
CA LEU A 94 4.66 -4.52 -1.43
C LEU A 94 5.70 -4.77 -2.46
N GLU A 95 6.84 -4.18 -2.28
CA GLU A 95 7.85 -4.15 -3.36
C GLU A 95 8.31 -5.55 -3.71
N ASN A 96 8.47 -6.34 -2.68
CA ASN A 96 8.85 -7.74 -2.78
C ASN A 96 7.87 -8.44 -3.72
N VAL A 97 6.61 -8.49 -3.26
CA VAL A 97 5.58 -9.18 -3.99
C VAL A 97 5.34 -8.67 -5.36
N LEU A 98 5.23 -7.39 -5.51
CA LEU A 98 4.73 -6.90 -6.74
C LEU A 98 5.72 -6.65 -7.79
N SER A 99 6.89 -6.29 -7.42
CA SER A 99 7.84 -6.08 -8.43
C SER A 99 8.43 -7.43 -8.79
N GLY A 100 8.37 -8.39 -7.84
CA GLY A 100 8.87 -9.68 -8.10
C GLY A 100 7.88 -10.63 -8.72
N LYS A 101 6.78 -10.90 -8.04
CA LYS A 101 5.90 -11.98 -8.48
C LYS A 101 4.70 -11.49 -9.22
N ALA A 102 3.90 -10.88 -8.41
CA ALA A 102 2.54 -10.40 -8.65
C ALA A 102 2.20 -10.06 -10.11
N GLY A 18 6.96 -2.44 -9.40
CA GLY A 18 6.90 -3.26 -10.63
C GLY A 18 5.48 -3.49 -11.04
N LEU A 19 4.76 -2.43 -11.18
CA LEU A 19 3.38 -2.50 -11.48
C LEU A 19 2.94 -1.28 -12.19
N ARG A 20 1.70 -1.27 -12.58
CA ARG A 20 1.18 -0.16 -13.31
C ARG A 20 0.62 0.84 -12.33
N GLU A 21 0.11 0.37 -11.17
CA GLU A 21 -0.44 1.32 -10.18
C GLU A 21 -0.65 0.78 -8.76
N ILE A 22 -0.47 1.68 -7.77
CA ILE A 22 -0.87 1.45 -6.38
C ILE A 22 -1.70 2.63 -5.85
N ARG A 23 -2.77 2.30 -5.23
CA ARG A 23 -3.63 3.24 -4.56
C ARG A 23 -3.89 2.75 -3.17
N ILE A 24 -3.46 3.46 -2.19
CA ILE A 24 -3.79 3.06 -0.85
C ILE A 24 -5.15 3.56 -0.62
N HIS A 25 -6.00 2.78 -0.10
CA HIS A 25 -7.28 3.30 0.28
C HIS A 25 -7.15 3.53 1.75
N LEU A 26 -7.30 4.76 2.21
CA LEU A 26 -7.03 5.06 3.60
C LEU A 26 -8.32 5.40 4.41
N CYS A 27 -8.27 6.54 5.12
CA CYS A 27 -9.25 7.00 6.12
C CYS A 27 -9.11 6.23 7.42
N GLN A 28 -8.17 6.64 8.26
CA GLN A 28 -8.03 6.09 9.57
C GLN A 28 -9.23 6.51 10.41
N ARG A 29 -10.07 5.55 10.65
CA ARG A 29 -11.35 5.78 11.27
C ARG A 29 -11.88 4.45 11.76
N SER A 30 -11.84 3.46 10.89
CA SER A 30 -12.31 2.15 11.21
C SER A 30 -11.15 1.33 11.90
N PRO A 31 -11.17 -0.07 11.94
CA PRO A 31 -10.05 -0.89 12.47
C PRO A 31 -8.64 -0.29 12.26
N GLY A 32 -8.10 0.25 13.35
CA GLY A 32 -6.85 0.98 13.35
C GLY A 32 -5.66 0.20 12.87
N SER A 33 -4.80 0.86 12.12
CA SER A 33 -3.63 0.25 11.55
C SER A 33 -2.45 1.21 11.63
N GLN A 34 -1.50 0.81 12.37
CA GLN A 34 -0.39 1.65 12.74
C GLN A 34 0.69 1.44 11.74
N GLY A 35 0.73 0.24 11.21
CA GLY A 35 1.63 -0.08 10.17
C GLY A 35 1.28 0.71 8.96
N VAL A 36 -0.04 0.90 8.74
CA VAL A 36 -0.43 1.67 7.59
C VAL A 36 -0.07 3.12 7.83
N ARG A 37 -0.53 3.67 8.98
CA ARG A 37 -0.19 5.03 9.43
C ARG A 37 1.27 5.33 9.22
N ASP A 38 2.10 4.53 9.83
CA ASP A 38 3.56 4.71 9.72
C ASP A 38 4.01 4.69 8.30
N PHE A 39 3.45 3.82 7.51
CA PHE A 39 3.70 3.84 6.09
C PHE A 39 3.26 5.19 5.50
N ILE A 40 2.03 5.54 5.76
CA ILE A 40 1.36 6.78 5.27
C ILE A 40 2.19 8.05 5.69
N GLU A 41 2.77 7.95 6.83
CA GLU A 41 3.29 9.08 7.57
C GLU A 41 4.78 9.17 7.49
N LYS A 42 5.42 8.15 7.98
CA LYS A 42 6.85 8.10 8.07
C LYS A 42 7.41 7.66 6.74
N ARG A 43 6.61 6.96 5.97
CA ARG A 43 7.16 6.35 4.84
C ARG A 43 6.68 6.93 3.54
N TYR A 44 5.48 7.48 3.45
CA TYR A 44 4.84 7.89 2.12
C TYR A 44 5.82 8.38 1.01
N VAL A 45 6.49 9.44 1.27
CA VAL A 45 7.39 10.00 0.29
C VAL A 45 8.63 9.08 0.09
N GLU A 46 9.08 8.47 1.18
CA GLU A 46 10.13 7.49 1.12
C GLU A 46 9.60 6.17 0.52
N LEU A 47 8.30 6.00 0.51
CA LEU A 47 7.67 4.87 -0.07
C LEU A 47 7.74 5.00 -1.55
N LYS A 48 7.47 6.19 -2.01
CA LYS A 48 7.54 6.47 -3.42
C LYS A 48 9.00 6.43 -3.90
N LYS A 49 9.91 6.90 -3.06
CA LYS A 49 11.32 6.92 -3.43
C LYS A 49 11.97 5.55 -3.25
N ALA A 50 11.42 4.70 -2.38
CA ALA A 50 12.09 3.46 -2.12
C ALA A 50 11.65 2.39 -3.10
N ASN A 51 10.57 2.65 -3.79
CA ASN A 51 9.93 1.73 -4.69
C ASN A 51 9.67 2.52 -5.96
N PRO A 52 10.70 2.60 -6.80
CA PRO A 52 10.72 3.44 -8.02
C PRO A 52 9.57 3.21 -8.93
N ASP A 53 9.42 2.00 -9.31
CA ASP A 53 8.31 1.59 -10.19
C ASP A 53 7.07 1.28 -9.36
N LEU A 54 6.79 2.13 -8.42
CA LEU A 54 5.60 2.01 -7.67
C LEU A 54 4.78 3.31 -7.71
N PRO A 55 3.77 3.39 -8.61
CA PRO A 55 2.76 4.45 -8.58
C PRO A 55 2.07 4.49 -7.25
N ILE A 56 2.02 5.63 -6.66
CA ILE A 56 1.50 5.77 -5.32
C ILE A 56 0.50 6.89 -5.20
N LEU A 57 -0.74 6.50 -5.11
CA LEU A 57 -1.82 7.43 -4.93
C LEU A 57 -2.47 7.14 -3.59
N ILE A 58 -2.89 8.17 -2.91
CA ILE A 58 -3.46 8.02 -1.60
C ILE A 58 -5.01 8.24 -1.74
N ARG A 59 -5.72 7.15 -1.70
CA ARG A 59 -7.16 7.09 -1.93
C ARG A 59 -7.96 7.07 -0.66
N GLU A 60 -9.24 7.16 -0.85
CA GLU A 60 -10.19 7.32 0.20
C GLU A 60 -10.70 5.94 0.71
N CYS A 61 -11.37 5.99 1.83
CA CYS A 61 -12.01 4.88 2.49
C CYS A 61 -13.10 4.25 1.65
N SER A 62 -12.84 3.06 1.18
CA SER A 62 -13.82 2.32 0.42
C SER A 62 -14.07 0.94 1.06
N ASP A 63 -13.19 0.53 1.99
CA ASP A 63 -13.22 -0.81 2.55
C ASP A 63 -12.78 -0.60 3.99
N VAL A 64 -12.39 -1.69 4.73
CA VAL A 64 -12.06 -1.62 6.20
C VAL A 64 -11.36 -0.31 6.64
N GLN A 65 -10.16 -0.08 6.16
CA GLN A 65 -9.35 1.09 6.57
C GLN A 65 -8.00 1.18 5.82
N PRO A 66 -7.08 0.20 5.94
CA PRO A 66 -5.77 0.28 5.32
C PRO A 66 -5.66 -0.65 4.11
N LYS A 67 -6.23 -0.30 3.01
CA LYS A 67 -6.28 -1.25 1.90
C LYS A 67 -5.26 -0.93 0.88
N LEU A 68 -4.74 -1.95 0.30
CA LEU A 68 -3.72 -1.81 -0.68
C LEU A 68 -4.32 -2.06 -2.02
N TRP A 69 -4.59 -1.04 -2.77
CA TRP A 69 -5.05 -1.29 -4.09
C TRP A 69 -3.85 -1.35 -5.02
N ALA A 70 -3.62 -2.49 -5.54
CA ALA A 70 -2.55 -2.70 -6.44
C ALA A 70 -3.12 -3.15 -7.76
N ARG A 71 -2.58 -2.66 -8.82
CA ARG A 71 -2.89 -3.13 -10.10
C ARG A 71 -1.57 -3.23 -10.79
N TYR A 72 -1.07 -4.39 -10.73
CA TYR A 72 0.27 -4.71 -11.22
C TYR A 72 0.28 -4.75 -12.73
N ALA A 73 1.48 -4.83 -13.31
CA ALA A 73 1.64 -5.01 -14.76
C ALA A 73 1.70 -6.48 -15.05
N PHE A 74 1.57 -7.25 -14.00
CA PHE A 74 1.30 -8.65 -14.10
C PHE A 74 -0.19 -8.76 -14.40
N GLY A 75 -0.84 -7.59 -14.28
CA GLY A 75 -2.20 -7.36 -14.65
C GLY A 75 -3.17 -7.74 -13.57
N GLN A 76 -2.67 -8.35 -12.54
CA GLN A 76 -3.45 -8.74 -11.39
C GLN A 76 -3.83 -7.54 -10.57
N GLU A 77 -4.92 -7.66 -9.84
CA GLU A 77 -5.38 -6.63 -8.99
C GLU A 77 -5.18 -7.05 -7.56
N THR A 78 -5.29 -6.12 -6.69
CA THR A 78 -5.16 -6.32 -5.29
C THR A 78 -5.80 -5.13 -4.62
N ASN A 79 -6.65 -5.38 -3.70
CA ASN A 79 -7.29 -4.33 -2.93
C ASN A 79 -7.46 -4.79 -1.52
N VAL A 80 -6.46 -4.52 -0.65
CA VAL A 80 -6.56 -5.21 0.66
C VAL A 80 -5.98 -4.59 1.90
N PRO A 81 -6.84 -4.57 2.95
CA PRO A 81 -6.49 -4.19 4.30
C PRO A 81 -5.27 -4.90 4.78
N LEU A 82 -4.25 -4.16 4.84
CA LEU A 82 -2.98 -4.58 5.25
C LEU A 82 -2.78 -4.28 6.76
N ASN A 83 -3.93 -4.32 7.43
CA ASN A 83 -4.14 -4.05 8.89
C ASN A 83 -3.17 -4.80 9.80
N ASN A 84 -2.79 -5.95 9.36
CA ASN A 84 -1.98 -6.87 10.16
C ASN A 84 -0.48 -6.65 10.01
N PHE A 85 -0.08 -5.68 9.21
CA PHE A 85 1.31 -5.48 8.95
C PHE A 85 1.81 -4.17 9.57
N SER A 86 3.08 -3.88 9.36
CA SER A 86 3.76 -2.74 10.00
C SER A 86 4.41 -1.82 8.93
N ALA A 87 4.93 -0.65 9.34
CA ALA A 87 5.46 0.42 8.44
C ALA A 87 6.47 -0.07 7.36
N ASP A 88 7.62 -0.53 7.81
CA ASP A 88 8.69 -0.92 6.89
C ASP A 88 8.37 -2.22 6.26
N GLN A 89 7.70 -3.04 7.01
CA GLN A 89 7.33 -4.34 6.54
C GLN A 89 6.22 -4.25 5.49
N VAL A 90 5.26 -3.32 5.62
CA VAL A 90 4.31 -3.12 4.53
C VAL A 90 5.04 -2.65 3.33
N THR A 91 5.93 -1.66 3.50
CA THR A 91 6.63 -1.14 2.34
C THR A 91 7.53 -2.17 1.65
N ARG A 92 8.04 -3.07 2.43
CA ARG A 92 8.91 -4.11 1.93
C ARG A 92 8.06 -5.21 1.32
N ALA A 93 7.00 -5.58 2.01
CA ALA A 93 6.05 -6.56 1.46
C ALA A 93 5.41 -6.02 0.20
N LEU A 94 5.16 -4.69 0.15
CA LEU A 94 4.70 -4.05 -1.09
C LEU A 94 5.71 -4.29 -2.14
N GLU A 95 6.92 -3.94 -1.87
CA GLU A 95 7.98 -4.07 -2.86
C GLU A 95 8.08 -5.52 -3.31
N ASN A 96 8.03 -6.41 -2.37
CA ASN A 96 7.96 -7.82 -2.66
C ASN A 96 6.80 -8.12 -3.61
N VAL A 97 5.56 -7.87 -3.14
CA VAL A 97 4.36 -8.13 -3.91
C VAL A 97 4.33 -7.47 -5.23
N LEU A 98 4.66 -6.24 -5.25
CA LEU A 98 4.38 -5.51 -6.42
C LEU A 98 5.51 -5.26 -7.32
N SER A 99 6.63 -5.65 -6.95
CA SER A 99 7.65 -5.61 -7.91
C SER A 99 7.70 -6.97 -8.56
N GLY A 100 7.30 -8.01 -7.82
CA GLY A 100 7.22 -9.27 -8.47
C GLY A 100 6.85 -10.40 -7.57
N LYS A 101 5.81 -10.26 -6.75
CA LYS A 101 5.43 -11.45 -5.96
C LYS A 101 4.31 -12.13 -6.64
N ALA A 102 3.46 -11.31 -7.11
CA ALA A 102 2.29 -11.68 -7.84
C ALA A 102 2.68 -12.32 -9.16
N GLY A 18 7.27 -2.14 -8.79
CA GLY A 18 7.30 -2.48 -10.21
C GLY A 18 5.99 -3.04 -10.64
N LEU A 19 5.07 -2.15 -10.91
CA LEU A 19 3.74 -2.46 -11.34
C LEU A 19 3.11 -1.23 -11.91
N ARG A 20 1.87 -1.34 -12.30
CA ARG A 20 1.20 -0.25 -12.96
C ARG A 20 0.52 0.66 -11.98
N GLU A 21 0.12 0.16 -10.79
CA GLU A 21 -0.63 1.06 -9.89
C GLU A 21 -0.65 0.59 -8.41
N ILE A 22 -0.41 1.53 -7.45
CA ILE A 22 -0.72 1.30 -6.04
C ILE A 22 -1.55 2.45 -5.52
N ARG A 23 -2.72 2.15 -5.10
CA ARG A 23 -3.59 3.13 -4.55
C ARG A 23 -4.06 2.68 -3.21
N ILE A 24 -3.54 3.29 -2.22
CA ILE A 24 -3.87 2.95 -0.88
C ILE A 24 -5.20 3.51 -0.59
N HIS A 25 -6.02 2.77 0.01
CA HIS A 25 -7.22 3.31 0.49
C HIS A 25 -6.99 3.39 1.99
N LEU A 26 -7.03 4.58 2.53
CA LEU A 26 -6.72 4.85 3.93
C LEU A 26 -7.97 5.32 4.66
N CYS A 27 -8.00 5.15 5.96
CA CYS A 27 -9.06 5.69 6.81
C CYS A 27 -8.53 5.79 8.21
N GLN A 28 -9.31 6.40 9.05
CA GLN A 28 -9.13 6.37 10.48
C GLN A 28 -10.56 6.35 11.04
N ARG A 29 -11.35 5.50 10.42
CA ARG A 29 -12.78 5.41 10.66
C ARG A 29 -13.08 4.12 11.40
N SER A 30 -12.68 3.02 10.83
CA SER A 30 -12.94 1.71 11.37
C SER A 30 -11.61 1.15 11.97
N PRO A 31 -11.51 -0.19 12.38
CA PRO A 31 -10.29 -0.85 12.86
C PRO A 31 -8.96 -0.17 12.43
N GLY A 32 -8.37 0.56 13.39
CA GLY A 32 -7.17 1.34 13.19
C GLY A 32 -6.00 0.54 12.67
N SER A 33 -5.19 1.16 11.87
CA SER A 33 -4.07 0.52 11.27
C SER A 33 -2.78 1.36 11.40
N GLN A 34 -1.85 0.76 12.05
CA GLN A 34 -0.64 1.41 12.44
C GLN A 34 0.36 1.20 11.37
N GLY A 35 0.21 0.09 10.67
CA GLY A 35 1.01 -0.15 9.52
C GLY A 35 0.78 0.91 8.52
N VAL A 36 -0.50 1.34 8.38
CA VAL A 36 -0.75 2.41 7.43
C VAL A 36 -0.21 3.68 7.92
N ARG A 37 -0.68 4.13 9.08
CA ARG A 37 -0.25 5.40 9.71
C ARG A 37 1.28 5.59 9.62
N ASP A 38 2.01 4.60 10.09
CA ASP A 38 3.46 4.62 10.07
C ASP A 38 3.97 4.74 8.68
N PHE A 39 3.39 3.97 7.78
CA PHE A 39 3.69 4.11 6.40
C PHE A 39 3.40 5.54 5.96
N ILE A 40 2.18 5.98 6.18
CA ILE A 40 1.62 7.29 5.75
C ILE A 40 2.54 8.45 6.24
N GLU A 41 3.19 8.25 7.36
CA GLU A 41 3.91 9.34 8.00
C GLU A 41 5.39 9.23 7.76
N LYS A 42 5.95 8.16 8.23
CA LYS A 42 7.37 7.99 8.22
C LYS A 42 7.84 7.48 6.91
N ARG A 43 7.07 6.61 6.34
CA ARG A 43 7.55 5.88 5.24
C ARG A 43 7.03 6.42 3.92
N TYR A 44 5.94 7.18 3.94
CA TYR A 44 5.28 7.68 2.68
C TYR A 44 6.23 8.19 1.59
N VAL A 45 6.81 9.32 1.81
CA VAL A 45 7.72 9.93 0.87
C VAL A 45 8.93 9.01 0.62
N GLU A 46 9.26 8.25 1.62
CA GLU A 46 10.32 7.31 1.57
C GLU A 46 9.92 6.12 0.71
N LEU A 47 8.63 5.76 0.58
CA LEU A 47 8.35 4.65 -0.31
C LEU A 47 8.15 5.18 -1.70
N LYS A 48 7.83 6.46 -1.77
CA LYS A 48 7.68 7.12 -3.04
C LYS A 48 9.07 7.31 -3.66
N LYS A 49 10.08 7.38 -2.81
CA LYS A 49 11.44 7.45 -3.28
C LYS A 49 12.04 6.05 -3.38
N ALA A 50 11.62 5.16 -2.47
CA ALA A 50 12.23 3.86 -2.37
C ALA A 50 11.73 2.90 -3.45
N ASN A 51 10.53 3.16 -3.93
CA ASN A 51 9.84 2.32 -4.86
C ASN A 51 9.52 3.25 -6.03
N PRO A 52 10.44 3.35 -6.96
CA PRO A 52 10.38 4.27 -8.11
C PRO A 52 9.16 4.05 -8.95
N ASP A 53 9.10 2.92 -9.54
CA ASP A 53 7.96 2.53 -10.34
C ASP A 53 6.91 1.85 -9.53
N LEU A 54 6.53 2.54 -8.51
CA LEU A 54 5.49 2.17 -7.65
C LEU A 54 4.57 3.38 -7.56
N PRO A 55 3.48 3.40 -8.34
CA PRO A 55 2.47 4.45 -8.24
C PRO A 55 1.90 4.50 -6.87
N ILE A 56 1.85 5.66 -6.31
CA ILE A 56 1.43 5.82 -4.92
C ILE A 56 0.37 6.90 -4.85
N LEU A 57 -0.85 6.47 -4.84
CA LEU A 57 -1.96 7.38 -4.70
C LEU A 57 -2.66 7.09 -3.39
N ILE A 58 -2.94 8.14 -2.65
CA ILE A 58 -3.54 8.00 -1.34
C ILE A 58 -5.04 8.28 -1.43
N ARG A 59 -5.80 7.24 -1.29
CA ARG A 59 -7.24 7.28 -1.36
C ARG A 59 -7.83 7.07 -0.01
N GLU A 60 -9.12 7.24 0.10
CA GLU A 60 -9.76 7.13 1.38
C GLU A 60 -10.95 6.16 1.35
N CYS A 61 -10.99 5.35 2.40
CA CYS A 61 -12.07 4.42 2.71
C CYS A 61 -12.52 3.44 1.63
N SER A 62 -13.82 3.07 1.66
CA SER A 62 -14.50 2.16 0.72
C SER A 62 -14.52 0.66 1.17
N ASP A 63 -13.84 0.30 2.28
CA ASP A 63 -13.83 -1.09 2.79
C ASP A 63 -13.72 -1.00 4.31
N VAL A 64 -12.93 -1.86 4.96
CA VAL A 64 -12.69 -1.69 6.40
C VAL A 64 -11.86 -0.43 6.68
N GLN A 65 -10.64 -0.39 6.16
CA GLN A 65 -9.71 0.66 6.58
C GLN A 65 -8.43 0.78 5.68
N PRO A 66 -7.40 -0.15 5.78
CA PRO A 66 -6.10 0.02 5.12
C PRO A 66 -5.90 -0.91 3.92
N LYS A 67 -6.47 -0.59 2.81
CA LYS A 67 -6.41 -1.55 1.72
C LYS A 67 -5.41 -1.12 0.70
N LEU A 68 -4.77 -2.10 0.13
CA LEU A 68 -3.73 -1.89 -0.82
C LEU A 68 -4.27 -2.15 -2.16
N TRP A 69 -4.58 -1.14 -2.90
CA TRP A 69 -4.99 -1.40 -4.23
C TRP A 69 -3.77 -1.52 -5.11
N ALA A 70 -3.64 -2.62 -5.74
CA ALA A 70 -2.58 -2.87 -6.63
C ALA A 70 -3.16 -3.29 -7.96
N ARG A 71 -2.52 -2.85 -9.00
CA ARG A 71 -2.84 -3.20 -10.30
C ARG A 71 -1.49 -3.34 -10.95
N TYR A 72 -1.07 -4.51 -10.98
CA TYR A 72 0.29 -4.86 -11.42
C TYR A 72 0.35 -4.89 -12.94
N ALA A 73 1.57 -4.94 -13.48
CA ALA A 73 1.77 -5.11 -14.92
C ALA A 73 1.92 -6.57 -15.23
N PHE A 74 1.71 -7.35 -14.21
CA PHE A 74 1.52 -8.76 -14.36
C PHE A 74 0.05 -8.91 -14.74
N GLY A 75 -0.67 -7.78 -14.60
CA GLY A 75 -2.00 -7.63 -15.05
C GLY A 75 -3.05 -8.08 -14.07
N GLN A 76 -2.62 -8.53 -12.92
CA GLN A 76 -3.54 -8.88 -11.85
C GLN A 76 -3.75 -7.68 -10.95
N GLU A 77 -4.72 -7.78 -10.10
CA GLU A 77 -5.04 -6.73 -9.19
C GLU A 77 -5.17 -7.28 -7.79
N THR A 78 -5.37 -6.40 -6.85
CA THR A 78 -5.66 -6.75 -5.49
C THR A 78 -5.99 -5.43 -4.81
N ASN A 79 -6.84 -5.45 -3.84
CA ASN A 79 -7.16 -4.26 -3.07
C ASN A 79 -7.37 -4.66 -1.64
N VAL A 80 -6.30 -4.63 -0.85
CA VAL A 80 -6.39 -5.37 0.42
C VAL A 80 -5.78 -4.82 1.67
N PRO A 81 -6.59 -4.90 2.76
CA PRO A 81 -6.22 -4.57 4.13
C PRO A 81 -4.89 -5.17 4.50
N LEU A 82 -3.99 -4.28 4.63
CA LEU A 82 -2.62 -4.58 4.90
C LEU A 82 -2.30 -4.27 6.38
N ASN A 83 -3.35 -4.24 7.16
CA ASN A 83 -3.35 -3.89 8.61
C ASN A 83 -2.34 -4.65 9.47
N ASN A 84 -2.00 -5.83 9.06
CA ASN A 84 -1.11 -6.71 9.84
C ASN A 84 0.38 -6.45 9.66
N PHE A 85 0.72 -5.43 8.92
CA PHE A 85 2.11 -5.10 8.74
C PHE A 85 2.35 -3.74 9.35
N SER A 86 3.58 -3.41 9.47
CA SER A 86 4.02 -2.11 9.98
C SER A 86 4.52 -1.23 8.82
N ALA A 87 5.05 -0.03 9.10
CA ALA A 87 5.47 0.95 8.06
C ALA A 87 6.40 0.33 6.98
N ASP A 88 7.57 -0.08 7.45
CA ASP A 88 8.61 -0.63 6.62
C ASP A 88 8.10 -1.90 5.99
N GLN A 89 7.43 -2.68 6.81
CA GLN A 89 6.86 -3.95 6.39
C GLN A 89 5.81 -3.83 5.34
N VAL A 90 4.90 -2.86 5.44
CA VAL A 90 3.94 -2.69 4.39
C VAL A 90 4.67 -2.37 3.12
N THR A 91 5.62 -1.45 3.17
CA THR A 91 6.32 -1.07 1.94
C THR A 91 7.18 -2.19 1.33
N ARG A 92 7.73 -2.98 2.19
CA ARG A 92 8.57 -4.10 1.77
C ARG A 92 7.67 -5.21 1.26
N ALA A 93 6.54 -5.41 1.95
CA ALA A 93 5.54 -6.36 1.49
C ALA A 93 4.98 -5.90 0.17
N LEU A 94 4.83 -4.56 -0.04
CA LEU A 94 4.47 -4.04 -1.37
C LEU A 94 5.44 -4.54 -2.35
N GLU A 95 6.69 -4.25 -2.14
CA GLU A 95 7.72 -4.59 -3.12
C GLU A 95 7.76 -6.09 -3.37
N ASN A 96 7.61 -6.84 -2.30
CA ASN A 96 7.47 -8.28 -2.36
C ASN A 96 6.34 -8.64 -3.31
N VAL A 97 5.11 -8.27 -2.93
CA VAL A 97 3.92 -8.60 -3.67
C VAL A 97 3.93 -8.13 -5.06
N LEU A 98 4.33 -6.95 -5.26
CA LEU A 98 4.10 -6.40 -6.53
C LEU A 98 5.20 -6.50 -7.48
N SER A 99 6.38 -6.43 -7.03
CA SER A 99 7.41 -6.51 -7.95
C SER A 99 7.75 -7.97 -8.24
N GLY A 100 7.28 -8.92 -7.37
CA GLY A 100 7.53 -10.28 -7.70
C GLY A 100 6.66 -11.32 -7.00
N LYS A 101 5.54 -10.96 -6.38
CA LYS A 101 4.79 -12.04 -5.71
C LYS A 101 3.67 -12.50 -6.57
N ALA A 102 3.06 -11.54 -7.12
CA ALA A 102 1.89 -11.68 -7.94
C ALA A 102 2.20 -12.37 -9.27
N GLY A 18 7.29 -1.98 -9.32
CA GLY A 18 7.32 -2.65 -10.63
C GLY A 18 5.95 -3.13 -11.00
N LEU A 19 5.05 -2.20 -11.19
CA LEU A 19 3.68 -2.48 -11.51
C LEU A 19 3.03 -1.29 -12.13
N ARG A 20 1.75 -1.35 -12.31
CA ARG A 20 1.03 -0.27 -12.91
C ARG A 20 0.55 0.72 -11.89
N GLU A 21 0.14 0.23 -10.68
CA GLU A 21 -0.38 1.22 -9.66
C GLU A 21 -0.55 0.67 -8.24
N ILE A 22 -0.37 1.58 -7.25
CA ILE A 22 -0.73 1.30 -5.86
C ILE A 22 -1.62 2.42 -5.34
N ARG A 23 -2.73 2.04 -4.80
CA ARG A 23 -3.66 2.97 -4.24
C ARG A 23 -4.01 2.53 -2.85
N ILE A 24 -3.58 3.26 -1.88
CA ILE A 24 -3.87 2.91 -0.50
C ILE A 24 -5.28 3.34 -0.22
N HIS A 25 -5.97 2.61 0.54
CA HIS A 25 -7.19 3.12 1.09
C HIS A 25 -6.87 3.61 2.48
N LEU A 26 -7.09 4.87 2.71
CA LEU A 26 -6.76 5.50 3.95
C LEU A 26 -7.98 6.28 4.42
N CYS A 27 -8.03 6.55 5.70
CA CYS A 27 -9.05 7.34 6.40
C CYS A 27 -8.81 7.19 7.86
N GLN A 28 -9.69 7.76 8.64
CA GLN A 28 -9.77 7.47 10.03
C GLN A 28 -11.24 7.38 10.35
N ARG A 29 -11.77 6.24 10.02
CA ARG A 29 -13.17 5.96 10.11
C ARG A 29 -13.35 4.60 10.80
N SER A 30 -12.83 3.56 10.17
CA SER A 30 -12.90 2.25 10.74
C SER A 30 -11.44 1.83 11.15
N PRO A 31 -11.09 0.48 11.41
CA PRO A 31 -9.75 0.00 11.83
C PRO A 31 -8.55 0.95 11.59
N GLY A 32 -8.29 1.79 12.58
CA GLY A 32 -7.19 2.69 12.54
C GLY A 32 -5.92 1.93 12.72
N SER A 33 -5.08 2.00 11.74
CA SER A 33 -3.89 1.25 11.74
C SER A 33 -2.67 2.17 11.89
N GLN A 34 -1.88 1.81 12.83
CA GLN A 34 -0.78 2.63 13.28
C GLN A 34 0.45 2.35 12.49
N GLY A 35 0.58 1.12 12.04
CA GLY A 35 1.66 0.75 11.20
C GLY A 35 1.41 1.26 9.82
N VAL A 36 0.13 1.39 9.47
CA VAL A 36 -0.16 1.91 8.15
C VAL A 36 0.10 3.39 8.14
N ARG A 37 -0.33 4.10 9.20
CA ARG A 37 -0.01 5.51 9.36
C ARG A 37 1.46 5.72 9.31
N ASP A 38 2.17 4.80 9.92
CA ASP A 38 3.64 4.80 9.86
C ASP A 38 4.08 4.84 8.45
N PHE A 39 3.51 3.96 7.65
CA PHE A 39 3.72 3.99 6.23
C PHE A 39 3.42 5.38 5.72
N ILE A 40 2.20 5.79 5.93
CA ILE A 40 1.65 7.03 5.38
C ILE A 40 2.49 8.30 5.81
N GLU A 41 3.15 8.23 6.96
CA GLU A 41 3.81 9.41 7.52
C GLU A 41 5.30 9.32 7.36
N LYS A 42 5.82 8.30 7.99
CA LYS A 42 7.21 8.08 8.13
C LYS A 42 7.78 7.49 6.90
N ARG A 43 7.03 6.60 6.33
CA ARG A 43 7.56 5.83 5.29
C ARG A 43 7.17 6.43 3.95
N TYR A 44 6.14 7.25 3.95
CA TYR A 44 5.55 7.88 2.71
C TYR A 44 6.55 8.24 1.61
N VAL A 45 7.31 9.26 1.84
CA VAL A 45 8.27 9.75 0.88
C VAL A 45 9.30 8.66 0.57
N GLU A 46 9.64 7.89 1.59
CA GLU A 46 10.51 6.78 1.43
C GLU A 46 9.87 5.72 0.58
N LEU A 47 8.54 5.54 0.62
CA LEU A 47 7.94 4.49 -0.16
C LEU A 47 7.77 4.92 -1.58
N LYS A 48 7.72 6.22 -1.77
CA LYS A 48 7.70 6.81 -3.09
C LYS A 48 9.04 6.60 -3.77
N LYS A 49 10.13 6.77 -3.03
CA LYS A 49 11.47 6.62 -3.58
C LYS A 49 11.94 5.16 -3.49
N ALA A 50 11.38 4.42 -2.54
CA ALA A 50 11.81 3.07 -2.27
C ALA A 50 11.42 2.19 -3.39
N ASN A 51 10.28 2.49 -3.93
CA ASN A 51 9.66 1.69 -4.92
C ASN A 51 9.27 2.67 -6.02
N PRO A 52 10.22 2.99 -6.89
CA PRO A 52 10.09 4.01 -7.95
C PRO A 52 8.97 3.69 -8.90
N ASP A 53 8.99 2.50 -9.37
CA ASP A 53 7.96 2.01 -10.30
C ASP A 53 6.75 1.50 -9.49
N LEU A 54 6.44 2.20 -8.44
CA LEU A 54 5.30 1.91 -7.64
C LEU A 54 4.54 3.23 -7.47
N PRO A 55 3.47 3.42 -8.27
CA PRO A 55 2.55 4.54 -8.10
C PRO A 55 2.00 4.62 -6.72
N ILE A 56 2.08 5.78 -6.15
CA ILE A 56 1.68 6.01 -4.79
C ILE A 56 0.43 6.90 -4.81
N LEU A 57 -0.73 6.30 -4.73
CA LEU A 57 -1.98 7.06 -4.70
C LEU A 57 -2.72 6.80 -3.39
N ILE A 58 -3.39 7.81 -2.90
CA ILE A 58 -4.13 7.73 -1.66
C ILE A 58 -5.63 7.75 -1.96
N ARG A 59 -6.28 6.68 -1.61
CA ARG A 59 -7.71 6.55 -1.75
C ARG A 59 -8.33 6.56 -0.37
N GLU A 60 -9.63 6.61 -0.29
CA GLU A 60 -10.26 6.79 0.99
C GLU A 60 -11.29 5.72 1.37
N CYS A 61 -11.45 5.62 2.69
CA CYS A 61 -12.45 4.86 3.45
C CYS A 61 -12.88 3.50 2.88
N SER A 62 -13.88 3.50 1.99
CA SER A 62 -14.45 2.31 1.33
C SER A 62 -15.32 1.43 2.26
N ASP A 63 -14.73 0.75 3.25
CA ASP A 63 -15.49 -0.17 4.09
C ASP A 63 -14.91 -0.21 5.47
N VAL A 64 -13.87 -0.98 5.66
CA VAL A 64 -13.14 -0.94 6.86
C VAL A 64 -12.14 0.20 6.77
N GLN A 65 -10.92 -0.05 6.34
CA GLN A 65 -10.00 1.06 6.27
C GLN A 65 -8.74 0.85 5.39
N PRO A 66 -7.65 0.21 5.86
CA PRO A 66 -6.40 0.19 5.14
C PRO A 66 -6.27 -0.95 4.14
N LYS A 67 -6.83 -0.77 2.98
CA LYS A 67 -6.72 -1.78 1.92
C LYS A 67 -5.67 -1.35 0.93
N LEU A 68 -5.12 -2.31 0.26
CA LEU A 68 -4.06 -2.08 -0.67
C LEU A 68 -4.54 -2.29 -2.05
N TRP A 69 -4.75 -1.27 -2.78
CA TRP A 69 -5.08 -1.48 -4.14
C TRP A 69 -3.79 -1.58 -4.93
N ALA A 70 -3.66 -2.62 -5.66
CA ALA A 70 -2.56 -2.85 -6.50
C ALA A 70 -3.07 -3.27 -7.85
N ARG A 71 -2.48 -2.79 -8.89
CA ARG A 71 -2.78 -3.25 -10.19
C ARG A 71 -1.45 -3.35 -10.85
N TYR A 72 -0.97 -4.49 -10.83
CA TYR A 72 0.35 -4.81 -11.34
C TYR A 72 0.35 -4.82 -12.87
N ALA A 73 1.52 -4.79 -13.48
CA ALA A 73 1.66 -4.85 -14.96
C ALA A 73 1.76 -6.27 -15.40
N PHE A 74 1.70 -7.16 -14.43
CA PHE A 74 1.46 -8.54 -14.68
C PHE A 74 0.01 -8.63 -15.13
N GLY A 75 -0.74 -7.60 -14.75
CA GLY A 75 -2.11 -7.48 -15.08
C GLY A 75 -2.93 -8.31 -14.14
N GLN A 76 -2.67 -8.09 -12.88
CA GLN A 76 -3.34 -8.73 -11.78
C GLN A 76 -3.73 -7.62 -10.84
N GLU A 77 -4.89 -7.69 -10.26
CA GLU A 77 -5.28 -6.66 -9.34
C GLU A 77 -5.18 -7.16 -7.92
N THR A 78 -5.25 -6.26 -7.02
CA THR A 78 -5.16 -6.50 -5.64
C THR A 78 -5.82 -5.35 -4.95
N ASN A 79 -6.63 -5.65 -4.02
CA ASN A 79 -7.31 -4.66 -3.22
C ASN A 79 -7.49 -5.20 -1.82
N VAL A 80 -6.50 -4.94 -0.91
CA VAL A 80 -6.58 -5.69 0.38
C VAL A 80 -5.99 -5.09 1.65
N PRO A 81 -6.80 -5.17 2.73
CA PRO A 81 -6.46 -4.74 4.10
C PRO A 81 -5.08 -5.17 4.52
N LEU A 82 -4.26 -4.20 4.69
CA LEU A 82 -2.89 -4.35 5.00
C LEU A 82 -2.62 -3.92 6.46
N ASN A 83 -3.71 -3.84 7.21
CA ASN A 83 -3.75 -3.44 8.64
C ASN A 83 -2.74 -4.16 9.54
N ASN A 84 -2.49 -5.38 9.25
CA ASN A 84 -1.63 -6.21 10.10
C ASN A 84 -0.14 -5.99 9.90
N PHE A 85 0.24 -5.08 9.03
CA PHE A 85 1.61 -4.82 8.78
C PHE A 85 1.96 -3.40 9.16
N SER A 86 3.14 -3.27 9.66
CA SER A 86 3.74 -2.01 10.05
C SER A 86 4.26 -1.25 8.80
N ALA A 87 4.89 -0.08 9.01
CA ALA A 87 5.34 0.83 7.94
C ALA A 87 6.22 0.13 6.90
N ASP A 88 7.33 -0.40 7.37
CA ASP A 88 8.34 -1.02 6.51
C ASP A 88 7.80 -2.29 5.95
N GLN A 89 7.11 -2.98 6.80
CA GLN A 89 6.41 -4.21 6.42
C GLN A 89 5.50 -4.03 5.26
N VAL A 90 4.59 -3.08 5.33
CA VAL A 90 3.76 -2.83 4.19
C VAL A 90 4.59 -2.44 2.99
N THR A 91 5.58 -1.57 3.16
CA THR A 91 6.36 -1.15 2.01
C THR A 91 7.21 -2.21 1.34
N ARG A 92 7.74 -3.10 2.12
CA ARG A 92 8.57 -4.12 1.55
C ARG A 92 7.74 -5.31 1.15
N ALA A 93 6.60 -5.49 1.81
CA ALA A 93 5.62 -6.47 1.34
C ALA A 93 5.09 -6.01 0.00
N LEU A 94 4.88 -4.66 -0.15
CA LEU A 94 4.54 -4.08 -1.45
C LEU A 94 5.56 -4.48 -2.46
N GLU A 95 6.81 -4.13 -2.20
CA GLU A 95 7.89 -4.42 -3.16
C GLU A 95 7.94 -5.90 -3.50
N ASN A 96 7.80 -6.73 -2.48
CA ASN A 96 7.73 -8.16 -2.63
C ASN A 96 6.71 -8.51 -3.70
N VAL A 97 5.44 -8.27 -3.39
CA VAL A 97 4.35 -8.58 -4.29
C VAL A 97 4.44 -7.91 -5.60
N LEU A 98 4.75 -6.68 -5.60
CA LEU A 98 4.55 -5.98 -6.81
C LEU A 98 5.68 -5.93 -7.73
N SER A 99 6.83 -5.83 -7.25
CA SER A 99 7.88 -5.76 -8.16
C SER A 99 8.43 -7.16 -8.42
N GLY A 100 8.15 -8.10 -7.49
CA GLY A 100 8.68 -9.40 -7.68
C GLY A 100 7.66 -10.51 -7.74
N LYS A 101 6.43 -10.31 -7.24
CA LYS A 101 5.54 -11.48 -7.19
C LYS A 101 4.58 -11.50 -8.32
N ALA A 102 4.38 -10.39 -8.87
CA ALA A 102 3.42 -10.23 -9.86
C ALA A 102 4.03 -9.53 -11.06
N GLY A 18 7.00 -1.47 -10.32
CA GLY A 18 6.89 -2.82 -10.88
C GLY A 18 5.54 -2.98 -11.48
N LEU A 19 4.54 -2.74 -10.65
CA LEU A 19 3.18 -2.75 -11.04
C LEU A 19 2.79 -1.49 -11.79
N ARG A 20 1.52 -1.32 -11.95
CA ARG A 20 1.00 -0.17 -12.64
C ARG A 20 0.21 0.73 -11.70
N GLU A 21 -0.12 0.24 -10.50
CA GLU A 21 -0.90 1.10 -9.58
C GLU A 21 -0.89 0.64 -8.11
N ILE A 22 -0.65 1.58 -7.15
CA ILE A 22 -0.97 1.35 -5.73
C ILE A 22 -1.81 2.49 -5.21
N ARG A 23 -2.95 2.14 -4.75
CA ARG A 23 -3.87 3.05 -4.18
C ARG A 23 -4.21 2.59 -2.78
N ILE A 24 -3.66 3.24 -1.83
CA ILE A 24 -3.89 2.92 -0.45
C ILE A 24 -5.21 3.44 -0.06
N HIS A 25 -6.00 2.64 0.52
CA HIS A 25 -7.22 3.11 1.06
C HIS A 25 -6.92 3.42 2.50
N LEU A 26 -7.10 4.66 2.88
CA LEU A 26 -6.70 5.09 4.20
C LEU A 26 -7.93 5.40 5.09
N CYS A 27 -7.97 6.64 5.61
CA CYS A 27 -8.91 7.11 6.64
C CYS A 27 -8.49 6.65 8.02
N GLN A 28 -9.05 7.27 9.02
CA GLN A 28 -8.94 6.84 10.39
C GLN A 28 -10.34 6.84 10.96
N ARG A 29 -11.08 5.81 10.62
CA ARG A 29 -12.47 5.71 10.96
C ARG A 29 -12.86 4.29 11.40
N SER A 30 -12.43 3.27 10.66
CA SER A 30 -12.70 1.92 11.11
C SER A 30 -11.40 1.36 11.74
N PRO A 31 -11.33 0.01 12.16
CA PRO A 31 -10.15 -0.64 12.74
C PRO A 31 -8.81 0.08 12.45
N GLY A 32 -8.39 0.86 13.46
CA GLY A 32 -7.24 1.74 13.40
C GLY A 32 -6.03 1.12 12.77
N SER A 33 -5.42 1.83 11.86
CA SER A 33 -4.32 1.29 11.14
C SER A 33 -3.08 2.16 11.25
N GLN A 34 -2.22 1.68 12.05
CA GLN A 34 -1.07 2.41 12.48
C GLN A 34 0.06 2.06 11.58
N GLY A 35 0.05 0.83 11.11
CA GLY A 35 1.04 0.38 10.21
C GLY A 35 0.88 1.08 8.91
N VAL A 36 -0.38 1.33 8.55
CA VAL A 36 -0.60 2.04 7.32
C VAL A 36 -0.19 3.49 7.52
N ARG A 37 -0.67 4.12 8.61
CA ARG A 37 -0.26 5.49 9.00
C ARG A 37 1.25 5.66 8.93
N ASP A 38 1.94 4.76 9.59
CA ASP A 38 3.39 4.75 9.62
C ASP A 38 3.95 4.72 8.23
N PHE A 39 3.40 3.87 7.41
CA PHE A 39 3.68 3.86 6.00
C PHE A 39 3.48 5.27 5.45
N ILE A 40 2.29 5.75 5.62
CA ILE A 40 1.80 7.05 5.10
C ILE A 40 2.74 8.22 5.50
N GLU A 41 3.32 8.15 6.67
CA GLU A 41 4.08 9.28 7.22
C GLU A 41 5.56 9.05 7.15
N LYS A 42 5.99 8.01 7.85
CA LYS A 42 7.38 7.69 8.00
C LYS A 42 7.92 7.22 6.70
N ARG A 43 7.15 6.41 6.03
CA ARG A 43 7.68 5.73 4.96
C ARG A 43 7.29 6.36 3.64
N TYR A 44 6.21 7.15 3.61
CA TYR A 44 5.63 7.71 2.31
C TYR A 44 6.66 8.06 1.24
N VAL A 45 7.37 9.10 1.46
CA VAL A 45 8.32 9.60 0.50
C VAL A 45 9.40 8.55 0.16
N GLU A 46 9.72 7.72 1.12
CA GLU A 46 10.66 6.64 0.95
C GLU A 46 9.98 5.45 0.27
N LEU A 47 8.67 5.25 0.41
CA LEU A 47 8.03 4.14 -0.27
C LEU A 47 7.73 4.52 -1.69
N LYS A 48 7.76 5.81 -1.89
CA LYS A 48 7.65 6.40 -3.19
C LYS A 48 9.03 6.32 -3.86
N LYS A 49 10.07 6.55 -3.08
CA LYS A 49 11.42 6.58 -3.62
C LYS A 49 12.01 5.17 -3.73
N ALA A 50 11.71 4.32 -2.75
CA ALA A 50 12.33 3.02 -2.66
C ALA A 50 11.76 2.08 -3.67
N ASN A 51 10.54 2.37 -4.04
CA ASN A 51 9.76 1.62 -4.93
C ASN A 51 9.43 2.67 -5.99
N PRO A 52 10.41 2.97 -6.85
CA PRO A 52 10.36 4.12 -7.79
C PRO A 52 9.28 4.02 -8.80
N ASP A 53 9.16 2.86 -9.32
CA ASP A 53 8.17 2.55 -10.31
C ASP A 53 6.88 2.06 -9.62
N LEU A 54 6.63 2.56 -8.45
CA LEU A 54 5.46 2.22 -7.74
C LEU A 54 4.56 3.50 -7.64
N PRO A 55 3.40 3.53 -8.34
CA PRO A 55 2.37 4.56 -8.13
C PRO A 55 1.88 4.58 -6.73
N ILE A 56 2.00 5.71 -6.12
CA ILE A 56 1.66 5.87 -4.72
C ILE A 56 0.47 6.83 -4.62
N LEU A 57 -0.72 6.30 -4.53
CA LEU A 57 -1.90 7.14 -4.45
C LEU A 57 -2.66 6.90 -3.16
N ILE A 58 -2.93 7.97 -2.43
CA ILE A 58 -3.65 7.90 -1.17
C ILE A 58 -5.13 8.07 -1.43
N ARG A 59 -5.85 7.05 -1.15
CA ARG A 59 -7.27 6.97 -1.36
C ARG A 59 -8.00 6.83 -0.04
N GLU A 60 -9.29 6.90 -0.10
CA GLU A 60 -10.12 6.85 1.08
C GLU A 60 -10.59 5.44 1.36
N CYS A 61 -11.12 5.28 2.54
CA CYS A 61 -11.69 4.05 3.06
C CYS A 61 -13.01 3.71 2.33
N SER A 62 -13.54 2.52 2.57
CA SER A 62 -14.79 2.12 1.94
C SER A 62 -15.59 1.12 2.79
N ASP A 63 -14.97 0.02 3.16
CA ASP A 63 -15.64 -1.00 3.96
C ASP A 63 -15.05 -0.98 5.35
N VAL A 64 -13.85 -1.46 5.50
CA VAL A 64 -13.16 -1.29 6.75
C VAL A 64 -12.32 -0.04 6.64
N GLN A 65 -11.11 -0.17 6.13
CA GLN A 65 -10.23 0.95 6.15
C GLN A 65 -8.97 0.80 5.26
N PRO A 66 -7.89 0.06 5.70
CA PRO A 66 -6.58 0.11 5.05
C PRO A 66 -6.38 -0.95 4.00
N LYS A 67 -6.99 -0.79 2.89
CA LYS A 67 -6.84 -1.80 1.86
C LYS A 67 -5.81 -1.33 0.87
N LEU A 68 -5.13 -2.28 0.35
CA LEU A 68 -4.09 -2.05 -0.57
C LEU A 68 -4.60 -2.26 -1.93
N TRP A 69 -4.93 -1.24 -2.63
CA TRP A 69 -5.33 -1.45 -3.97
C TRP A 69 -4.09 -1.50 -4.84
N ALA A 70 -3.94 -2.56 -5.52
CA ALA A 70 -2.88 -2.79 -6.39
C ALA A 70 -3.42 -3.16 -7.76
N ARG A 71 -2.72 -2.75 -8.77
CA ARG A 71 -3.02 -3.10 -10.09
C ARG A 71 -1.66 -3.21 -10.75
N TYR A 72 -1.22 -4.38 -10.79
CA TYR A 72 0.11 -4.72 -11.26
C TYR A 72 0.21 -4.72 -12.79
N ALA A 73 1.41 -4.80 -13.31
CA ALA A 73 1.67 -4.88 -14.75
C ALA A 73 1.80 -6.33 -15.14
N PHE A 74 1.70 -7.19 -14.14
CA PHE A 74 1.49 -8.58 -14.40
C PHE A 74 0.01 -8.66 -14.85
N GLY A 75 -0.72 -7.59 -14.49
CA GLY A 75 -2.08 -7.39 -14.87
C GLY A 75 -3.04 -8.01 -13.89
N GLN A 76 -2.55 -8.19 -12.69
CA GLN A 76 -3.33 -8.70 -11.59
C GLN A 76 -3.78 -7.53 -10.74
N GLU A 77 -4.84 -7.69 -10.01
CA GLU A 77 -5.31 -6.67 -9.13
C GLU A 77 -5.20 -7.16 -7.71
N THR A 78 -5.40 -6.27 -6.79
CA THR A 78 -5.34 -6.54 -5.40
C THR A 78 -5.97 -5.37 -4.70
N ASN A 79 -6.76 -5.63 -3.73
CA ASN A 79 -7.37 -4.59 -2.91
C ASN A 79 -7.53 -5.09 -1.51
N VAL A 80 -6.51 -4.87 -0.66
CA VAL A 80 -6.57 -5.61 0.64
C VAL A 80 -6.02 -5.00 1.91
N PRO A 81 -6.85 -5.11 2.98
CA PRO A 81 -6.56 -4.70 4.35
C PRO A 81 -5.20 -5.16 4.79
N LEU A 82 -4.37 -4.20 4.94
CA LEU A 82 -3.01 -4.39 5.30
C LEU A 82 -2.78 -3.96 6.75
N ASN A 83 -3.88 -3.98 7.51
CA ASN A 83 -3.95 -3.49 8.91
C ASN A 83 -3.06 -4.30 9.84
N ASN A 84 -2.66 -5.43 9.38
CA ASN A 84 -1.86 -6.36 10.14
C ASN A 84 -0.37 -6.00 10.11
N PHE A 85 0.05 -5.24 9.13
CA PHE A 85 1.46 -4.97 8.99
C PHE A 85 1.74 -3.51 9.29
N SER A 86 2.92 -3.26 9.73
CA SER A 86 3.39 -1.95 10.06
C SER A 86 4.08 -1.29 8.84
N ALA A 87 4.64 -0.09 9.04
CA ALA A 87 5.22 0.79 8.00
C ALA A 87 6.17 0.06 7.03
N ASP A 88 7.26 -0.45 7.59
CA ASP A 88 8.31 -1.08 6.81
C ASP A 88 7.84 -2.39 6.26
N GLN A 89 6.98 -3.03 7.01
CA GLN A 89 6.41 -4.30 6.59
C GLN A 89 5.54 -4.14 5.39
N VAL A 90 4.58 -3.24 5.44
CA VAL A 90 3.74 -3.01 4.29
C VAL A 90 4.58 -2.61 3.10
N THR A 91 5.57 -1.76 3.32
CA THR A 91 6.36 -1.28 2.20
C THR A 91 7.34 -2.27 1.59
N ARG A 92 7.93 -3.07 2.41
CA ARG A 92 8.89 -4.03 1.94
C ARG A 92 8.14 -5.18 1.32
N ALA A 93 7.05 -5.60 1.98
CA ALA A 93 6.19 -6.64 1.41
C ALA A 93 5.63 -6.16 0.11
N LEU A 94 5.28 -4.84 0.02
CA LEU A 94 4.88 -4.24 -1.26
C LEU A 94 5.90 -4.52 -2.29
N GLU A 95 7.11 -4.12 -2.04
CA GLU A 95 8.15 -4.21 -3.08
C GLU A 95 8.37 -5.66 -3.45
N ASN A 96 8.40 -6.52 -2.45
CA ASN A 96 8.45 -7.95 -2.62
C ASN A 96 7.38 -8.39 -3.63
N VAL A 97 6.14 -8.20 -3.26
CA VAL A 97 5.03 -8.62 -4.09
C VAL A 97 4.94 -7.90 -5.40
N LEU A 98 5.00 -6.64 -5.38
CA LEU A 98 4.57 -5.94 -6.56
C LEU A 98 5.62 -5.45 -7.45
N SER A 99 6.77 -5.51 -7.03
CA SER A 99 7.77 -5.22 -7.93
C SER A 99 8.49 -6.52 -8.27
N GLY A 100 8.33 -7.55 -7.40
CA GLY A 100 8.98 -8.77 -7.67
C GLY A 100 8.07 -9.84 -8.23
N LYS A 101 6.88 -10.06 -7.65
CA LYS A 101 6.13 -11.23 -8.08
C LYS A 101 5.08 -10.93 -9.05
N ALA A 102 4.39 -9.97 -8.72
CA ALA A 102 3.33 -9.47 -9.47
C ALA A 102 3.87 -8.33 -10.31
N GLY A 18 7.17 -1.60 -9.70
CA GLY A 18 7.03 -2.99 -10.11
C GLY A 18 5.70 -3.23 -10.75
N LEU A 19 4.92 -2.18 -10.93
CA LEU A 19 3.57 -2.33 -11.38
C LEU A 19 3.05 -1.10 -12.07
N ARG A 20 1.76 -1.10 -12.31
CA ARG A 20 1.10 0.00 -12.97
C ARG A 20 0.53 0.96 -11.96
N GLU A 21 0.10 0.46 -10.78
CA GLU A 21 -0.47 1.41 -9.77
C GLU A 21 -0.63 0.86 -8.35
N ILE A 22 -0.47 1.75 -7.32
CA ILE A 22 -0.89 1.42 -5.94
C ILE A 22 -1.87 2.47 -5.47
N ARG A 23 -2.91 2.01 -4.88
CA ARG A 23 -3.90 2.84 -4.27
C ARG A 23 -4.05 2.42 -2.83
N ILE A 24 -3.53 3.20 -1.94
CA ILE A 24 -3.70 2.89 -0.55
C ILE A 24 -5.06 3.34 -0.22
N HIS A 25 -5.78 2.55 0.39
CA HIS A 25 -7.01 2.98 0.90
C HIS A 25 -6.71 3.32 2.31
N LEU A 26 -6.92 4.55 2.64
CA LEU A 26 -6.52 5.08 3.89
C LEU A 26 -7.58 5.97 4.47
N CYS A 27 -7.88 5.77 5.71
CA CYS A 27 -8.76 6.62 6.44
C CYS A 27 -8.43 6.51 7.91
N GLN A 28 -8.94 7.42 8.66
CA GLN A 28 -9.03 7.30 10.07
C GLN A 28 -10.54 7.23 10.26
N ARG A 29 -11.08 6.04 10.08
CA ARG A 29 -12.51 5.85 10.03
C ARG A 29 -12.85 4.53 10.70
N SER A 30 -12.57 3.42 10.04
CA SER A 30 -12.78 2.14 10.66
C SER A 30 -11.40 1.63 11.12
N PRO A 31 -11.30 0.45 11.85
CA PRO A 31 -10.03 -0.17 12.30
C PRO A 31 -8.81 0.17 11.43
N GLY A 32 -8.04 1.14 11.89
CA GLY A 32 -6.92 1.61 11.15
C GLY A 32 -5.63 0.98 11.61
N SER A 33 -4.57 1.32 10.94
CA SER A 33 -3.29 0.76 11.22
C SER A 33 -2.27 1.82 11.51
N GLN A 34 -1.47 1.53 12.46
CA GLN A 34 -0.47 2.43 12.96
C GLN A 34 0.75 2.30 12.12
N GLY A 35 0.97 1.09 11.66
CA GLY A 35 2.04 0.83 10.78
C GLY A 35 1.73 1.41 9.44
N VAL A 36 0.44 1.48 9.10
CA VAL A 36 0.13 2.09 7.83
C VAL A 36 0.33 3.56 7.91
N ARG A 37 -0.16 4.19 9.00
CA ARG A 37 0.09 5.62 9.29
C ARG A 37 1.55 5.92 9.12
N ASP A 38 2.39 5.11 9.74
CA ASP A 38 3.85 5.25 9.59
C ASP A 38 4.27 5.19 8.19
N PHE A 39 3.74 4.28 7.48
CA PHE A 39 3.96 4.21 6.08
C PHE A 39 3.57 5.53 5.44
N ILE A 40 2.33 5.88 5.62
CA ILE A 40 1.69 7.07 5.01
C ILE A 40 2.49 8.37 5.32
N GLU A 41 3.05 8.40 6.50
CA GLU A 41 3.60 9.60 7.07
C GLU A 41 5.09 9.59 7.05
N LYS A 42 5.60 8.63 7.74
CA LYS A 42 6.98 8.52 8.07
C LYS A 42 7.72 7.92 6.92
N ARG A 43 7.05 7.09 6.18
CA ARG A 43 7.72 6.31 5.22
C ARG A 43 7.32 6.74 3.81
N TYR A 44 6.26 7.51 3.70
CA TYR A 44 5.68 7.98 2.39
C TYR A 44 6.71 8.26 1.31
N VAL A 45 7.48 9.27 1.52
CA VAL A 45 8.49 9.68 0.58
C VAL A 45 9.48 8.54 0.25
N GLU A 46 9.80 7.77 1.27
CA GLU A 46 10.63 6.58 1.10
C GLU A 46 9.86 5.54 0.28
N LEU A 47 8.57 5.33 0.51
CA LEU A 47 7.89 4.26 -0.21
C LEU A 47 7.60 4.65 -1.64
N LYS A 48 7.64 5.94 -1.87
CA LYS A 48 7.50 6.50 -3.18
C LYS A 48 8.84 6.45 -3.92
N LYS A 49 9.92 6.60 -3.19
CA LYS A 49 11.23 6.63 -3.79
C LYS A 49 11.88 5.25 -3.81
N ALA A 50 11.55 4.45 -2.80
CA ALA A 50 12.16 3.16 -2.62
C ALA A 50 11.63 2.22 -3.64
N ASN A 51 10.39 2.48 -4.00
CA ASN A 51 9.68 1.74 -4.95
C ASN A 51 9.30 2.81 -6.00
N PRO A 52 10.27 3.16 -6.85
CA PRO A 52 10.16 4.29 -7.81
C PRO A 52 9.09 4.05 -8.83
N ASP A 53 9.07 2.85 -9.28
CA ASP A 53 8.11 2.35 -10.24
C ASP A 53 6.84 1.89 -9.50
N LEU A 54 6.57 2.51 -8.40
CA LEU A 54 5.41 2.21 -7.66
C LEU A 54 4.59 3.51 -7.53
N PRO A 55 3.52 3.66 -8.31
CA PRO A 55 2.55 4.76 -8.14
C PRO A 55 1.97 4.76 -6.79
N ILE A 56 2.15 5.81 -6.10
CA ILE A 56 1.72 5.91 -4.72
C ILE A 56 0.53 6.85 -4.65
N LEU A 57 -0.68 6.34 -4.67
CA LEU A 57 -1.84 7.21 -4.55
C LEU A 57 -2.65 6.86 -3.32
N ILE A 58 -3.11 7.86 -2.62
CA ILE A 58 -3.90 7.71 -1.43
C ILE A 58 -5.36 7.77 -1.84
N ARG A 59 -6.11 6.86 -1.33
CA ARG A 59 -7.53 6.71 -1.63
C ARG A 59 -8.31 6.50 -0.35
N GLU A 60 -9.60 6.50 -0.47
CA GLU A 60 -10.49 6.30 0.67
C GLU A 60 -10.73 4.81 0.90
N CYS A 61 -11.29 4.48 2.02
CA CYS A 61 -11.55 3.11 2.40
C CYS A 61 -13.04 2.78 2.27
N SER A 62 -13.36 1.90 1.36
CA SER A 62 -14.74 1.51 1.11
C SER A 62 -15.28 0.48 2.13
N ASP A 63 -14.40 -0.36 2.70
CA ASP A 63 -14.89 -1.46 3.51
C ASP A 63 -14.55 -1.21 4.95
N VAL A 64 -13.43 -1.72 5.38
CA VAL A 64 -12.97 -1.41 6.69
C VAL A 64 -12.05 -0.22 6.59
N GLN A 65 -10.84 -0.43 6.13
CA GLN A 65 -9.90 0.65 6.13
C GLN A 65 -8.64 0.38 5.25
N PRO A 66 -7.57 -0.34 5.74
CA PRO A 66 -6.29 -0.37 5.07
C PRO A 66 -6.18 -1.42 3.99
N LYS A 67 -6.85 -1.25 2.91
CA LYS A 67 -6.70 -2.18 1.80
C LYS A 67 -5.74 -1.57 0.85
N LEU A 68 -4.95 -2.38 0.24
CA LEU A 68 -4.03 -1.89 -0.73
C LEU A 68 -4.40 -2.34 -2.06
N TRP A 69 -4.72 -1.42 -2.89
CA TRP A 69 -5.04 -1.74 -4.21
C TRP A 69 -3.77 -1.71 -5.04
N ALA A 70 -3.57 -2.71 -5.80
CA ALA A 70 -2.47 -2.79 -6.70
C ALA A 70 -2.96 -3.26 -8.03
N ARG A 71 -2.49 -2.66 -9.07
CA ARG A 71 -2.76 -3.10 -10.37
C ARG A 71 -1.42 -3.17 -11.02
N TYR A 72 -0.92 -4.31 -11.03
CA TYR A 72 0.42 -4.59 -11.54
C TYR A 72 0.42 -4.53 -13.07
N ALA A 73 1.58 -4.63 -13.67
CA ALA A 73 1.73 -4.63 -15.13
C ALA A 73 1.80 -6.04 -15.61
N PHE A 74 1.79 -6.97 -14.65
CA PHE A 74 1.51 -8.37 -14.96
C PHE A 74 0.03 -8.41 -15.36
N GLY A 75 -0.64 -7.31 -15.04
CA GLY A 75 -2.00 -7.07 -15.40
C GLY A 75 -2.94 -7.64 -14.39
N GLN A 76 -2.37 -8.14 -13.32
CA GLN A 76 -3.13 -8.70 -12.23
C GLN A 76 -3.35 -7.61 -11.20
N GLU A 77 -4.24 -7.84 -10.28
CA GLU A 77 -4.55 -6.86 -9.29
C GLU A 77 -4.60 -7.48 -7.91
N THR A 78 -4.72 -6.63 -6.94
CA THR A 78 -4.92 -7.04 -5.60
C THR A 78 -5.53 -5.84 -4.90
N ASN A 79 -6.35 -6.06 -3.95
CA ASN A 79 -7.01 -5.00 -3.20
C ASN A 79 -7.16 -5.47 -1.78
N VAL A 80 -6.18 -5.18 -0.92
CA VAL A 80 -6.20 -5.92 0.36
C VAL A 80 -5.87 -5.28 1.68
N PRO A 81 -6.82 -5.45 2.63
CA PRO A 81 -6.72 -5.11 4.05
C PRO A 81 -5.49 -5.68 4.63
N LEU A 82 -4.58 -4.82 4.86
CA LEU A 82 -3.33 -5.17 5.37
C LEU A 82 -3.12 -4.58 6.77
N ASN A 83 -4.24 -4.51 7.47
CA ASN A 83 -4.36 -4.00 8.86
C ASN A 83 -3.28 -4.53 9.83
N ASN A 84 -2.82 -5.72 9.58
CA ASN A 84 -1.90 -6.43 10.50
C ASN A 84 -0.42 -6.15 10.20
N PHE A 85 -0.13 -5.19 9.34
CA PHE A 85 1.22 -4.91 8.99
C PHE A 85 1.64 -3.54 9.49
N SER A 86 2.88 -3.44 9.82
CA SER A 86 3.49 -2.22 10.29
C SER A 86 4.22 -1.48 9.14
N ALA A 87 4.82 -0.32 9.46
CA ALA A 87 5.47 0.63 8.51
C ALA A 87 6.41 -0.06 7.45
N ASP A 88 7.45 -0.72 7.95
CA ASP A 88 8.46 -1.34 7.09
C ASP A 88 7.84 -2.50 6.38
N GLN A 89 7.12 -3.27 7.15
CA GLN A 89 6.35 -4.40 6.62
C GLN A 89 5.49 -4.04 5.46
N VAL A 90 4.65 -3.04 5.59
CA VAL A 90 3.81 -2.65 4.48
C VAL A 90 4.63 -2.19 3.29
N THR A 91 5.67 -1.40 3.53
CA THR A 91 6.47 -0.91 2.40
C THR A 91 7.26 -2.00 1.67
N ARG A 92 7.84 -2.83 2.43
CA ARG A 92 8.69 -3.90 1.94
C ARG A 92 7.84 -5.02 1.36
N ALA A 93 6.73 -5.36 2.03
CA ALA A 93 5.81 -6.35 1.49
C ALA A 93 5.18 -5.82 0.23
N LEU A 94 4.94 -4.47 0.14
CA LEU A 94 4.52 -3.87 -1.13
C LEU A 94 5.50 -4.22 -2.18
N GLU A 95 6.75 -3.93 -1.93
CA GLU A 95 7.79 -4.21 -2.90
C GLU A 95 7.79 -5.67 -3.30
N ASN A 96 7.72 -6.52 -2.32
CA ASN A 96 7.61 -7.94 -2.52
C ASN A 96 6.47 -8.25 -3.48
N VAL A 97 5.26 -7.92 -3.04
CA VAL A 97 4.07 -8.19 -3.78
C VAL A 97 4.04 -7.61 -5.12
N LEU A 98 4.43 -6.39 -5.24
CA LEU A 98 4.18 -5.75 -6.47
C LEU A 98 5.28 -5.76 -7.44
N SER A 99 6.45 -5.93 -6.98
CA SER A 99 7.48 -6.01 -7.93
C SER A 99 7.51 -7.43 -8.48
N GLY A 100 6.99 -8.40 -7.73
CA GLY A 100 6.85 -9.68 -8.34
C GLY A 100 6.35 -10.75 -7.44
N LYS A 101 5.33 -10.50 -6.66
CA LYS A 101 4.85 -11.63 -5.85
C LYS A 101 3.67 -12.23 -6.52
N ALA A 102 2.76 -11.40 -6.76
CA ALA A 102 1.50 -11.76 -7.34
C ALA A 102 1.58 -11.73 -8.86
N GLY A 18 6.91 -2.35 -9.70
CA GLY A 18 6.53 -3.64 -10.25
C GLY A 18 5.08 -3.66 -10.64
N LEU A 19 4.47 -2.50 -10.75
CA LEU A 19 3.09 -2.41 -11.08
C LEU A 19 2.71 -1.07 -11.63
N ARG A 20 1.51 -0.97 -12.06
CA ARG A 20 0.99 0.20 -12.70
C ARG A 20 0.37 1.13 -11.70
N GLU A 21 -0.09 0.58 -10.58
CA GLU A 21 -0.58 1.44 -9.49
C GLU A 21 -0.71 0.80 -8.13
N ILE A 22 -0.36 1.58 -7.08
CA ILE A 22 -0.74 1.28 -5.72
C ILE A 22 -1.56 2.41 -5.21
N ARG A 23 -2.78 2.13 -5.02
CA ARG A 23 -3.70 3.05 -4.47
C ARG A 23 -4.06 2.60 -3.11
N ILE A 24 -3.54 3.24 -2.13
CA ILE A 24 -3.84 2.89 -0.79
C ILE A 24 -5.22 3.31 -0.52
N HIS A 25 -6.04 2.43 -0.21
CA HIS A 25 -7.34 2.81 0.15
C HIS A 25 -7.28 3.03 1.65
N LEU A 26 -7.55 4.24 2.07
CA LEU A 26 -7.41 4.63 3.45
C LEU A 26 -8.75 4.79 4.16
N CYS A 27 -8.84 5.85 4.98
CA CYS A 27 -9.98 6.22 5.84
C CYS A 27 -9.92 5.51 7.15
N GLN A 28 -9.34 6.17 8.14
CA GLN A 28 -9.43 5.70 9.51
C GLN A 28 -10.90 5.70 9.88
N ARG A 29 -11.46 4.53 9.94
CA ARG A 29 -12.88 4.39 10.08
C ARG A 29 -13.11 3.17 10.95
N SER A 30 -12.78 2.04 10.42
CA SER A 30 -12.85 0.79 11.13
C SER A 30 -11.42 0.45 11.61
N PRO A 31 -11.19 -0.74 12.28
CA PRO A 31 -9.84 -1.21 12.70
C PRO A 31 -8.73 -0.84 11.70
N GLY A 32 -7.99 0.17 12.04
CA GLY A 32 -6.99 0.68 11.19
C GLY A 32 -5.63 0.22 11.55
N SER A 33 -4.67 0.65 10.80
CA SER A 33 -3.34 0.27 11.02
C SER A 33 -2.47 1.44 11.36
N GLN A 34 -1.67 1.21 12.31
CA GLN A 34 -0.75 2.16 12.83
C GLN A 34 0.51 2.03 12.00
N GLY A 35 0.72 0.82 11.50
CA GLY A 35 1.77 0.57 10.59
C GLY A 35 1.47 1.21 9.27
N VAL A 36 0.17 1.32 8.94
CA VAL A 36 -0.16 1.97 7.68
C VAL A 36 0.03 3.45 7.87
N ARG A 37 -0.51 3.99 8.98
CA ARG A 37 -0.27 5.37 9.47
C ARG A 37 1.19 5.75 9.27
N ASP A 38 2.05 4.94 9.86
CA ASP A 38 3.50 5.10 9.76
C ASP A 38 3.89 5.18 8.34
N PHE A 39 3.46 4.23 7.58
CA PHE A 39 3.67 4.23 6.16
C PHE A 39 3.25 5.57 5.57
N ILE A 40 2.01 5.91 5.79
CA ILE A 40 1.34 7.09 5.24
C ILE A 40 2.16 8.38 5.50
N GLU A 41 2.67 8.52 6.71
CA GLU A 41 3.24 9.81 7.11
C GLU A 41 4.73 9.79 7.18
N LYS A 42 5.21 8.81 7.85
CA LYS A 42 6.59 8.66 8.16
C LYS A 42 7.30 8.04 7.01
N ARG A 43 6.66 7.09 6.37
CA ARG A 43 7.33 6.35 5.40
C ARG A 43 6.99 6.86 4.01
N TYR A 44 5.92 7.65 3.86
CA TYR A 44 5.45 8.15 2.49
C TYR A 44 6.58 8.45 1.49
N VAL A 45 7.31 9.50 1.73
CA VAL A 45 8.37 9.93 0.83
C VAL A 45 9.43 8.83 0.65
N GLU A 46 9.65 8.07 1.69
CA GLU A 46 10.58 6.97 1.66
C GLU A 46 9.98 5.80 0.87
N LEU A 47 8.66 5.65 0.81
CA LEU A 47 8.12 4.56 0.02
C LEU A 47 8.00 4.97 -1.42
N LYS A 48 7.91 6.26 -1.63
CA LYS A 48 7.89 6.81 -2.95
C LYS A 48 9.29 6.68 -3.56
N LYS A 49 10.30 6.90 -2.75
CA LYS A 49 11.67 6.84 -3.21
C LYS A 49 12.18 5.41 -3.23
N ALA A 50 11.71 4.59 -2.29
CA ALA A 50 12.25 3.27 -2.16
C ALA A 50 11.56 2.28 -3.06
N ASN A 51 10.34 2.60 -3.47
CA ASN A 51 9.54 1.77 -4.31
C ASN A 51 9.26 2.63 -5.56
N PRO A 52 10.25 2.75 -6.44
CA PRO A 52 10.23 3.67 -7.61
C PRO A 52 9.15 3.33 -8.60
N ASP A 53 9.11 2.10 -8.96
CA ASP A 53 8.12 1.61 -9.93
C ASP A 53 6.85 1.16 -9.19
N LEU A 54 6.64 1.75 -8.05
CA LEU A 54 5.48 1.49 -7.26
C LEU A 54 4.73 2.84 -7.12
N PRO A 55 3.69 3.09 -7.95
CA PRO A 55 2.81 4.28 -7.81
C PRO A 55 2.23 4.42 -6.44
N ILE A 56 2.39 5.58 -5.90
CA ILE A 56 1.95 5.86 -4.54
C ILE A 56 0.74 6.79 -4.62
N LEU A 57 -0.45 6.27 -4.49
CA LEU A 57 -1.66 7.10 -4.59
C LEU A 57 -2.57 6.85 -3.38
N ILE A 58 -3.06 7.91 -2.75
CA ILE A 58 -3.93 7.83 -1.58
C ILE A 58 -5.39 7.85 -2.03
N ARG A 59 -6.10 6.83 -1.67
CA ARG A 59 -7.50 6.66 -2.04
C ARG A 59 -8.38 6.43 -0.83
N GLU A 60 -9.67 6.41 -1.09
CA GLU A 60 -10.70 6.30 -0.06
C GLU A 60 -11.00 4.89 0.45
N CYS A 61 -11.75 4.89 1.50
CA CYS A 61 -12.24 3.73 2.25
C CYS A 61 -13.01 2.69 1.41
N SER A 62 -13.12 1.47 1.98
CA SER A 62 -13.80 0.34 1.37
C SER A 62 -13.82 -0.88 2.33
N ASP A 63 -12.69 -1.56 2.50
CA ASP A 63 -12.61 -2.79 3.31
C ASP A 63 -11.94 -2.55 4.65
N VAL A 64 -12.72 -2.13 5.60
CA VAL A 64 -12.32 -1.90 6.98
C VAL A 64 -11.58 -0.60 7.09
N GLN A 65 -10.41 -0.55 6.55
CA GLN A 65 -9.56 0.64 6.75
C GLN A 65 -8.33 0.72 5.84
N PRO A 66 -7.30 -0.11 5.98
CA PRO A 66 -6.06 0.06 5.22
C PRO A 66 -5.86 -0.99 4.11
N LYS A 67 -6.14 -0.65 2.88
CA LYS A 67 -6.11 -1.65 1.78
C LYS A 67 -5.12 -1.23 0.71
N LEU A 68 -4.55 -2.20 0.02
CA LEU A 68 -3.72 -1.90 -1.14
C LEU A 68 -4.50 -2.07 -2.37
N TRP A 69 -4.68 -1.07 -3.11
CA TRP A 69 -5.17 -1.29 -4.40
C TRP A 69 -4.00 -1.45 -5.31
N ALA A 70 -3.81 -2.62 -5.78
CA ALA A 70 -2.76 -2.90 -6.65
C ALA A 70 -3.32 -3.23 -7.99
N ARG A 71 -2.75 -2.64 -9.01
CA ARG A 71 -3.09 -2.92 -10.33
C ARG A 71 -1.77 -3.00 -11.03
N TYR A 72 -1.33 -4.16 -11.21
CA TYR A 72 -0.04 -4.42 -11.81
C TYR A 72 -0.23 -4.54 -13.34
N ALA A 73 0.84 -4.33 -14.12
CA ALA A 73 0.83 -4.58 -15.58
C ALA A 73 0.96 -6.06 -15.88
N PHE A 74 0.95 -6.87 -14.84
CA PHE A 74 0.74 -8.29 -15.01
C PHE A 74 -0.71 -8.44 -15.46
N GLY A 75 -1.47 -7.37 -15.21
CA GLY A 75 -2.84 -7.27 -15.59
C GLY A 75 -3.70 -7.93 -14.56
N GLN A 76 -3.21 -7.88 -13.35
CA GLN A 76 -3.87 -8.43 -12.21
C GLN A 76 -4.12 -7.31 -11.23
N GLU A 77 -4.98 -7.54 -10.30
CA GLU A 77 -5.32 -6.53 -9.36
C GLU A 77 -5.57 -7.13 -8.00
N THR A 78 -5.72 -6.28 -7.02
CA THR A 78 -6.10 -6.68 -5.70
C THR A 78 -6.36 -5.39 -4.93
N ASN A 79 -7.32 -5.43 -4.07
CA ASN A 79 -7.68 -4.30 -3.23
C ASN A 79 -7.74 -4.80 -1.81
N VAL A 80 -6.62 -4.67 -1.10
CA VAL A 80 -6.50 -5.46 0.15
C VAL A 80 -5.80 -4.91 1.39
N PRO A 81 -6.54 -5.02 2.51
CA PRO A 81 -6.10 -4.71 3.85
C PRO A 81 -4.73 -5.26 4.20
N LEU A 82 -3.89 -4.34 4.50
CA LEU A 82 -2.51 -4.56 4.91
C LEU A 82 -2.44 -4.35 6.41
N ASN A 83 -3.61 -4.52 7.00
CA ASN A 83 -3.95 -4.20 8.38
C ASN A 83 -2.99 -4.73 9.42
N ASN A 84 -2.34 -5.78 9.12
CA ASN A 84 -1.54 -6.46 10.11
C ASN A 84 -0.06 -5.98 10.16
N PHE A 85 0.40 -5.30 9.13
CA PHE A 85 1.81 -4.95 9.06
C PHE A 85 2.11 -3.58 9.65
N SER A 86 3.36 -3.25 9.56
CA SER A 86 3.94 -2.03 10.06
C SER A 86 4.54 -1.22 8.89
N ALA A 87 5.03 0.00 9.16
CA ALA A 87 5.54 0.95 8.12
C ALA A 87 6.50 0.32 7.07
N ASP A 88 7.64 -0.14 7.54
CA ASP A 88 8.65 -0.66 6.65
C ASP A 88 8.25 -2.00 6.11
N GLN A 89 7.49 -2.72 6.90
CA GLN A 89 6.95 -3.99 6.48
C GLN A 89 5.98 -3.83 5.34
N VAL A 90 4.99 -2.96 5.48
CA VAL A 90 4.05 -2.72 4.38
C VAL A 90 4.79 -2.29 3.13
N THR A 91 5.72 -1.38 3.26
CA THR A 91 6.41 -0.89 2.08
C THR A 91 7.25 -1.94 1.35
N ARG A 92 8.06 -2.60 2.07
CA ARG A 92 8.99 -3.55 1.48
C ARG A 92 8.29 -4.84 1.13
N ALA A 93 7.36 -5.30 1.98
CA ALA A 93 6.60 -6.50 1.65
C ALA A 93 5.74 -6.23 0.44
N LEU A 94 5.24 -4.97 0.29
CA LEU A 94 4.53 -4.55 -0.94
C LEU A 94 5.40 -4.82 -2.10
N GLU A 95 6.58 -4.28 -2.05
CA GLU A 95 7.45 -4.41 -3.18
C GLU A 95 7.83 -5.86 -3.43
N ASN A 96 8.12 -6.57 -2.36
CA ASN A 96 8.39 -7.99 -2.42
C ASN A 96 7.27 -8.67 -3.19
N VAL A 97 6.08 -8.61 -2.61
CA VAL A 97 4.93 -9.24 -3.17
C VAL A 97 4.65 -8.86 -4.56
N LEU A 98 4.55 -7.63 -4.83
CA LEU A 98 4.00 -7.29 -6.09
C LEU A 98 4.94 -6.91 -7.16
N SER A 99 6.05 -6.41 -6.80
CA SER A 99 6.98 -6.08 -7.80
C SER A 99 7.76 -7.34 -8.16
N GLY A 100 7.77 -8.34 -7.24
CA GLY A 100 8.49 -9.52 -7.55
C GLY A 100 7.65 -10.78 -7.69
N LYS A 101 6.73 -11.03 -6.77
CA LYS A 101 6.17 -12.38 -6.72
C LYS A 101 4.83 -12.62 -7.35
N ALA A 102 3.96 -11.74 -7.05
CA ALA A 102 2.55 -11.73 -7.49
C ALA A 102 2.40 -12.07 -8.96
N GLY A 18 6.74 -3.08 -9.63
CA GLY A 18 6.53 -3.66 -10.97
C GLY A 18 5.08 -3.69 -11.32
N LEU A 19 4.45 -2.56 -11.20
CA LEU A 19 3.07 -2.47 -11.42
C LEU A 19 2.66 -1.19 -12.06
N ARG A 20 1.42 -1.11 -12.37
CA ARG A 20 0.88 0.04 -13.01
C ARG A 20 0.37 0.98 -11.96
N GLU A 21 0.02 0.45 -10.77
CA GLU A 21 -0.44 1.37 -9.70
C GLU A 21 -0.56 0.77 -8.31
N ILE A 22 -0.17 1.55 -7.29
CA ILE A 22 -0.59 1.26 -5.94
C ILE A 22 -1.41 2.45 -5.51
N ARG A 23 -2.50 2.18 -4.94
CA ARG A 23 -3.34 3.21 -4.43
C ARG A 23 -3.80 2.76 -3.08
N ILE A 24 -3.32 3.41 -2.05
CA ILE A 24 -3.71 2.99 -0.72
C ILE A 24 -5.13 3.33 -0.61
N HIS A 25 -5.88 2.50 -0.08
CA HIS A 25 -7.22 2.79 0.14
C HIS A 25 -7.17 3.02 1.63
N LEU A 26 -7.42 4.22 2.06
CA LEU A 26 -7.19 4.56 3.45
C LEU A 26 -8.51 4.72 4.16
N CYS A 27 -8.51 5.27 5.36
CA CYS A 27 -9.70 5.59 6.10
C CYS A 27 -9.32 6.15 7.44
N GLN A 28 -9.98 7.20 7.83
CA GLN A 28 -9.77 7.77 9.16
C GLN A 28 -11.01 7.52 10.00
N ARG A 29 -11.95 6.78 9.44
CA ARG A 29 -13.24 6.57 10.06
C ARG A 29 -13.34 5.23 10.79
N SER A 30 -12.89 4.13 10.20
CA SER A 30 -13.04 2.84 10.86
C SER A 30 -11.70 2.36 11.44
N PRO A 31 -11.73 1.33 12.38
CA PRO A 31 -10.57 0.68 13.02
C PRO A 31 -9.26 0.82 12.24
N GLY A 32 -8.36 1.61 12.80
CA GLY A 32 -7.17 2.01 12.12
C GLY A 32 -6.04 1.01 12.17
N SER A 33 -4.90 1.42 11.68
CA SER A 33 -3.71 0.64 11.64
C SER A 33 -2.52 1.56 11.74
N GLN A 34 -1.66 1.23 12.62
CA GLN A 34 -0.61 2.07 13.05
C GLN A 34 0.58 1.95 12.15
N GLY A 35 0.87 0.73 11.77
CA GLY A 35 1.95 0.49 10.89
C GLY A 35 1.62 1.01 9.54
N VAL A 36 0.32 1.00 9.23
CA VAL A 36 -0.04 1.50 7.94
C VAL A 36 0.06 3.01 7.95
N ARG A 37 -0.44 3.65 9.01
CA ARG A 37 -0.34 5.10 9.25
C ARG A 37 1.08 5.56 9.08
N ASP A 38 1.97 4.81 9.68
CA ASP A 38 3.41 5.04 9.55
C ASP A 38 3.76 5.07 8.13
N PHE A 39 3.40 4.04 7.43
CA PHE A 39 3.61 4.00 6.00
C PHE A 39 3.06 5.24 5.36
N ILE A 40 1.80 5.45 5.58
CA ILE A 40 1.02 6.53 4.97
C ILE A 40 1.73 7.90 5.16
N GLU A 41 2.29 8.08 6.34
CA GLU A 41 2.75 9.36 6.78
C GLU A 41 4.26 9.47 6.75
N LYS A 42 4.84 8.63 7.54
CA LYS A 42 6.23 8.60 7.83
C LYS A 42 6.98 7.93 6.74
N ARG A 43 6.38 6.96 6.14
CA ARG A 43 7.08 6.19 5.22
C ARG A 43 6.75 6.64 3.82
N TYR A 44 5.63 7.35 3.63
CA TYR A 44 5.18 7.86 2.28
C TYR A 44 6.30 8.31 1.36
N VAL A 45 7.03 9.28 1.78
CA VAL A 45 8.10 9.84 0.98
C VAL A 45 9.18 8.78 0.70
N GLU A 46 9.44 7.96 1.69
CA GLU A 46 10.38 6.88 1.59
C GLU A 46 9.75 5.76 0.78
N LEU A 47 8.44 5.70 0.74
CA LEU A 47 7.70 4.73 -0.01
C LEU A 47 7.78 5.06 -1.47
N LYS A 48 7.58 6.31 -1.75
CA LYS A 48 7.62 6.82 -3.07
C LYS A 48 9.04 6.74 -3.61
N LYS A 49 10.01 6.93 -2.72
CA LYS A 49 11.40 6.90 -3.12
C LYS A 49 11.95 5.47 -3.11
N ALA A 50 11.49 4.62 -2.16
CA ALA A 50 12.12 3.35 -1.97
C ALA A 50 11.73 2.42 -3.05
N ASN A 51 10.50 2.57 -3.49
CA ASN A 51 9.96 1.73 -4.46
C ASN A 51 9.54 2.63 -5.62
N PRO A 52 10.49 2.99 -6.48
CA PRO A 52 10.28 3.90 -7.63
C PRO A 52 9.47 3.20 -8.68
N ASP A 53 9.71 1.93 -8.73
CA ASP A 53 9.03 0.96 -9.59
C ASP A 53 7.62 0.65 -9.00
N LEU A 54 7.15 1.53 -8.15
CA LEU A 54 5.90 1.38 -7.49
C LEU A 54 5.15 2.77 -7.51
N PRO A 55 4.18 2.96 -8.42
CA PRO A 55 3.22 4.09 -8.38
C PRO A 55 2.57 4.27 -7.01
N ILE A 56 2.54 5.49 -6.53
CA ILE A 56 2.07 5.77 -5.15
C ILE A 56 0.87 6.76 -5.17
N LEU A 57 -0.34 6.25 -4.95
CA LEU A 57 -1.55 7.09 -4.87
C LEU A 57 -2.32 6.76 -3.57
N ILE A 58 -3.22 7.67 -3.15
CA ILE A 58 -4.01 7.52 -1.92
C ILE A 58 -5.53 7.64 -2.26
N ARG A 59 -6.29 6.75 -1.72
CA ARG A 59 -7.75 6.70 -1.82
C ARG A 59 -8.35 6.86 -0.43
N GLU A 60 -9.64 7.02 -0.39
CA GLU A 60 -10.40 7.22 0.85
C GLU A 60 -11.10 5.94 1.32
N CYS A 61 -11.62 6.00 2.57
CA CYS A 61 -12.31 4.88 3.33
C CYS A 61 -12.82 3.66 2.52
N SER A 62 -14.10 3.64 2.22
CA SER A 62 -14.80 2.56 1.49
C SER A 62 -14.92 1.15 2.21
N ASP A 63 -13.92 0.70 3.03
CA ASP A 63 -14.05 -0.64 3.65
C ASP A 63 -13.98 -0.50 5.15
N VAL A 64 -12.82 -0.78 5.73
CA VAL A 64 -12.57 -0.51 7.12
C VAL A 64 -11.48 0.53 7.21
N GLN A 65 -10.29 0.24 6.67
CA GLN A 65 -9.19 1.19 6.89
C GLN A 65 -7.93 1.00 5.97
N PRO A 66 -7.07 -0.05 6.16
CA PRO A 66 -5.75 -0.14 5.52
C PRO A 66 -5.71 -1.01 4.28
N LYS A 67 -6.38 -0.66 3.26
CA LYS A 67 -6.41 -1.54 2.10
C LYS A 67 -5.44 -1.02 1.11
N LEU A 68 -4.88 -1.87 0.36
CA LEU A 68 -3.97 -1.44 -0.66
C LEU A 68 -4.45 -1.87 -1.97
N TRP A 69 -4.73 -0.92 -2.80
CA TRP A 69 -5.11 -1.22 -4.12
C TRP A 69 -3.85 -1.35 -4.96
N ALA A 70 -3.80 -2.37 -5.73
CA ALA A 70 -2.74 -2.65 -6.60
C ALA A 70 -3.32 -3.05 -7.93
N ARG A 71 -2.76 -2.55 -8.99
CA ARG A 71 -3.08 -3.00 -10.28
C ARG A 71 -1.73 -3.13 -10.92
N TYR A 72 -1.29 -4.29 -10.86
CA TYR A 72 0.04 -4.66 -11.31
C TYR A 72 0.13 -4.61 -12.84
N ALA A 73 1.35 -4.56 -13.36
CA ALA A 73 1.56 -4.61 -14.81
C ALA A 73 1.68 -6.04 -15.26
N PHE A 74 1.64 -6.94 -14.29
CA PHE A 74 1.45 -8.32 -14.59
C PHE A 74 -0.03 -8.42 -14.99
N GLY A 75 -0.78 -7.45 -14.47
CA GLY A 75 -2.14 -7.24 -14.80
C GLY A 75 -3.13 -7.83 -13.83
N GLN A 76 -2.66 -8.20 -12.65
CA GLN A 76 -3.57 -8.65 -11.60
C GLN A 76 -3.99 -7.44 -10.77
N GLU A 77 -5.05 -7.59 -10.02
CA GLU A 77 -5.48 -6.53 -9.14
C GLU A 77 -5.30 -6.96 -7.71
N THR A 78 -5.46 -6.03 -6.83
CA THR A 78 -5.38 -6.23 -5.42
C THR A 78 -5.97 -5.00 -4.76
N ASN A 79 -6.78 -5.20 -3.81
CA ASN A 79 -7.33 -4.11 -3.00
C ASN A 79 -7.50 -4.62 -1.59
N VAL A 80 -6.47 -4.46 -0.75
CA VAL A 80 -6.56 -5.23 0.52
C VAL A 80 -6.01 -4.69 1.83
N PRO A 81 -6.88 -4.77 2.87
CA PRO A 81 -6.59 -4.47 4.26
C PRO A 81 -5.41 -5.23 4.74
N LEU A 82 -4.38 -4.52 4.88
CA LEU A 82 -3.14 -5.02 5.29
C LEU A 82 -2.77 -4.54 6.70
N ASN A 83 -3.84 -4.45 7.48
CA ASN A 83 -3.91 -4.04 8.90
C ASN A 83 -2.76 -4.54 9.82
N ASN A 84 -2.24 -5.67 9.53
CA ASN A 84 -1.28 -6.34 10.43
C ASN A 84 0.18 -6.14 10.06
N PHE A 85 0.50 -5.13 9.30
CA PHE A 85 1.87 -4.87 8.98
C PHE A 85 2.26 -3.46 9.35
N SER A 86 3.47 -3.34 9.76
CA SER A 86 4.07 -2.10 10.15
C SER A 86 4.62 -1.36 8.91
N ALA A 87 5.10 -0.12 9.10
CA ALA A 87 5.59 0.78 8.05
C ALA A 87 6.55 0.10 7.03
N ASP A 88 7.61 -0.49 7.54
CA ASP A 88 8.66 -1.09 6.70
C ASP A 88 8.13 -2.35 6.07
N GLN A 89 7.28 -3.03 6.80
CA GLN A 89 6.70 -4.27 6.33
C GLN A 89 5.81 -4.02 5.17
N VAL A 90 4.89 -3.09 5.30
CA VAL A 90 4.02 -2.79 4.19
C VAL A 90 4.81 -2.29 2.99
N THR A 91 5.82 -1.47 3.21
CA THR A 91 6.59 -0.98 2.07
C THR A 91 7.44 -2.04 1.36
N ARG A 92 8.12 -2.80 2.12
CA ARG A 92 8.99 -3.81 1.57
C ARG A 92 8.19 -4.99 1.04
N ALA A 93 7.17 -5.39 1.77
CA ALA A 93 6.29 -6.46 1.30
C ALA A 93 5.57 -6.02 0.07
N LEU A 94 5.24 -4.70 -0.03
CA LEU A 94 4.66 -4.16 -1.25
C LEU A 94 5.58 -4.40 -2.39
N GLU A 95 6.80 -3.95 -2.25
CA GLU A 95 7.78 -4.03 -3.34
C GLU A 95 7.99 -5.49 -3.75
N ASN A 96 8.04 -6.35 -2.77
CA ASN A 96 8.10 -7.77 -2.97
C ASN A 96 6.92 -8.26 -3.85
N VAL A 97 5.70 -8.04 -3.36
CA VAL A 97 4.52 -8.44 -4.10
C VAL A 97 4.38 -7.79 -5.40
N LEU A 98 4.62 -6.57 -5.47
CA LEU A 98 4.27 -5.91 -6.66
C LEU A 98 5.30 -5.82 -7.69
N SER A 99 6.48 -6.08 -7.35
CA SER A 99 7.44 -6.09 -8.35
C SER A 99 7.69 -7.49 -8.83
N GLY A 100 7.34 -8.51 -8.02
CA GLY A 100 7.52 -9.82 -8.54
C GLY A 100 6.66 -10.89 -7.93
N LYS A 101 5.73 -10.58 -7.04
CA LYS A 101 5.02 -11.70 -6.40
C LYS A 101 3.68 -11.89 -7.07
N ALA A 102 2.88 -10.91 -6.79
CA ALA A 102 1.54 -10.66 -7.32
C ALA A 102 0.75 -11.89 -7.77
N GLY A 18 7.01 -2.49 -9.70
CA GLY A 18 6.57 -3.82 -10.13
C GLY A 18 5.19 -3.80 -10.74
N LEU A 19 4.62 -2.63 -10.85
CA LEU A 19 3.28 -2.54 -11.28
C LEU A 19 2.97 -1.23 -11.94
N ARG A 20 1.72 -1.09 -12.30
CA ARG A 20 1.25 0.09 -12.94
C ARG A 20 0.65 1.01 -11.92
N GLU A 21 0.20 0.46 -10.77
CA GLU A 21 -0.29 1.38 -9.71
C GLU A 21 -0.42 0.77 -8.32
N ILE A 22 -0.04 1.58 -7.30
CA ILE A 22 -0.40 1.30 -5.92
C ILE A 22 -1.22 2.45 -5.45
N ARG A 23 -2.32 2.14 -4.94
CA ARG A 23 -3.23 3.11 -4.52
C ARG A 23 -3.87 2.68 -3.22
N ILE A 24 -3.45 3.32 -2.14
CA ILE A 24 -3.93 2.97 -0.83
C ILE A 24 -5.37 3.40 -0.76
N HIS A 25 -6.12 2.71 -0.03
CA HIS A 25 -7.43 3.13 0.33
C HIS A 25 -7.32 3.34 1.80
N LEU A 26 -7.55 4.53 2.26
CA LEU A 26 -7.40 4.82 3.67
C LEU A 26 -8.75 4.78 4.41
N CYS A 27 -9.10 5.90 5.02
CA CYS A 27 -10.24 6.04 5.94
C CYS A 27 -9.94 5.45 7.30
N GLN A 28 -9.54 6.30 8.22
CA GLN A 28 -9.16 5.92 9.59
C GLN A 28 -10.39 5.64 10.49
N ARG A 29 -11.49 5.28 9.86
CA ARG A 29 -12.76 5.11 10.53
C ARG A 29 -12.84 3.82 11.34
N SER A 30 -12.15 2.80 10.90
CA SER A 30 -12.23 1.52 11.54
C SER A 30 -10.86 1.13 12.19
N PRO A 31 -10.75 -0.08 12.89
CA PRO A 31 -9.55 -0.59 13.58
C PRO A 31 -8.21 0.05 13.18
N GLY A 32 -7.60 0.70 14.17
CA GLY A 32 -6.37 1.43 14.01
C GLY A 32 -5.27 0.64 13.36
N SER A 33 -4.66 1.26 12.40
CA SER A 33 -3.60 0.66 11.68
C SER A 33 -2.38 1.53 11.79
N GLN A 34 -1.45 1.06 12.55
CA GLN A 34 -0.33 1.86 12.96
C GLN A 34 0.83 1.72 12.04
N GLY A 35 1.10 0.53 11.61
CA GLY A 35 2.15 0.33 10.69
C GLY A 35 1.76 0.91 9.37
N VAL A 36 0.49 0.85 9.10
CA VAL A 36 -0.04 1.39 7.92
C VAL A 36 0.07 2.91 7.95
N ARG A 37 -0.49 3.57 8.97
CA ARG A 37 -0.36 5.04 9.13
C ARG A 37 1.10 5.48 9.10
N ASP A 38 1.94 4.70 9.71
CA ASP A 38 3.39 4.93 9.69
C ASP A 38 3.85 5.04 8.29
N PHE A 39 3.47 4.08 7.52
CA PHE A 39 3.71 4.08 6.11
C PHE A 39 3.16 5.35 5.54
N ILE A 40 1.88 5.50 5.70
CA ILE A 40 1.08 6.60 5.10
C ILE A 40 1.74 7.98 5.38
N GLU A 41 2.33 8.14 6.56
CA GLU A 41 2.71 9.46 7.01
C GLU A 41 4.18 9.65 6.86
N LYS A 42 4.87 8.79 7.54
CA LYS A 42 6.28 8.88 7.68
C LYS A 42 6.95 8.26 6.53
N ARG A 43 6.48 7.09 6.20
CA ARG A 43 7.21 6.27 5.33
C ARG A 43 6.84 6.60 3.92
N TYR A 44 5.74 7.31 3.78
CA TYR A 44 5.21 7.85 2.50
C TYR A 44 6.27 8.30 1.52
N VAL A 45 6.97 9.31 1.87
CA VAL A 45 8.01 9.87 1.03
C VAL A 45 9.10 8.82 0.73
N GLU A 46 9.38 7.98 1.70
CA GLU A 46 10.30 6.87 1.52
C GLU A 46 9.70 5.77 0.65
N LEU A 47 8.38 5.58 0.63
CA LEU A 47 7.86 4.54 -0.23
C LEU A 47 7.75 5.02 -1.64
N LYS A 48 7.67 6.31 -1.79
CA LYS A 48 7.70 6.93 -3.10
C LYS A 48 9.13 6.87 -3.65
N LYS A 49 10.10 7.12 -2.77
CA LYS A 49 11.49 7.17 -3.18
C LYS A 49 12.11 5.77 -3.25
N ALA A 50 11.72 4.88 -2.34
CA ALA A 50 12.36 3.60 -2.25
C ALA A 50 11.72 2.59 -3.19
N ASN A 51 10.55 2.92 -3.69
CA ASN A 51 9.79 2.07 -4.54
C ASN A 51 9.46 2.94 -5.77
N PRO A 52 10.44 3.11 -6.69
CA PRO A 52 10.31 4.02 -7.86
C PRO A 52 9.27 3.57 -8.84
N ASP A 53 9.36 2.34 -9.19
CA ASP A 53 8.40 1.70 -10.13
C ASP A 53 7.15 1.24 -9.33
N LEU A 54 6.87 1.96 -8.29
CA LEU A 54 5.76 1.71 -7.48
C LEU A 54 4.96 3.03 -7.34
N PRO A 55 3.92 3.21 -8.17
CA PRO A 55 2.99 4.37 -8.09
C PRO A 55 2.37 4.53 -6.73
N ILE A 56 2.29 5.77 -6.28
CA ILE A 56 1.83 6.08 -4.93
C ILE A 56 0.55 6.94 -5.02
N LEU A 57 -0.61 6.32 -4.90
CA LEU A 57 -1.88 7.06 -4.89
C LEU A 57 -2.64 6.78 -3.59
N ILE A 58 -3.51 7.71 -3.17
CA ILE A 58 -4.25 7.56 -1.91
C ILE A 58 -5.76 7.74 -2.18
N ARG A 59 -6.53 6.81 -1.71
CA ARG A 59 -8.00 6.80 -1.82
C ARG A 59 -8.64 6.77 -0.47
N GLU A 60 -9.93 6.89 -0.45
CA GLU A 60 -10.69 6.89 0.77
C GLU A 60 -11.67 5.73 0.80
N CYS A 61 -11.53 4.87 1.81
CA CYS A 61 -12.52 3.83 2.15
C CYS A 61 -12.60 2.66 1.14
N SER A 62 -13.23 1.55 1.62
CA SER A 62 -13.61 0.33 0.85
C SER A 62 -13.87 -0.84 1.81
N ASP A 63 -12.89 -1.11 2.66
CA ASP A 63 -12.96 -2.17 3.66
C ASP A 63 -12.50 -1.51 4.92
N VAL A 64 -12.16 -2.28 5.97
CA VAL A 64 -11.82 -1.75 7.33
C VAL A 64 -11.05 -0.41 7.33
N GLN A 65 -9.87 -0.41 6.77
CA GLN A 65 -9.02 0.78 6.83
C GLN A 65 -7.81 0.73 5.88
N PRO A 66 -6.85 -0.18 6.06
CA PRO A 66 -5.61 -0.15 5.31
C PRO A 66 -5.64 -1.03 4.09
N LYS A 67 -6.28 -0.63 3.04
CA LYS A 67 -6.33 -1.49 1.88
C LYS A 67 -5.37 -0.96 0.86
N LEU A 68 -4.68 -1.83 0.23
CA LEU A 68 -3.76 -1.42 -0.79
C LEU A 68 -4.22 -1.89 -2.10
N TRP A 69 -4.59 -0.97 -2.93
CA TRP A 69 -4.98 -1.31 -4.24
C TRP A 69 -3.74 -1.40 -5.09
N ALA A 70 -3.65 -2.43 -5.85
CA ALA A 70 -2.58 -2.62 -6.75
C ALA A 70 -3.14 -3.09 -8.07
N ARG A 71 -2.62 -2.53 -9.13
CA ARG A 71 -2.94 -2.94 -10.44
C ARG A 71 -1.59 -3.07 -11.10
N TYR A 72 -1.15 -4.24 -11.11
CA TYR A 72 0.19 -4.60 -11.58
C TYR A 72 0.25 -4.58 -13.10
N ALA A 73 1.47 -4.58 -13.66
CA ALA A 73 1.65 -4.68 -15.12
C ALA A 73 1.64 -6.12 -15.55
N PHE A 74 1.63 -6.98 -14.55
CA PHE A 74 1.33 -8.38 -14.74
C PHE A 74 -0.15 -8.46 -15.11
N GLY A 75 -0.82 -7.35 -14.85
CA GLY A 75 -2.17 -7.14 -15.19
C GLY A 75 -3.09 -7.86 -14.26
N GLN A 76 -2.66 -7.92 -13.03
CA GLN A 76 -3.41 -8.50 -11.96
C GLN A 76 -3.80 -7.36 -11.05
N GLU A 77 -4.67 -7.61 -10.11
CA GLU A 77 -5.13 -6.55 -9.26
C GLU A 77 -5.38 -7.06 -7.85
N THR A 78 -5.49 -6.15 -6.93
CA THR A 78 -5.81 -6.45 -5.57
C THR A 78 -6.06 -5.14 -4.87
N ASN A 79 -6.85 -5.16 -3.85
CA ASN A 79 -7.14 -4.00 -3.03
C ASN A 79 -7.30 -4.50 -1.62
N VAL A 80 -6.24 -4.41 -0.82
CA VAL A 80 -6.28 -5.20 0.41
C VAL A 80 -5.84 -4.63 1.75
N PRO A 81 -6.74 -4.81 2.76
CA PRO A 81 -6.52 -4.53 4.18
C PRO A 81 -5.35 -5.30 4.68
N LEU A 82 -4.32 -4.59 4.84
CA LEU A 82 -3.08 -5.11 5.21
C LEU A 82 -2.64 -4.60 6.59
N ASN A 83 -3.65 -4.41 7.44
CA ASN A 83 -3.54 -3.90 8.84
C ASN A 83 -2.38 -4.46 9.68
N ASN A 84 -2.12 -5.69 9.56
CA ASN A 84 -1.16 -6.37 10.45
C ASN A 84 0.31 -6.22 10.06
N PHE A 85 0.64 -5.20 9.33
CA PHE A 85 2.00 -4.95 8.97
C PHE A 85 2.40 -3.57 9.44
N SER A 86 3.62 -3.44 9.84
CA SER A 86 4.18 -2.17 10.26
C SER A 86 4.70 -1.40 9.02
N ALA A 87 5.23 -0.17 9.22
CA ALA A 87 5.62 0.75 8.14
C ALA A 87 6.56 0.09 7.09
N ASP A 88 7.68 -0.42 7.56
CA ASP A 88 8.68 -1.06 6.69
C ASP A 88 8.17 -2.35 6.13
N GLN A 89 7.30 -2.98 6.88
CA GLN A 89 6.72 -4.23 6.46
C GLN A 89 5.78 -4.01 5.32
N VAL A 90 4.93 -3.02 5.40
CA VAL A 90 4.07 -2.73 4.29
C VAL A 90 4.85 -2.29 3.07
N THR A 91 5.87 -1.44 3.24
CA THR A 91 6.64 -0.98 2.08
C THR A 91 7.41 -2.12 1.38
N ARG A 92 8.01 -2.94 2.17
CA ARG A 92 8.83 -4.02 1.67
C ARG A 92 7.97 -5.19 1.20
N ALA A 93 6.90 -5.49 1.94
CA ALA A 93 5.98 -6.54 1.51
C ALA A 93 5.27 -6.10 0.25
N LEU A 94 4.99 -4.77 0.11
CA LEU A 94 4.48 -4.24 -1.15
C LEU A 94 5.43 -4.61 -2.23
N GLU A 95 6.66 -4.20 -2.07
CA GLU A 95 7.67 -4.45 -3.09
C GLU A 95 7.79 -5.92 -3.42
N ASN A 96 7.79 -6.74 -2.41
CA ASN A 96 7.76 -8.18 -2.57
C ASN A 96 6.60 -8.58 -3.46
N VAL A 97 5.37 -8.33 -2.97
CA VAL A 97 4.17 -8.69 -3.67
C VAL A 97 4.08 -8.15 -5.04
N LEU A 98 4.37 -6.93 -5.19
CA LEU A 98 4.03 -6.35 -6.43
C LEU A 98 5.08 -6.35 -7.44
N SER A 99 6.29 -6.32 -7.06
CA SER A 99 7.28 -6.38 -8.04
C SER A 99 7.43 -7.83 -8.52
N GLY A 100 7.07 -8.83 -7.68
CA GLY A 100 7.12 -10.15 -8.23
C GLY A 100 6.48 -11.25 -7.43
N LYS A 101 5.56 -10.94 -6.52
CA LYS A 101 5.00 -12.06 -5.72
C LYS A 101 3.67 -12.47 -6.28
N ALA A 102 2.98 -11.46 -6.64
CA ALA A 102 1.62 -11.46 -7.18
C ALA A 102 1.35 -12.63 -8.13
N GLY A 18 6.90 -2.27 -9.23
CA GLY A 18 6.89 -3.05 -10.48
C GLY A 18 5.48 -3.33 -10.89
N LEU A 19 4.69 -2.30 -10.96
CA LEU A 19 3.31 -2.42 -11.24
C LEU A 19 2.77 -1.19 -11.91
N ARG A 20 1.52 -1.26 -12.26
CA ARG A 20 0.88 -0.19 -12.95
C ARG A 20 0.29 0.79 -11.99
N GLU A 21 -0.04 0.33 -10.76
CA GLU A 21 -0.57 1.30 -9.74
C GLU A 21 -0.71 0.78 -8.34
N ILE A 22 -0.51 1.70 -7.35
CA ILE A 22 -0.87 1.44 -5.96
C ILE A 22 -1.79 2.53 -5.50
N ARG A 23 -2.91 2.15 -5.05
CA ARG A 23 -3.85 3.05 -4.50
C ARG A 23 -4.09 2.65 -3.07
N ILE A 24 -3.53 3.38 -2.16
CA ILE A 24 -3.75 3.09 -0.77
C ILE A 24 -5.08 3.62 -0.49
N HIS A 25 -5.86 2.87 0.10
CA HIS A 25 -7.07 3.37 0.56
C HIS A 25 -6.79 3.78 1.97
N LEU A 26 -6.93 5.04 2.26
CA LEU A 26 -6.52 5.60 3.50
C LEU A 26 -7.62 6.42 4.10
N CYS A 27 -7.85 6.19 5.35
CA CYS A 27 -8.81 6.92 6.10
C CYS A 27 -8.35 6.92 7.52
N GLN A 28 -9.04 7.64 8.35
CA GLN A 28 -8.84 7.60 9.77
C GLN A 28 -10.24 7.54 10.36
N ARG A 29 -11.06 6.77 9.69
CA ARG A 29 -12.46 6.69 9.97
C ARG A 29 -12.73 5.45 10.83
N SER A 30 -12.34 4.28 10.35
CA SER A 30 -12.62 3.05 11.05
C SER A 30 -11.35 2.58 11.80
N PRO A 31 -11.35 1.34 12.46
CA PRO A 31 -10.19 0.72 13.12
C PRO A 31 -8.81 1.21 12.63
N GLY A 32 -8.19 2.03 13.49
CA GLY A 32 -6.94 2.68 13.18
C GLY A 32 -5.86 1.73 12.75
N SER A 33 -5.17 2.09 11.71
CA SER A 33 -4.17 1.26 11.17
C SER A 33 -2.81 1.97 11.24
N GLN A 34 -1.92 1.35 11.95
CA GLN A 34 -0.65 1.92 12.32
C GLN A 34 0.36 1.56 11.31
N GLY A 35 0.15 0.40 10.71
CA GLY A 35 0.99 -0.04 9.67
C GLY A 35 0.87 0.90 8.54
N VAL A 36 -0.38 1.32 8.28
CA VAL A 36 -0.54 2.26 7.21
C VAL A 36 -0.05 3.60 7.60
N ARG A 37 -0.54 4.13 8.72
CA ARG A 37 -0.11 5.43 9.31
C ARG A 37 1.38 5.61 9.18
N ASP A 38 2.12 4.70 9.77
CA ASP A 38 3.57 4.76 9.73
C ASP A 38 4.09 4.68 8.34
N PHE A 39 3.51 3.84 7.52
CA PHE A 39 3.81 3.84 6.12
C PHE A 39 3.61 5.24 5.55
N ILE A 40 2.41 5.73 5.70
CA ILE A 40 1.91 7.00 5.13
C ILE A 40 2.76 8.21 5.63
N GLU A 41 3.31 8.09 6.81
CA GLU A 41 3.99 9.21 7.45
C GLU A 41 5.48 9.04 7.41
N LYS A 42 5.91 7.98 8.06
CA LYS A 42 7.31 7.67 8.30
C LYS A 42 7.97 7.21 7.02
N ARG A 43 7.26 6.46 6.22
CA ARG A 43 7.88 5.91 5.08
C ARG A 43 7.38 6.55 3.78
N TYR A 44 6.30 7.34 3.82
CA TYR A 44 5.65 7.94 2.57
C TYR A 44 6.60 8.35 1.43
N VAL A 45 7.32 9.40 1.64
CA VAL A 45 8.21 9.93 0.63
C VAL A 45 9.30 8.92 0.27
N GLU A 46 9.61 8.10 1.24
CA GLU A 46 10.58 7.06 1.10
C GLU A 46 9.97 5.88 0.35
N LEU A 47 8.65 5.67 0.40
CA LEU A 47 8.06 4.55 -0.32
C LEU A 47 7.76 4.97 -1.72
N LYS A 48 7.64 6.26 -1.87
CA LYS A 48 7.49 6.89 -3.15
C LYS A 48 8.82 6.74 -3.89
N LYS A 49 9.92 6.99 -3.18
CA LYS A 49 11.24 6.91 -3.76
C LYS A 49 11.75 5.47 -3.78
N ALA A 50 11.23 4.64 -2.88
CA ALA A 50 11.70 3.28 -2.75
C ALA A 50 11.22 2.42 -3.89
N ASN A 51 10.05 2.72 -4.35
CA ASN A 51 9.40 1.93 -5.31
C ASN A 51 9.01 2.84 -6.46
N PRO A 52 9.96 3.05 -7.38
CA PRO A 52 9.83 3.96 -8.53
C PRO A 52 8.70 3.58 -9.44
N ASP A 53 8.71 2.34 -9.80
CA ASP A 53 7.65 1.78 -10.63
C ASP A 53 6.49 1.29 -9.73
N LEU A 54 6.20 2.09 -8.74
CA LEU A 54 5.07 1.89 -7.90
C LEU A 54 4.36 3.25 -7.77
N PRO A 55 3.28 3.44 -8.52
CA PRO A 55 2.41 4.60 -8.35
C PRO A 55 1.89 4.74 -6.95
N ILE A 56 2.06 5.89 -6.39
CA ILE A 56 1.70 6.13 -5.00
C ILE A 56 0.43 7.01 -4.98
N LEU A 57 -0.74 6.40 -4.84
CA LEU A 57 -2.00 7.15 -4.78
C LEU A 57 -2.70 6.96 -3.45
N ILE A 58 -3.23 8.03 -2.91
CA ILE A 58 -4.01 8.00 -1.69
C ILE A 58 -5.48 8.07 -2.09
N ARG A 59 -6.20 7.08 -1.70
CA ARG A 59 -7.58 6.89 -2.05
C ARG A 59 -8.45 6.65 -0.83
N GLU A 60 -9.72 6.58 -1.05
CA GLU A 60 -10.74 6.44 0.00
C GLU A 60 -11.05 4.97 0.36
N CYS A 61 -11.77 4.77 1.44
CA CYS A 61 -12.08 3.45 1.96
C CYS A 61 -13.08 2.65 1.14
N SER A 62 -12.59 1.57 0.57
CA SER A 62 -13.44 0.61 -0.11
C SER A 62 -13.76 -0.56 0.85
N ASP A 63 -13.12 -0.53 2.03
CA ASP A 63 -13.30 -1.52 3.05
C ASP A 63 -12.89 -0.77 4.31
N VAL A 64 -12.85 -1.42 5.46
CA VAL A 64 -12.61 -0.78 6.78
C VAL A 64 -11.55 0.34 6.76
N GLN A 65 -10.31 0.00 6.45
CA GLN A 65 -9.20 0.95 6.73
C GLN A 65 -7.91 0.81 5.87
N PRO A 66 -7.06 -0.19 6.09
CA PRO A 66 -5.70 -0.23 5.51
C PRO A 66 -5.61 -1.08 4.25
N LYS A 67 -6.33 -0.76 3.24
CA LYS A 67 -6.34 -1.62 2.06
C LYS A 67 -5.40 -1.06 1.06
N LEU A 68 -4.69 -1.91 0.43
CA LEU A 68 -3.78 -1.50 -0.59
C LEU A 68 -4.23 -2.00 -1.89
N TRP A 69 -4.61 -1.11 -2.75
CA TRP A 69 -4.97 -1.50 -4.06
C TRP A 69 -3.72 -1.52 -4.90
N ALA A 70 -3.57 -2.55 -5.63
CA ALA A 70 -2.50 -2.73 -6.52
C ALA A 70 -3.05 -3.23 -7.83
N ARG A 71 -2.61 -2.66 -8.90
CA ARG A 71 -2.90 -3.17 -10.18
C ARG A 71 -1.56 -3.22 -10.84
N TYR A 72 -1.03 -4.35 -10.76
CA TYR A 72 0.32 -4.68 -11.22
C TYR A 72 0.44 -4.58 -12.75
N ALA A 73 1.67 -4.64 -13.25
CA ALA A 73 1.96 -4.53 -14.68
C ALA A 73 1.96 -5.86 -15.36
N PHE A 74 2.00 -6.91 -14.57
CA PHE A 74 1.68 -8.22 -15.09
C PHE A 74 0.16 -8.18 -15.34
N GLY A 75 -0.45 -7.23 -14.67
CA GLY A 75 -1.82 -6.94 -14.84
C GLY A 75 -2.70 -7.76 -13.95
N GLN A 76 -2.24 -7.96 -12.74
CA GLN A 76 -3.01 -8.62 -11.70
C GLN A 76 -3.48 -7.55 -10.74
N GLU A 77 -4.40 -7.88 -9.88
CA GLU A 77 -4.89 -6.91 -8.94
C GLU A 77 -4.61 -7.33 -7.51
N THR A 78 -4.85 -6.41 -6.62
CA THR A 78 -4.73 -6.57 -5.21
C THR A 78 -5.44 -5.40 -4.59
N ASN A 79 -6.22 -5.65 -3.62
CA ASN A 79 -6.92 -4.61 -2.88
C ASN A 79 -7.07 -5.06 -1.45
N VAL A 80 -6.12 -4.71 -0.59
CA VAL A 80 -6.17 -5.41 0.72
C VAL A 80 -5.77 -4.74 2.01
N PRO A 81 -6.71 -4.86 2.99
CA PRO A 81 -6.54 -4.49 4.39
C PRO A 81 -5.39 -5.22 4.96
N LEU A 82 -4.36 -4.52 5.09
CA LEU A 82 -3.13 -5.04 5.53
C LEU A 82 -2.76 -4.51 6.92
N ASN A 83 -3.81 -4.30 7.72
CA ASN A 83 -3.74 -3.79 9.12
C ASN A 83 -2.76 -4.57 10.00
N ASN A 84 -2.59 -5.79 9.67
CA ASN A 84 -1.77 -6.72 10.44
C ASN A 84 -0.30 -6.32 10.45
N PHE A 85 0.16 -5.68 9.40
CA PHE A 85 1.55 -5.34 9.27
C PHE A 85 1.80 -3.93 9.77
N SER A 86 3.02 -3.54 9.69
CA SER A 86 3.49 -2.26 10.18
C SER A 86 4.20 -1.51 9.04
N ALA A 87 4.64 -0.25 9.29
CA ALA A 87 5.27 0.67 8.29
C ALA A 87 6.22 -0.02 7.28
N ASP A 88 7.27 -0.57 7.80
CA ASP A 88 8.30 -1.15 6.98
C ASP A 88 7.88 -2.50 6.45
N GLN A 89 7.04 -3.19 7.18
CA GLN A 89 6.46 -4.44 6.72
C GLN A 89 5.54 -4.25 5.58
N VAL A 90 4.69 -3.26 5.64
CA VAL A 90 3.80 -3.00 4.55
C VAL A 90 4.59 -2.56 3.33
N THR A 91 5.62 -1.76 3.53
CA THR A 91 6.44 -1.34 2.40
C THR A 91 7.26 -2.47 1.79
N ARG A 92 7.73 -3.34 2.62
CA ARG A 92 8.51 -4.50 2.18
C ARG A 92 7.58 -5.50 1.54
N ALA A 93 6.42 -5.70 2.15
CA ALA A 93 5.39 -6.57 1.57
C ALA A 93 4.96 -6.04 0.24
N LEU A 94 4.78 -4.69 0.11
CA LEU A 94 4.52 -4.09 -1.20
C LEU A 94 5.57 -4.48 -2.16
N GLU A 95 6.81 -4.25 -1.81
CA GLU A 95 7.91 -4.48 -2.72
C GLU A 95 7.97 -5.94 -3.12
N ASN A 96 7.73 -6.79 -2.16
CA ASN A 96 7.63 -8.21 -2.38
C ASN A 96 6.60 -8.50 -3.46
N VAL A 97 5.35 -8.21 -3.15
CA VAL A 97 4.25 -8.47 -4.07
C VAL A 97 4.36 -7.75 -5.37
N LEU A 98 4.69 -6.51 -5.32
CA LEU A 98 4.52 -5.78 -6.51
C LEU A 98 5.68 -5.62 -7.36
N SER A 99 6.80 -5.70 -6.84
CA SER A 99 7.87 -5.59 -7.71
C SER A 99 8.45 -6.96 -8.01
N GLY A 100 8.01 -8.01 -7.26
CA GLY A 100 8.52 -9.30 -7.55
C GLY A 100 7.53 -10.44 -7.48
N LYS A 101 6.28 -10.20 -7.06
CA LYS A 101 5.40 -11.37 -6.93
C LYS A 101 4.53 -11.47 -8.12
N ALA A 102 3.78 -10.49 -8.24
CA ALA A 102 2.78 -10.37 -9.23
C ALA A 102 3.30 -9.63 -10.46
N GLY A 18 6.91 -2.92 -9.74
CA GLY A 18 6.68 -3.50 -11.08
C GLY A 18 5.22 -3.70 -11.37
N LEU A 19 4.48 -2.62 -11.33
CA LEU A 19 3.08 -2.66 -11.55
C LEU A 19 2.61 -1.41 -12.18
N ARG A 20 1.36 -1.39 -12.54
CA ARG A 20 0.81 -0.25 -13.21
C ARG A 20 0.36 0.73 -12.17
N GLU A 21 -0.10 0.23 -11.01
CA GLU A 21 -0.54 1.15 -9.95
C GLU A 21 -0.66 0.57 -8.55
N ILE A 22 -0.34 1.41 -7.56
CA ILE A 22 -0.69 1.18 -6.15
C ILE A 22 -1.48 2.36 -5.66
N ARG A 23 -2.59 2.08 -5.10
CA ARG A 23 -3.44 3.06 -4.53
C ARG A 23 -3.81 2.66 -3.14
N ILE A 24 -3.21 3.30 -2.19
CA ILE A 24 -3.49 3.02 -0.82
C ILE A 24 -4.82 3.57 -0.49
N HIS A 25 -5.68 2.75 -0.07
CA HIS A 25 -6.94 3.24 0.37
C HIS A 25 -6.79 3.43 1.85
N LEU A 26 -6.93 4.65 2.31
CA LEU A 26 -6.63 5.01 3.68
C LEU A 26 -7.92 5.29 4.52
N CYS A 27 -7.91 6.43 5.24
CA CYS A 27 -8.88 6.85 6.26
C CYS A 27 -8.57 6.17 7.59
N GLN A 28 -9.24 6.59 8.63
CA GLN A 28 -9.13 5.97 9.92
C GLN A 28 -10.51 5.99 10.57
N ARG A 29 -11.40 5.21 9.99
CA ARG A 29 -12.80 5.15 10.43
C ARG A 29 -13.10 3.86 11.19
N SER A 30 -12.40 2.83 10.87
CA SER A 30 -12.58 1.53 11.47
C SER A 30 -11.34 1.34 12.43
N PRO A 31 -11.08 0.13 13.05
CA PRO A 31 -9.87 -0.16 13.86
C PRO A 31 -8.56 0.51 13.37
N GLY A 32 -7.70 0.83 14.33
CA GLY A 32 -6.44 1.49 14.07
C GLY A 32 -5.62 0.76 13.05
N SER A 33 -5.18 1.47 12.06
CA SER A 33 -4.42 0.90 11.02
C SER A 33 -3.01 1.43 11.01
N GLN A 34 -2.14 0.58 11.44
CA GLN A 34 -0.80 0.96 11.79
C GLN A 34 0.10 0.77 10.65
N GLY A 35 -0.13 -0.32 9.90
CA GLY A 35 0.59 -0.56 8.69
C GLY A 35 0.51 0.65 7.85
N VAL A 36 -0.71 1.15 7.71
CA VAL A 36 -0.86 2.34 6.90
C VAL A 36 -0.30 3.53 7.57
N ARG A 37 -0.81 3.88 8.73
CA ARG A 37 -0.39 5.06 9.55
C ARG A 37 1.10 5.24 9.53
N ASP A 38 1.82 4.21 9.92
CA ASP A 38 3.27 4.26 9.96
C ASP A 38 3.80 4.47 8.60
N PHE A 39 3.29 3.73 7.64
CA PHE A 39 3.63 3.94 6.26
C PHE A 39 3.39 5.41 5.89
N ILE A 40 2.18 5.84 6.07
CA ILE A 40 1.69 7.19 5.69
C ILE A 40 2.54 8.31 6.38
N GLU A 41 3.09 7.99 7.53
CA GLU A 41 3.67 8.99 8.41
C GLU A 41 5.18 8.99 8.34
N LYS A 42 5.73 7.85 8.61
CA LYS A 42 7.15 7.67 8.71
C LYS A 42 7.73 7.38 7.37
N ARG A 43 6.98 6.71 6.56
CA ARG A 43 7.52 6.13 5.41
C ARG A 43 7.00 6.74 4.10
N TYR A 44 5.80 7.39 4.10
CA TYR A 44 5.13 7.85 2.81
C TYR A 44 6.03 8.36 1.70
N VAL A 45 6.54 9.52 1.88
CA VAL A 45 7.36 10.16 0.87
C VAL A 45 8.66 9.36 0.63
N GLU A 46 9.12 8.70 1.67
CA GLU A 46 10.27 7.83 1.57
C GLU A 46 9.91 6.57 0.80
N LEU A 47 8.67 6.10 0.84
CA LEU A 47 8.35 4.89 0.12
C LEU A 47 8.05 5.25 -1.31
N LYS A 48 7.61 6.48 -1.48
CA LYS A 48 7.34 7.01 -2.78
C LYS A 48 8.65 7.15 -3.53
N LYS A 49 9.70 7.54 -2.82
CA LYS A 49 11.01 7.62 -3.42
C LYS A 49 11.71 6.28 -3.37
N ALA A 50 11.29 5.43 -2.43
CA ALA A 50 11.92 4.16 -2.20
C ALA A 50 11.71 3.22 -3.36
N ASN A 51 10.46 3.17 -3.80
CA ASN A 51 10.04 2.30 -4.84
C ASN A 51 9.45 3.20 -5.94
N PRO A 52 10.31 3.76 -6.79
CA PRO A 52 9.92 4.67 -7.90
C PRO A 52 9.24 3.91 -9.02
N ASP A 53 9.63 2.68 -9.09
CA ASP A 53 9.04 1.67 -10.01
C ASP A 53 7.62 1.26 -9.52
N LEU A 54 7.20 1.89 -8.44
CA LEU A 54 5.95 1.61 -7.80
C LEU A 54 5.09 2.92 -7.80
N PRO A 55 4.01 2.97 -8.61
CA PRO A 55 2.99 4.05 -8.52
C PRO A 55 2.36 4.12 -7.16
N ILE A 56 2.35 5.28 -6.58
CA ILE A 56 1.91 5.44 -5.20
C ILE A 56 0.91 6.59 -5.08
N LEU A 57 -0.35 6.21 -5.08
CA LEU A 57 -1.45 7.15 -4.95
C LEU A 57 -2.13 6.93 -3.61
N ILE A 58 -2.31 7.99 -2.85
CA ILE A 58 -2.92 7.94 -1.54
C ILE A 58 -4.44 8.19 -1.77
N ARG A 59 -5.22 7.21 -1.47
CA ARG A 59 -6.65 7.20 -1.76
C ARG A 59 -7.50 7.03 -0.50
N GLU A 60 -8.78 7.15 -0.67
CA GLU A 60 -9.73 7.13 0.43
C GLU A 60 -10.23 5.73 0.77
N CYS A 61 -10.90 5.67 1.89
CA CYS A 61 -11.50 4.48 2.43
C CYS A 61 -12.63 3.92 1.57
N SER A 62 -12.28 3.02 0.67
CA SER A 62 -13.24 2.31 -0.12
C SER A 62 -14.05 1.36 0.78
N ASP A 63 -13.36 0.77 1.75
CA ASP A 63 -13.94 -0.17 2.65
C ASP A 63 -13.17 -0.02 3.96
N VAL A 64 -13.25 -1.04 4.81
CA VAL A 64 -12.76 -1.08 6.19
C VAL A 64 -11.75 -0.04 6.59
N GLN A 65 -10.56 -0.23 6.16
CA GLN A 65 -9.43 0.57 6.69
C GLN A 65 -8.14 0.70 5.83
N PRO A 66 -7.15 -0.22 5.90
CA PRO A 66 -5.86 -0.01 5.27
C PRO A 66 -5.66 -0.91 4.06
N LYS A 67 -6.18 -0.54 2.96
CA LYS A 67 -6.19 -1.48 1.83
C LYS A 67 -5.13 -1.10 0.83
N LEU A 68 -4.52 -2.09 0.30
CA LEU A 68 -3.51 -1.92 -0.68
C LEU A 68 -4.11 -2.17 -2.01
N TRP A 69 -4.43 -1.15 -2.74
CA TRP A 69 -4.92 -1.41 -4.04
C TRP A 69 -3.75 -1.54 -4.97
N ALA A 70 -3.63 -2.67 -5.54
CA ALA A 70 -2.61 -2.94 -6.47
C ALA A 70 -3.24 -3.37 -7.77
N ARG A 71 -2.73 -2.85 -8.85
CA ARG A 71 -3.09 -3.28 -10.12
C ARG A 71 -1.76 -3.38 -10.85
N TYR A 72 -1.28 -4.54 -10.83
CA TYR A 72 0.03 -4.89 -11.34
C TYR A 72 0.00 -4.95 -12.86
N ALA A 73 1.18 -4.85 -13.49
CA ALA A 73 1.29 -4.99 -14.96
C ALA A 73 1.48 -6.43 -15.32
N PHE A 74 1.42 -7.25 -14.30
CA PHE A 74 1.29 -8.67 -14.48
C PHE A 74 -0.19 -8.91 -14.80
N GLY A 75 -0.95 -7.82 -14.66
CA GLY A 75 -2.34 -7.79 -14.94
C GLY A 75 -3.14 -8.52 -13.90
N GLN A 76 -2.80 -8.20 -12.68
CA GLN A 76 -3.40 -8.78 -11.51
C GLN A 76 -3.77 -7.65 -10.59
N GLU A 77 -4.65 -7.89 -9.66
CA GLU A 77 -5.08 -6.84 -8.78
C GLU A 77 -5.26 -7.36 -7.37
N THR A 78 -5.43 -6.44 -6.47
CA THR A 78 -5.78 -6.72 -5.11
C THR A 78 -6.06 -5.38 -4.43
N ASN A 79 -6.88 -5.36 -3.43
CA ASN A 79 -7.14 -4.15 -2.65
C ASN A 79 -7.26 -4.58 -1.22
N VAL A 80 -6.15 -4.58 -0.52
CA VAL A 80 -6.15 -5.33 0.74
C VAL A 80 -5.65 -4.72 2.02
N PRO A 81 -6.52 -4.82 3.05
CA PRO A 81 -6.25 -4.47 4.43
C PRO A 81 -4.99 -5.11 4.93
N LEU A 82 -4.00 -4.29 4.97
CA LEU A 82 -2.66 -4.60 5.31
C LEU A 82 -2.38 -4.19 6.77
N ASN A 83 -3.48 -4.13 7.51
CA ASN A 83 -3.56 -3.66 8.92
C ASN A 83 -2.52 -4.28 9.83
N ASN A 84 -2.27 -5.53 9.64
CA ASN A 84 -1.40 -6.34 10.52
C ASN A 84 0.07 -5.93 10.47
N PHE A 85 0.50 -5.27 9.41
CA PHE A 85 1.89 -4.89 9.27
C PHE A 85 2.15 -3.53 9.91
N SER A 86 3.25 -2.95 9.52
CA SER A 86 3.69 -1.66 9.95
C SER A 86 4.39 -1.01 8.74
N ALA A 87 4.94 0.19 8.91
CA ALA A 87 5.51 1.01 7.83
C ALA A 87 6.48 0.24 6.90
N ASP A 88 7.55 -0.28 7.47
CA ASP A 88 8.57 -1.00 6.69
C ASP A 88 8.01 -2.23 6.07
N GLN A 89 7.32 -3.02 6.89
CA GLN A 89 6.68 -4.25 6.47
C GLN A 89 5.74 -4.07 5.35
N VAL A 90 4.93 -3.04 5.38
CA VAL A 90 4.06 -2.82 4.26
C VAL A 90 4.87 -2.45 3.04
N THR A 91 5.82 -1.53 3.16
CA THR A 91 6.57 -1.10 1.98
C THR A 91 7.43 -2.20 1.35
N ARG A 92 7.90 -3.07 2.18
CA ARG A 92 8.71 -4.17 1.74
C ARG A 92 7.82 -5.22 1.14
N ALA A 93 6.70 -5.48 1.82
CA ALA A 93 5.67 -6.39 1.28
C ALA A 93 5.16 -5.87 -0.04
N LEU A 94 4.99 -4.52 -0.14
CA LEU A 94 4.66 -3.87 -1.42
C LEU A 94 5.61 -4.33 -2.45
N GLU A 95 6.86 -4.07 -2.20
CA GLU A 95 7.90 -4.32 -3.19
C GLU A 95 7.92 -5.81 -3.55
N ASN A 96 7.80 -6.64 -2.54
CA ASN A 96 7.68 -8.07 -2.70
C ASN A 96 6.53 -8.38 -3.69
N VAL A 97 5.30 -8.05 -3.28
CA VAL A 97 4.13 -8.32 -4.06
C VAL A 97 4.14 -7.74 -5.40
N LEU A 98 4.55 -6.55 -5.50
CA LEU A 98 4.29 -5.89 -6.71
C LEU A 98 5.38 -5.88 -7.69
N SER A 99 6.54 -6.14 -7.29
CA SER A 99 7.51 -6.22 -8.29
C SER A 99 7.61 -7.67 -8.73
N GLY A 100 7.13 -8.61 -7.90
CA GLY A 100 7.09 -9.94 -8.41
C GLY A 100 6.48 -10.96 -7.51
N LYS A 101 5.50 -10.62 -6.68
CA LYS A 101 4.95 -11.71 -5.84
C LYS A 101 3.71 -12.26 -6.43
N ALA A 102 3.03 -11.42 -7.08
CA ALA A 102 1.81 -11.74 -7.72
C ALA A 102 2.04 -12.68 -8.90
N GLY A 18 6.48 -2.48 -9.50
CA GLY A 18 6.17 -2.79 -10.91
C GLY A 18 4.69 -2.83 -11.12
N LEU A 19 4.06 -1.69 -11.14
CA LEU A 19 2.64 -1.66 -11.22
C LEU A 19 2.18 -0.57 -12.10
N ARG A 20 0.91 -0.55 -12.25
CA ARG A 20 0.23 0.49 -12.89
C ARG A 20 -0.38 1.34 -11.79
N GLU A 21 -0.70 0.70 -10.63
CA GLU A 21 -1.32 1.47 -9.48
C GLU A 21 -0.97 0.91 -8.09
N ILE A 22 -0.63 1.80 -7.13
CA ILE A 22 -0.78 1.49 -5.72
C ILE A 22 -1.65 2.56 -5.13
N ARG A 23 -2.82 2.19 -4.88
CA ARG A 23 -3.77 3.08 -4.35
C ARG A 23 -4.14 2.62 -2.98
N ILE A 24 -3.64 3.30 -2.02
CA ILE A 24 -3.96 2.96 -0.66
C ILE A 24 -5.33 3.44 -0.43
N HIS A 25 -6.11 2.66 0.16
CA HIS A 25 -7.36 3.14 0.59
C HIS A 25 -7.13 3.61 2.01
N LEU A 26 -7.34 4.88 2.26
CA LEU A 26 -7.00 5.49 3.53
C LEU A 26 -8.08 6.45 3.98
N CYS A 27 -8.25 6.56 5.28
CA CYS A 27 -9.13 7.50 5.97
C CYS A 27 -9.13 7.06 7.42
N GLN A 28 -10.00 7.59 8.24
CA GLN A 28 -10.04 7.16 9.61
C GLN A 28 -11.48 7.08 10.12
N ARG A 29 -12.03 5.90 10.04
CA ARG A 29 -13.41 5.64 10.45
C ARG A 29 -13.53 4.32 11.24
N SER A 30 -12.79 3.32 10.84
CA SER A 30 -12.86 2.03 11.46
C SER A 30 -11.49 1.72 12.14
N PRO A 31 -11.27 0.48 12.73
CA PRO A 31 -9.99 0.02 13.31
C PRO A 31 -8.72 0.77 12.84
N GLY A 32 -8.19 1.61 13.73
CA GLY A 32 -7.06 2.46 13.43
C GLY A 32 -5.86 1.66 13.06
N SER A 33 -5.29 1.95 11.94
CA SER A 33 -4.19 1.21 11.45
C SER A 33 -2.92 2.04 11.50
N GLN A 34 -2.02 1.55 12.26
CA GLN A 34 -0.80 2.24 12.62
C GLN A 34 0.26 1.91 11.66
N GLY A 35 0.30 0.66 11.25
CA GLY A 35 1.24 0.23 10.28
C GLY A 35 1.00 0.96 9.00
N VAL A 36 -0.28 1.21 8.70
CA VAL A 36 -0.56 1.93 7.50
C VAL A 36 -0.17 3.37 7.69
N ARG A 37 -0.65 4.00 8.78
CA ARG A 37 -0.28 5.38 9.17
C ARG A 37 1.20 5.62 9.04
N ASP A 38 1.94 4.75 9.66
CA ASP A 38 3.40 4.79 9.62
C ASP A 38 3.90 4.79 8.24
N PHE A 39 3.38 3.90 7.44
CA PHE A 39 3.67 3.91 6.04
C PHE A 39 3.32 5.27 5.46
N ILE A 40 2.06 5.64 5.64
CA ILE A 40 1.45 6.87 5.11
C ILE A 40 2.32 8.12 5.42
N GLU A 41 2.94 8.16 6.60
CA GLU A 41 3.63 9.35 7.03
C GLU A 41 5.14 9.22 6.97
N LYS A 42 5.63 8.26 7.74
CA LYS A 42 7.04 8.05 7.95
C LYS A 42 7.64 7.44 6.74
N ARG A 43 6.91 6.53 6.15
CA ARG A 43 7.48 5.76 5.15
C ARG A 43 7.14 6.30 3.78
N TYR A 44 6.06 7.05 3.69
CA TYR A 44 5.53 7.64 2.42
C TYR A 44 6.58 8.11 1.42
N VAL A 45 7.37 9.04 1.82
CA VAL A 45 8.37 9.62 0.97
C VAL A 45 9.44 8.57 0.59
N GLU A 46 9.69 7.66 1.51
CA GLU A 46 10.61 6.56 1.33
C GLU A 46 9.88 5.45 0.56
N LEU A 47 8.59 5.54 0.48
CA LEU A 47 7.78 4.59 -0.22
C LEU A 47 7.76 4.96 -1.66
N LYS A 48 7.71 6.23 -1.90
CA LYS A 48 7.76 6.74 -3.22
C LYS A 48 9.18 6.59 -3.76
N LYS A 49 10.16 6.86 -2.92
CA LYS A 49 11.53 6.82 -3.36
C LYS A 49 12.08 5.41 -3.39
N ALA A 50 11.68 4.54 -2.44
CA ALA A 50 12.36 3.28 -2.35
C ALA A 50 11.66 2.21 -3.16
N ASN A 51 10.55 2.59 -3.74
CA ASN A 51 9.73 1.75 -4.54
C ASN A 51 9.45 2.61 -5.77
N PRO A 52 10.35 2.55 -6.73
CA PRO A 52 10.32 3.41 -7.93
C PRO A 52 9.08 3.27 -8.74
N ASP A 53 8.90 2.13 -9.27
CA ASP A 53 7.73 1.85 -10.10
C ASP A 53 6.60 1.33 -9.21
N LEU A 54 6.35 2.09 -8.19
CA LEU A 54 5.31 1.85 -7.27
C LEU A 54 4.46 3.13 -7.28
N PRO A 55 3.37 3.17 -8.05
CA PRO A 55 2.47 4.32 -8.07
C PRO A 55 1.93 4.65 -6.72
N ILE A 56 2.11 5.86 -6.32
CA ILE A 56 1.75 6.26 -4.95
C ILE A 56 0.48 7.15 -4.99
N LEU A 57 -0.68 6.54 -4.76
CA LEU A 57 -1.96 7.27 -4.74
C LEU A 57 -2.70 6.99 -3.44
N ILE A 58 -3.29 8.03 -2.86
CA ILE A 58 -4.07 7.92 -1.64
C ILE A 58 -5.55 8.02 -1.96
N ARG A 59 -6.25 6.98 -1.65
CA ARG A 59 -7.68 6.90 -1.84
C ARG A 59 -8.39 6.99 -0.50
N GLU A 60 -9.69 7.07 -0.54
CA GLU A 60 -10.54 7.29 0.62
C GLU A 60 -11.34 6.06 1.04
N CYS A 61 -12.01 6.19 2.21
CA CYS A 61 -12.89 5.15 2.83
C CYS A 61 -13.55 4.25 1.82
N SER A 62 -13.47 2.97 2.07
CA SER A 62 -13.90 1.97 1.14
C SER A 62 -14.34 0.66 1.82
N ASP A 63 -13.67 0.25 2.92
CA ASP A 63 -13.99 -1.00 3.60
C ASP A 63 -13.77 -0.73 5.08
N VAL A 64 -12.88 -1.45 5.73
CA VAL A 64 -12.54 -1.10 7.10
C VAL A 64 -11.61 0.09 7.09
N GLN A 65 -10.36 -0.13 6.70
CA GLN A 65 -9.34 0.88 6.87
C GLN A 65 -8.23 0.88 5.80
N PRO A 66 -7.13 0.09 5.92
CA PRO A 66 -6.00 0.22 5.06
C PRO A 66 -5.94 -0.88 4.01
N LYS A 67 -6.55 -0.66 2.91
CA LYS A 67 -6.57 -1.69 1.90
C LYS A 67 -5.61 -1.30 0.83
N LEU A 68 -4.94 -2.27 0.32
CA LEU A 68 -3.90 -2.06 -0.62
C LEU A 68 -4.41 -2.28 -1.97
N TRP A 69 -4.67 -1.27 -2.71
CA TRP A 69 -5.02 -1.52 -4.05
C TRP A 69 -3.76 -1.55 -4.87
N ALA A 70 -3.51 -2.66 -5.44
CA ALA A 70 -2.41 -2.87 -6.27
C ALA A 70 -2.91 -3.28 -7.62
N ARG A 71 -2.33 -2.77 -8.64
CA ARG A 71 -2.68 -3.10 -9.97
C ARG A 71 -1.40 -3.04 -10.68
N TYR A 72 -0.82 -4.14 -10.83
CA TYR A 72 0.51 -4.21 -11.39
C TYR A 72 0.48 -4.07 -12.90
N ALA A 73 1.63 -3.87 -13.49
CA ALA A 73 1.77 -3.87 -14.95
C ALA A 73 2.05 -5.27 -15.41
N PHE A 74 2.25 -6.15 -14.44
CA PHE A 74 2.25 -7.56 -14.71
C PHE A 74 0.78 -7.90 -14.99
N GLY A 75 -0.08 -7.05 -14.44
CA GLY A 75 -1.48 -7.06 -14.72
C GLY A 75 -2.32 -7.88 -13.77
N GLN A 76 -1.76 -8.20 -12.62
CA GLN A 76 -2.54 -8.83 -11.56
C GLN A 76 -3.00 -7.72 -10.64
N GLU A 77 -4.01 -7.96 -9.85
CA GLU A 77 -4.45 -6.95 -8.94
C GLU A 77 -4.45 -7.45 -7.51
N THR A 78 -4.60 -6.53 -6.62
CA THR A 78 -4.61 -6.74 -5.21
C THR A 78 -5.43 -5.60 -4.63
N ASN A 79 -6.28 -5.89 -3.72
CA ASN A 79 -7.04 -4.86 -3.00
C ASN A 79 -7.22 -5.31 -1.59
N VAL A 80 -6.27 -4.97 -0.70
CA VAL A 80 -6.35 -5.63 0.64
C VAL A 80 -5.82 -4.97 1.90
N PRO A 81 -6.67 -5.02 2.97
CA PRO A 81 -6.35 -4.63 4.33
C PRO A 81 -5.01 -5.15 4.74
N LEU A 82 -4.12 -4.24 4.87
CA LEU A 82 -2.77 -4.49 5.21
C LEU A 82 -2.54 -4.03 6.66
N ASN A 83 -3.64 -4.05 7.40
CA ASN A 83 -3.77 -3.53 8.78
C ASN A 83 -2.76 -4.10 9.75
N ASN A 84 -2.34 -5.27 9.49
CA ASN A 84 -1.49 -5.99 10.40
C ASN A 84 -0.01 -5.68 10.19
N PHE A 85 0.31 -5.16 9.04
CA PHE A 85 1.67 -4.91 8.71
C PHE A 85 2.04 -3.50 9.08
N SER A 86 3.23 -3.37 9.51
CA SER A 86 3.82 -2.13 9.91
C SER A 86 4.40 -1.37 8.71
N ALA A 87 4.86 -0.12 8.94
CA ALA A 87 5.36 0.81 7.92
C ALA A 87 6.34 0.17 6.91
N ASP A 88 7.44 -0.29 7.44
CA ASP A 88 8.52 -0.83 6.63
C ASP A 88 8.08 -2.12 6.00
N GLN A 89 7.41 -2.96 6.78
CA GLN A 89 6.86 -4.21 6.28
C GLN A 89 5.92 -4.02 5.15
N VAL A 90 4.96 -3.09 5.25
CA VAL A 90 4.07 -2.87 4.12
C VAL A 90 4.86 -2.44 2.91
N THR A 91 5.76 -1.47 3.04
CA THR A 91 6.49 -1.03 1.84
C THR A 91 7.33 -2.12 1.15
N ARG A 92 7.94 -2.92 1.94
CA ARG A 92 8.79 -3.98 1.44
C ARG A 92 7.92 -5.13 0.96
N ALA A 93 6.89 -5.47 1.75
CA ALA A 93 5.94 -6.53 1.34
C ALA A 93 5.23 -6.14 0.07
N LEU A 94 4.95 -4.81 -0.09
CA LEU A 94 4.46 -4.29 -1.36
C LEU A 94 5.40 -4.70 -2.43
N GLU A 95 6.64 -4.28 -2.28
CA GLU A 95 7.64 -4.55 -3.31
C GLU A 95 7.77 -6.05 -3.59
N ASN A 96 7.74 -6.81 -2.54
CA ASN A 96 7.74 -8.25 -2.61
C ASN A 96 6.60 -8.71 -3.52
N VAL A 97 5.38 -8.44 -3.08
CA VAL A 97 4.19 -8.87 -3.79
C VAL A 97 4.08 -8.36 -5.18
N LEU A 98 4.36 -7.14 -5.37
CA LEU A 98 4.05 -6.58 -6.64
C LEU A 98 5.14 -6.56 -7.62
N SER A 99 6.32 -6.40 -7.19
CA SER A 99 7.37 -6.36 -8.11
C SER A 99 7.83 -7.78 -8.45
N GLY A 100 7.41 -8.79 -7.64
CA GLY A 100 7.73 -10.12 -8.07
C GLY A 100 6.99 -11.23 -7.39
N LYS A 101 5.84 -10.98 -6.76
CA LYS A 101 5.21 -12.13 -6.11
C LYS A 101 4.12 -12.65 -6.97
N ALA A 102 3.19 -11.83 -7.14
CA ALA A 102 1.98 -12.14 -7.85
C ALA A 102 2.11 -11.79 -9.32
N GLY A 18 7.02 -2.00 -10.20
CA GLY A 18 6.75 -3.38 -10.60
C GLY A 18 5.34 -3.55 -11.11
N LEU A 19 4.61 -2.46 -11.20
CA LEU A 19 3.24 -2.51 -11.53
C LEU A 19 2.77 -1.24 -12.16
N ARG A 20 1.51 -1.23 -12.51
CA ARG A 20 0.92 -0.09 -13.10
C ARG A 20 0.37 0.84 -12.04
N GLU A 21 -0.04 0.29 -10.87
CA GLU A 21 -0.53 1.22 -9.81
C GLU A 21 -0.68 0.61 -8.42
N ILE A 22 -0.41 1.45 -7.40
CA ILE A 22 -0.82 1.17 -6.03
C ILE A 22 -1.72 2.30 -5.58
N ARG A 23 -2.88 1.95 -5.16
CA ARG A 23 -3.85 2.88 -4.70
C ARG A 23 -4.33 2.50 -3.32
N ILE A 24 -3.87 3.19 -2.36
CA ILE A 24 -4.18 2.88 -0.99
C ILE A 24 -5.47 3.53 -0.61
N HIS A 25 -6.25 2.86 0.16
CA HIS A 25 -7.38 3.47 0.80
C HIS A 25 -7.00 3.68 2.24
N LEU A 26 -7.02 4.91 2.66
CA LEU A 26 -6.71 5.31 4.02
C LEU A 26 -8.03 5.43 4.84
N CYS A 27 -8.07 6.40 5.76
CA CYS A 27 -9.13 6.70 6.74
C CYS A 27 -8.85 6.11 8.09
N GLN A 28 -9.00 6.95 9.10
CA GLN A 28 -8.92 6.53 10.49
C GLN A 28 -10.37 6.47 10.96
N ARG A 29 -11.07 5.55 10.37
CA ARG A 29 -12.49 5.44 10.49
C ARG A 29 -12.83 4.35 11.51
N SER A 30 -12.40 3.17 11.22
CA SER A 30 -12.69 2.01 12.01
C SER A 30 -11.49 1.70 12.96
N PRO A 31 -11.50 0.53 13.75
CA PRO A 31 -10.43 0.08 14.66
C PRO A 31 -9.08 0.83 14.60
N GLY A 32 -8.30 0.61 13.57
CA GLY A 32 -7.06 1.34 13.46
C GLY A 32 -6.00 0.56 12.77
N SER A 33 -5.02 1.25 12.23
CA SER A 33 -3.89 0.65 11.55
C SER A 33 -2.69 1.59 11.59
N GLN A 34 -1.78 1.21 12.38
CA GLN A 34 -0.69 2.05 12.75
C GLN A 34 0.44 1.79 11.84
N GLY A 35 0.57 0.54 11.40
CA GLY A 35 1.58 0.20 10.45
C GLY A 35 1.32 0.89 9.16
N VAL A 36 0.04 1.04 8.84
CA VAL A 36 -0.28 1.72 7.61
C VAL A 36 -0.01 3.19 7.80
N ARG A 37 -0.51 3.78 8.89
CA ARG A 37 -0.26 5.18 9.23
C ARG A 37 1.22 5.50 9.23
N ASP A 38 1.98 4.60 9.78
CA ASP A 38 3.45 4.72 9.78
C ASP A 38 3.92 4.90 8.41
N PHE A 39 3.47 4.00 7.58
CA PHE A 39 3.71 4.09 6.18
C PHE A 39 3.25 5.47 5.69
N ILE A 40 2.00 5.76 5.88
CA ILE A 40 1.32 7.00 5.41
C ILE A 40 2.09 8.29 5.82
N GLU A 41 2.76 8.27 6.98
CA GLU A 41 3.29 9.50 7.55
C GLU A 41 4.76 9.57 7.34
N LYS A 42 5.39 8.61 7.91
CA LYS A 42 6.81 8.54 8.07
C LYS A 42 7.45 7.95 6.87
N ARG A 43 6.76 7.05 6.27
CA ARG A 43 7.36 6.25 5.31
C ARG A 43 6.84 6.57 3.91
N TYR A 44 5.74 7.31 3.81
CA TYR A 44 5.08 7.61 2.49
C TYR A 44 6.01 8.03 1.35
N VAL A 45 6.51 9.21 1.43
CA VAL A 45 7.39 9.75 0.43
C VAL A 45 8.70 8.93 0.37
N GLU A 46 9.00 8.31 1.48
CA GLU A 46 10.14 7.46 1.59
C GLU A 46 9.87 6.13 0.90
N LEU A 47 8.61 5.67 0.76
CA LEU A 47 8.44 4.44 0.05
C LEU A 47 8.27 4.74 -1.40
N LYS A 48 7.90 5.98 -1.68
CA LYS A 48 7.82 6.44 -3.03
C LYS A 48 9.21 6.58 -3.60
N LYS A 49 10.13 6.99 -2.77
CA LYS A 49 11.52 7.08 -3.15
C LYS A 49 12.16 5.70 -3.03
N ALA A 50 11.62 4.89 -2.10
CA ALA A 50 12.16 3.58 -1.84
C ALA A 50 11.90 2.64 -2.99
N ASN A 51 10.72 2.77 -3.54
CA ASN A 51 10.23 1.96 -4.59
C ASN A 51 9.75 2.94 -5.65
N PRO A 52 10.68 3.45 -6.45
CA PRO A 52 10.42 4.50 -7.47
C PRO A 52 9.49 4.00 -8.54
N ASP A 53 9.64 2.76 -8.83
CA ASP A 53 8.82 2.04 -9.82
C ASP A 53 7.48 1.60 -9.21
N LEU A 54 7.09 2.24 -8.14
CA LEU A 54 5.87 1.91 -7.47
C LEU A 54 4.97 3.16 -7.42
N PRO A 55 3.93 3.23 -8.28
CA PRO A 55 2.87 4.25 -8.17
C PRO A 55 2.21 4.25 -6.82
N ILE A 56 2.22 5.37 -6.19
CA ILE A 56 1.67 5.49 -4.84
C ILE A 56 0.59 6.54 -4.82
N LEU A 57 -0.62 6.06 -4.93
CA LEU A 57 -1.77 6.91 -5.00
C LEU A 57 -2.62 6.73 -3.74
N ILE A 58 -2.76 7.78 -2.97
CA ILE A 58 -3.45 7.74 -1.71
C ILE A 58 -4.93 8.10 -1.91
N ARG A 59 -5.76 7.20 -1.51
CA ARG A 59 -7.20 7.34 -1.53
C ARG A 59 -7.72 7.16 -0.13
N GLU A 60 -8.97 7.42 0.10
CA GLU A 60 -9.53 7.39 1.44
C GLU A 60 -10.79 6.51 1.55
N CYS A 61 -10.82 5.65 2.57
CA CYS A 61 -12.00 4.85 2.96
C CYS A 61 -12.38 3.71 1.99
N SER A 62 -13.04 2.67 2.55
CA SER A 62 -13.64 1.51 1.85
C SER A 62 -14.00 0.38 2.84
N ASP A 63 -12.98 -0.29 3.39
CA ASP A 63 -13.17 -1.34 4.38
C ASP A 63 -12.71 -0.75 5.67
N VAL A 64 -12.46 -1.60 6.67
CA VAL A 64 -12.04 -1.16 8.00
C VAL A 64 -11.00 -0.02 7.99
N GLN A 65 -9.83 -0.25 7.42
CA GLN A 65 -8.75 0.73 7.61
C GLN A 65 -7.72 0.88 6.47
N PRO A 66 -6.77 -0.03 6.28
CA PRO A 66 -5.70 0.16 5.33
C PRO A 66 -5.77 -0.77 4.15
N LYS A 67 -6.31 -0.33 3.09
CA LYS A 67 -6.52 -1.25 2.00
C LYS A 67 -5.55 -0.94 0.89
N LEU A 68 -4.97 -1.98 0.34
CA LEU A 68 -3.92 -1.85 -0.63
C LEU A 68 -4.44 -2.18 -1.98
N TRP A 69 -4.74 -1.22 -2.78
CA TRP A 69 -5.09 -1.56 -4.11
C TRP A 69 -3.83 -1.62 -4.95
N ALA A 70 -3.73 -2.60 -5.76
CA ALA A 70 -2.65 -2.77 -6.66
C ALA A 70 -3.18 -3.26 -7.97
N ARG A 71 -2.68 -2.73 -9.04
CA ARG A 71 -2.98 -3.19 -10.33
C ARG A 71 -1.63 -3.31 -10.99
N TYR A 72 -1.15 -4.46 -10.92
CA TYR A 72 0.17 -4.82 -11.40
C TYR A 72 0.18 -4.91 -12.93
N ALA A 73 1.36 -4.76 -13.52
CA ALA A 73 1.53 -4.94 -14.98
C ALA A 73 1.77 -6.39 -15.30
N PHE A 74 1.60 -7.22 -14.30
CA PHE A 74 1.49 -8.65 -14.52
C PHE A 74 0.02 -8.89 -14.89
N GLY A 75 -0.73 -7.79 -14.88
CA GLY A 75 -2.11 -7.75 -15.24
C GLY A 75 -2.97 -8.46 -14.24
N GLN A 76 -2.65 -8.19 -12.99
CA GLN A 76 -3.32 -8.76 -11.86
C GLN A 76 -3.61 -7.64 -10.90
N GLU A 77 -4.48 -7.87 -9.97
CA GLU A 77 -4.82 -6.85 -9.03
C GLU A 77 -4.84 -7.40 -7.60
N THR A 78 -5.08 -6.51 -6.69
CA THR A 78 -5.36 -6.84 -5.31
C THR A 78 -5.84 -5.55 -4.67
N ASN A 79 -6.67 -5.65 -3.70
CA ASN A 79 -7.22 -4.51 -2.99
C ASN A 79 -7.40 -4.89 -1.55
N VAL A 80 -6.41 -4.64 -0.68
CA VAL A 80 -6.56 -5.30 0.64
C VAL A 80 -5.99 -4.71 1.90
N PRO A 81 -6.86 -4.74 2.94
CA PRO A 81 -6.54 -4.47 4.33
C PRO A 81 -5.25 -5.12 4.75
N LEU A 82 -4.30 -4.29 4.92
CA LEU A 82 -2.97 -4.65 5.25
C LEU A 82 -2.68 -4.24 6.71
N ASN A 83 -3.76 -4.22 7.49
CA ASN A 83 -3.83 -3.78 8.91
C ASN A 83 -2.69 -4.23 9.80
N ASN A 84 -2.43 -5.47 9.79
CA ASN A 84 -1.47 -6.07 10.73
C ASN A 84 -0.03 -5.99 10.26
N PHE A 85 0.26 -5.14 9.31
CA PHE A 85 1.59 -5.01 8.82
C PHE A 85 2.11 -3.61 9.11
N SER A 86 3.32 -3.57 9.59
CA SER A 86 4.01 -2.36 10.00
C SER A 86 4.58 -1.57 8.78
N ALA A 87 5.08 -0.33 9.03
CA ALA A 87 5.56 0.60 8.00
C ALA A 87 6.56 -0.04 7.03
N ASP A 88 7.62 -0.59 7.61
CA ASP A 88 8.70 -1.21 6.85
C ASP A 88 8.19 -2.36 6.07
N GLN A 89 7.47 -3.21 6.76
CA GLN A 89 6.99 -4.43 6.19
C GLN A 89 6.01 -4.16 5.10
N VAL A 90 5.08 -3.22 5.28
CA VAL A 90 4.18 -2.90 4.19
C VAL A 90 4.94 -2.43 2.98
N THR A 91 5.92 -1.54 3.16
CA THR A 91 6.65 -1.02 2.01
C THR A 91 7.47 -2.08 1.26
N ARG A 92 8.03 -2.96 2.02
CA ARG A 92 8.85 -4.02 1.48
C ARG A 92 7.95 -5.10 0.91
N ALA A 93 6.86 -5.40 1.61
CA ALA A 93 5.86 -6.35 1.11
C ALA A 93 5.23 -5.83 -0.15
N LEU A 94 5.04 -4.49 -0.23
CA LEU A 94 4.62 -3.87 -1.49
C LEU A 94 5.58 -4.25 -2.55
N GLU A 95 6.82 -3.95 -2.32
CA GLU A 95 7.86 -4.25 -3.29
C GLU A 95 7.86 -5.73 -3.65
N ASN A 96 7.72 -6.56 -2.65
CA ASN A 96 7.59 -7.98 -2.84
C ASN A 96 6.47 -8.27 -3.81
N VAL A 97 5.25 -7.94 -3.39
CA VAL A 97 4.06 -8.19 -4.16
C VAL A 97 4.10 -7.62 -5.50
N LEU A 98 4.51 -6.43 -5.60
CA LEU A 98 4.31 -5.80 -6.83
C LEU A 98 5.38 -5.91 -7.80
N SER A 99 6.56 -6.01 -7.35
CA SER A 99 7.58 -6.08 -8.30
C SER A 99 7.68 -7.52 -8.79
N GLY A 100 7.15 -8.49 -7.99
CA GLY A 100 7.10 -9.82 -8.51
C GLY A 100 6.49 -10.84 -7.59
N LYS A 101 5.45 -10.51 -6.83
CA LYS A 101 4.88 -11.62 -6.00
C LYS A 101 3.68 -12.18 -6.66
N ALA A 102 2.98 -11.30 -7.27
CA ALA A 102 1.75 -11.54 -7.96
C ALA A 102 1.96 -12.47 -9.15
N GLY A 18 6.71 -2.73 -9.68
CA GLY A 18 6.32 -2.63 -11.07
C GLY A 18 4.89 -2.94 -11.19
N LEU A 19 4.09 -1.94 -11.40
CA LEU A 19 2.70 -2.19 -11.54
C LEU A 19 2.17 -1.23 -12.53
N ARG A 20 0.91 -1.21 -12.62
CA ARG A 20 0.24 -0.21 -13.33
C ARG A 20 -0.14 0.82 -12.29
N GLU A 21 -0.31 0.35 -11.02
CA GLU A 21 -0.73 1.28 -9.93
C GLU A 21 -0.78 0.68 -8.53
N ILE A 22 -0.56 1.56 -7.53
CA ILE A 22 -0.88 1.29 -6.13
C ILE A 22 -1.74 2.43 -5.59
N ARG A 23 -2.85 2.06 -5.07
CA ARG A 23 -3.76 2.97 -4.44
C ARG A 23 -4.01 2.52 -3.03
N ILE A 24 -3.47 3.21 -2.08
CA ILE A 24 -3.74 2.87 -0.72
C ILE A 24 -5.09 3.36 -0.40
N HIS A 25 -5.92 2.53 0.04
CA HIS A 25 -7.19 3.00 0.47
C HIS A 25 -7.01 3.31 1.93
N LEU A 26 -7.22 4.54 2.29
CA LEU A 26 -7.01 4.99 3.63
C LEU A 26 -8.30 5.53 4.21
N CYS A 27 -8.41 6.86 4.26
CA CYS A 27 -9.56 7.58 4.83
C CYS A 27 -9.61 7.40 6.36
N GLN A 28 -10.57 8.03 7.02
CA GLN A 28 -10.72 7.88 8.43
C GLN A 28 -12.18 7.62 8.82
N ARG A 29 -12.48 6.36 9.08
CA ARG A 29 -13.80 5.96 9.56
C ARG A 29 -13.76 4.69 10.39
N SER A 30 -13.08 3.67 9.91
CA SER A 30 -13.07 2.42 10.63
C SER A 30 -11.63 2.10 11.12
N PRO A 31 -11.38 0.92 11.77
CA PRO A 31 -10.04 0.45 12.16
C PRO A 31 -8.97 0.67 11.08
N GLY A 32 -8.00 1.48 11.38
CA GLY A 32 -6.91 1.74 10.49
C GLY A 32 -5.75 0.93 10.92
N SER A 33 -4.64 1.56 11.19
CA SER A 33 -3.50 0.91 11.79
C SER A 33 -2.39 1.91 12.02
N GLN A 34 -1.50 1.54 12.88
CA GLN A 34 -0.40 2.37 13.23
C GLN A 34 0.74 2.09 12.31
N GLY A 35 0.78 0.87 11.83
CA GLY A 35 1.75 0.49 10.87
C GLY A 35 1.39 1.09 9.56
N VAL A 36 0.06 1.22 9.32
CA VAL A 36 -0.33 1.82 8.08
C VAL A 36 0.01 3.29 8.13
N ARG A 37 -0.41 3.95 9.21
CA ARG A 37 -0.08 5.35 9.54
C ARG A 37 1.37 5.63 9.30
N ASP A 38 2.22 4.79 9.88
CA ASP A 38 3.67 4.88 9.71
C ASP A 38 4.00 4.94 8.30
N PHE A 39 3.52 3.99 7.57
CA PHE A 39 3.69 3.99 6.16
C PHE A 39 3.23 5.33 5.57
N ILE A 40 1.99 5.61 5.81
CA ILE A 40 1.28 6.76 5.23
C ILE A 40 2.06 8.09 5.45
N GLU A 41 2.62 8.28 6.64
CA GLU A 41 3.17 9.58 6.98
C GLU A 41 4.67 9.58 6.98
N LYS A 42 5.16 8.64 7.72
CA LYS A 42 6.52 8.52 8.12
C LYS A 42 7.31 7.83 7.05
N ARG A 43 6.68 6.94 6.35
CA ARG A 43 7.38 6.17 5.42
C ARG A 43 7.07 6.65 4.03
N TYR A 44 5.92 7.35 3.86
CA TYR A 44 5.44 7.84 2.51
C TYR A 44 6.52 8.28 1.56
N VAL A 45 7.11 9.39 1.87
CA VAL A 45 8.13 10.00 1.06
C VAL A 45 9.29 9.03 0.75
N GLU A 46 9.62 8.21 1.71
CA GLU A 46 10.64 7.20 1.56
C GLU A 46 10.12 6.03 0.75
N LEU A 47 8.84 5.68 0.82
CA LEU A 47 8.39 4.53 0.05
C LEU A 47 8.18 4.95 -1.37
N LYS A 48 7.90 6.22 -1.53
CA LYS A 48 7.72 6.86 -2.80
C LYS A 48 9.06 6.97 -3.51
N LYS A 49 10.10 7.26 -2.75
CA LYS A 49 11.44 7.34 -3.30
C LYS A 49 12.05 5.95 -3.42
N ALA A 50 11.61 5.06 -2.52
CA ALA A 50 12.21 3.76 -2.42
C ALA A 50 11.84 2.90 -3.58
N ASN A 51 10.58 3.01 -3.96
CA ASN A 51 10.01 2.22 -4.99
C ASN A 51 9.44 3.20 -6.01
N PRO A 52 10.28 3.71 -6.91
CA PRO A 52 9.89 4.64 -7.99
C PRO A 52 9.11 3.87 -9.02
N ASP A 53 9.46 2.63 -9.08
CA ASP A 53 8.85 1.60 -9.92
C ASP A 53 7.47 1.15 -9.31
N LEU A 54 6.97 1.97 -8.40
CA LEU A 54 5.73 1.72 -7.71
C LEU A 54 4.89 3.02 -7.76
N PRO A 55 3.75 3.03 -8.50
CA PRO A 55 2.76 4.13 -8.45
C PRO A 55 2.14 4.25 -7.08
N ILE A 56 2.23 5.40 -6.49
CA ILE A 56 1.84 5.59 -5.09
C ILE A 56 0.80 6.71 -4.92
N LEU A 57 -0.46 6.31 -4.80
CA LEU A 57 -1.56 7.27 -4.60
C LEU A 57 -2.35 6.89 -3.34
N ILE A 58 -2.83 7.89 -2.62
CA ILE A 58 -3.63 7.70 -1.43
C ILE A 58 -5.09 7.83 -1.83
N ARG A 59 -5.88 6.93 -1.36
CA ARG A 59 -7.31 6.84 -1.65
C ARG A 59 -8.17 6.73 -0.42
N GLU A 60 -9.47 6.76 -0.66
CA GLU A 60 -10.47 6.77 0.40
C GLU A 60 -10.90 5.31 0.78
N CYS A 61 -11.62 5.22 1.87
CA CYS A 61 -12.05 3.99 2.53
C CYS A 61 -13.27 3.37 1.83
N SER A 62 -13.62 2.13 2.20
CA SER A 62 -14.77 1.44 1.62
C SER A 62 -15.27 0.22 2.42
N ASP A 63 -14.39 -0.51 3.09
CA ASP A 63 -14.85 -1.64 3.90
C ASP A 63 -14.39 -1.46 5.32
N VAL A 64 -13.19 -1.88 5.64
CA VAL A 64 -12.63 -1.54 6.92
C VAL A 64 -12.04 -0.16 6.76
N GLN A 65 -10.82 -0.09 6.30
CA GLN A 65 -10.18 1.18 6.10
C GLN A 65 -8.90 1.06 5.24
N PRO A 66 -7.76 0.46 5.76
CA PRO A 66 -6.51 0.43 5.03
C PRO A 66 -6.39 -0.78 4.09
N LYS A 67 -6.68 -0.60 2.82
CA LYS A 67 -6.56 -1.70 1.82
C LYS A 67 -5.48 -1.34 0.83
N LEU A 68 -4.85 -2.34 0.29
CA LEU A 68 -3.79 -2.15 -0.64
C LEU A 68 -4.28 -2.40 -2.00
N TRP A 69 -4.55 -1.39 -2.73
CA TRP A 69 -4.93 -1.62 -4.08
C TRP A 69 -3.68 -1.67 -4.93
N ALA A 70 -3.53 -2.75 -5.59
CA ALA A 70 -2.44 -2.98 -6.45
C ALA A 70 -2.96 -3.44 -7.78
N ARG A 71 -2.46 -2.88 -8.83
CA ARG A 71 -2.80 -3.34 -10.11
C ARG A 71 -1.52 -3.38 -10.83
N TYR A 72 -0.94 -4.49 -10.83
CA TYR A 72 0.39 -4.69 -11.41
C TYR A 72 0.26 -4.71 -12.93
N ALA A 73 1.36 -4.56 -13.64
CA ALA A 73 1.36 -4.61 -15.10
C ALA A 73 1.54 -6.04 -15.57
N PHE A 74 1.80 -6.91 -14.60
CA PHE A 74 1.65 -8.35 -14.80
C PHE A 74 0.15 -8.56 -15.08
N GLY A 75 -0.62 -7.61 -14.57
CA GLY A 75 -2.02 -7.52 -14.84
C GLY A 75 -2.89 -8.10 -13.77
N GLN A 76 -2.33 -8.30 -12.60
CA GLN A 76 -3.10 -8.79 -11.51
C GLN A 76 -3.67 -7.67 -10.65
N GLU A 77 -4.79 -8.00 -10.06
CA GLU A 77 -5.56 -7.13 -9.22
C GLU A 77 -5.36 -7.52 -7.76
N THR A 78 -5.16 -6.55 -6.92
CA THR A 78 -4.97 -6.75 -5.52
C THR A 78 -5.62 -5.57 -4.84
N ASN A 79 -6.43 -5.83 -3.88
CA ASN A 79 -7.08 -4.79 -3.11
C ASN A 79 -7.26 -5.25 -1.69
N VAL A 80 -6.27 -4.99 -0.81
CA VAL A 80 -6.37 -5.69 0.50
C VAL A 80 -5.82 -5.04 1.75
N PRO A 81 -6.68 -5.08 2.81
CA PRO A 81 -6.37 -4.61 4.16
C PRO A 81 -4.98 -4.95 4.58
N LEU A 82 -4.24 -3.93 4.80
CA LEU A 82 -2.87 -4.01 5.12
C LEU A 82 -2.62 -3.54 6.54
N ASN A 83 -3.71 -3.60 7.31
CA ASN A 83 -3.77 -3.21 8.73
C ASN A 83 -2.83 -4.06 9.57
N ASN A 84 -2.66 -5.23 9.13
CA ASN A 84 -1.87 -6.24 9.82
C ASN A 84 -0.35 -6.01 9.68
N PHE A 85 0.05 -5.18 8.74
CA PHE A 85 1.44 -4.97 8.51
C PHE A 85 1.82 -3.59 8.96
N SER A 86 2.98 -3.49 9.50
CA SER A 86 3.51 -2.23 9.97
C SER A 86 4.24 -1.51 8.82
N ALA A 87 4.86 -0.36 9.11
CA ALA A 87 5.50 0.53 8.13
C ALA A 87 6.47 -0.24 7.18
N ASP A 88 7.46 -0.87 7.79
CA ASP A 88 8.48 -1.64 7.06
C ASP A 88 7.84 -2.80 6.35
N GLN A 89 6.98 -3.51 7.05
CA GLN A 89 6.29 -4.67 6.49
C GLN A 89 5.47 -4.33 5.29
N VAL A 90 4.61 -3.31 5.36
CA VAL A 90 3.83 -2.92 4.20
C VAL A 90 4.73 -2.53 3.05
N THR A 91 5.81 -1.78 3.34
CA THR A 91 6.68 -1.33 2.26
C THR A 91 7.54 -2.43 1.61
N ARG A 92 8.04 -3.27 2.42
CA ARG A 92 8.84 -4.38 1.96
C ARG A 92 7.96 -5.43 1.31
N ALA A 93 6.80 -5.68 1.90
CA ALA A 93 5.83 -6.58 1.28
C ALA A 93 5.34 -5.99 -0.02
N LEU A 94 5.19 -4.64 -0.06
CA LEU A 94 4.90 -3.93 -1.32
C LEU A 94 5.86 -4.35 -2.36
N GLU A 95 7.10 -4.12 -2.09
CA GLU A 95 8.15 -4.35 -3.09
C GLU A 95 8.15 -5.82 -3.51
N ASN A 96 7.99 -6.68 -2.55
CA ASN A 96 7.82 -8.09 -2.79
C ASN A 96 6.66 -8.34 -3.75
N VAL A 97 5.47 -7.94 -3.31
CA VAL A 97 4.27 -8.16 -4.06
C VAL A 97 4.28 -7.54 -5.39
N LEU A 98 4.71 -6.35 -5.46
CA LEU A 98 4.50 -5.65 -6.67
C LEU A 98 5.62 -5.59 -7.58
N SER A 99 6.70 -6.08 -7.22
CA SER A 99 7.66 -6.18 -8.22
C SER A 99 7.62 -7.58 -8.78
N GLY A 100 7.20 -8.56 -7.97
CA GLY A 100 7.07 -9.85 -8.55
C GLY A 100 6.42 -10.88 -7.68
N LYS A 101 5.42 -10.52 -6.89
CA LYS A 101 4.81 -11.60 -6.09
C LYS A 101 3.61 -12.06 -6.82
N ALA A 102 2.89 -11.11 -7.22
CA ALA A 102 1.70 -11.28 -7.95
C ALA A 102 1.92 -10.76 -9.35
N GLY A 18 7.27 -1.54 -9.94
CA GLY A 18 7.27 -2.85 -10.55
C GLY A 18 5.90 -3.20 -11.07
N LEU A 19 5.04 -2.21 -11.22
CA LEU A 19 3.67 -2.45 -11.61
C LEU A 19 3.03 -1.22 -12.23
N ARG A 20 1.74 -1.30 -12.49
CA ARG A 20 1.00 -0.19 -13.06
C ARG A 20 0.68 0.81 -11.97
N GLU A 21 0.19 0.31 -10.81
CA GLU A 21 -0.27 1.27 -9.76
C GLU A 21 -0.45 0.68 -8.36
N ILE A 22 -0.25 1.53 -7.34
CA ILE A 22 -0.65 1.25 -5.97
C ILE A 22 -1.54 2.39 -5.49
N ARG A 23 -2.67 2.04 -4.99
CA ARG A 23 -3.59 3.00 -4.46
C ARG A 23 -3.99 2.60 -3.07
N ILE A 24 -3.48 3.27 -2.09
CA ILE A 24 -3.83 2.94 -0.74
C ILE A 24 -5.21 3.43 -0.56
N HIS A 25 -6.04 2.64 -0.06
CA HIS A 25 -7.32 3.12 0.24
C HIS A 25 -7.29 3.36 1.71
N LEU A 26 -7.48 4.57 2.09
CA LEU A 26 -7.49 4.95 3.47
C LEU A 26 -8.97 5.17 3.83
N CYS A 27 -9.24 5.98 4.85
CA CYS A 27 -10.61 6.35 5.26
C CYS A 27 -11.35 5.24 5.97
N GLN A 28 -12.26 5.69 6.84
CA GLN A 28 -13.11 4.91 7.72
C GLN A 28 -12.43 4.80 9.07
N ARG A 29 -13.19 4.76 10.10
CA ARG A 29 -12.65 4.66 11.42
C ARG A 29 -12.92 3.32 12.03
N SER A 30 -12.33 2.35 11.41
CA SER A 30 -12.41 0.99 11.79
C SER A 30 -10.97 0.49 12.03
N PRO A 31 -10.71 -0.84 12.31
CA PRO A 31 -9.37 -1.39 12.49
C PRO A 31 -8.30 -0.80 11.55
N GLY A 32 -7.47 0.04 12.11
CA GLY A 32 -6.43 0.68 11.37
C GLY A 32 -5.14 0.48 12.09
N SER A 33 -4.05 0.62 11.41
CA SER A 33 -2.82 0.35 12.03
C SER A 33 -1.91 1.54 12.06
N GLN A 34 -0.98 1.40 12.91
CA GLN A 34 0.02 2.36 13.20
C GLN A 34 1.17 2.11 12.28
N GLY A 35 1.32 0.84 11.90
CA GLY A 35 2.30 0.51 10.94
C GLY A 35 1.83 1.00 9.60
N VAL A 36 0.53 0.95 9.43
CA VAL A 36 -0.06 1.42 8.21
C VAL A 36 0.13 2.91 8.09
N ARG A 37 -0.38 3.67 9.08
CA ARG A 37 -0.21 5.11 9.12
C ARG A 37 1.23 5.50 8.99
N ASP A 38 2.11 4.75 9.61
CA ASP A 38 3.55 4.96 9.46
C ASP A 38 3.92 4.96 8.04
N PHE A 39 3.53 3.92 7.35
CA PHE A 39 3.70 3.84 5.93
C PHE A 39 3.16 5.11 5.30
N ILE A 40 1.91 5.36 5.57
CA ILE A 40 1.11 6.47 5.01
C ILE A 40 1.83 7.84 5.17
N GLU A 41 2.40 8.09 6.33
CA GLU A 41 2.89 9.42 6.66
C GLU A 41 4.39 9.50 6.67
N LYS A 42 4.94 8.60 7.43
CA LYS A 42 6.33 8.55 7.72
C LYS A 42 7.06 8.01 6.56
N ARG A 43 6.47 7.02 5.92
CA ARG A 43 7.21 6.36 4.95
C ARG A 43 6.78 6.75 3.57
N TYR A 44 5.61 7.32 3.41
CA TYR A 44 4.99 7.61 2.04
C TYR A 44 5.97 7.96 0.93
N VAL A 45 6.52 9.13 0.94
CA VAL A 45 7.36 9.55 -0.17
C VAL A 45 8.72 8.87 -0.10
N GLU A 46 9.02 8.37 1.05
CA GLU A 46 10.20 7.60 1.29
C GLU A 46 9.98 6.18 0.75
N LEU A 47 8.72 5.69 0.66
CA LEU A 47 8.56 4.40 0.06
C LEU A 47 8.33 4.58 -1.42
N LYS A 48 7.98 5.81 -1.78
CA LYS A 48 7.83 6.22 -3.15
C LYS A 48 9.23 6.35 -3.75
N LYS A 49 10.16 6.76 -2.93
CA LYS A 49 11.53 6.85 -3.34
C LYS A 49 12.20 5.51 -3.12
N ALA A 50 11.69 4.75 -2.15
CA ALA A 50 12.27 3.47 -1.82
C ALA A 50 12.02 2.47 -2.93
N ASN A 51 10.87 2.60 -3.53
CA ASN A 51 10.34 1.74 -4.53
C ASN A 51 9.86 2.70 -5.62
N PRO A 52 10.78 3.07 -6.49
CA PRO A 52 10.60 4.12 -7.52
C PRO A 52 9.40 3.91 -8.40
N ASP A 53 9.39 2.79 -9.03
CA ASP A 53 8.28 2.41 -9.93
C ASP A 53 7.08 1.85 -9.14
N LEU A 54 6.89 2.34 -7.97
CA LEU A 54 5.76 1.97 -7.20
C LEU A 54 4.90 3.23 -7.10
N PRO A 55 3.85 3.35 -7.95
CA PRO A 55 2.87 4.43 -7.85
C PRO A 55 2.20 4.42 -6.53
N ILE A 56 2.27 5.49 -5.86
CA ILE A 56 1.69 5.59 -4.54
C ILE A 56 0.66 6.67 -4.55
N LEU A 57 -0.54 6.25 -4.74
CA LEU A 57 -1.65 7.11 -4.82
C LEU A 57 -2.50 6.89 -3.58
N ILE A 58 -2.97 7.94 -3.00
CA ILE A 58 -3.74 7.86 -1.82
C ILE A 58 -5.22 7.94 -2.25
N ARG A 59 -6.00 7.08 -1.71
CA ARG A 59 -7.42 7.03 -1.98
C ARG A 59 -8.15 7.01 -0.68
N GLU A 60 -9.38 7.32 -0.73
CA GLU A 60 -10.21 7.39 0.45
C GLU A 60 -11.49 6.60 0.28
N CYS A 61 -11.77 5.78 1.27
CA CYS A 61 -13.07 5.13 1.48
C CYS A 61 -13.34 3.96 0.51
N SER A 62 -13.44 2.76 1.08
CA SER A 62 -13.79 1.57 0.30
C SER A 62 -14.19 0.39 1.22
N ASP A 63 -13.31 0.03 2.17
CA ASP A 63 -13.54 -1.13 3.03
C ASP A 63 -12.99 -0.75 4.42
N VAL A 64 -12.61 -1.73 5.25
CA VAL A 64 -12.25 -1.58 6.70
C VAL A 64 -11.63 -0.23 7.06
N GLN A 65 -10.46 0.03 6.54
CA GLN A 65 -9.70 1.24 6.91
C GLN A 65 -8.40 1.32 6.04
N PRO A 66 -7.41 0.40 6.20
CA PRO A 66 -6.19 0.45 5.43
C PRO A 66 -6.18 -0.62 4.32
N LYS A 67 -6.58 -0.28 3.13
CA LYS A 67 -6.67 -1.27 2.05
C LYS A 67 -5.57 -1.02 1.04
N LEU A 68 -5.11 -2.07 0.43
CA LEU A 68 -4.01 -1.97 -0.50
C LEU A 68 -4.48 -2.20 -1.88
N TRP A 69 -4.61 -1.19 -2.66
CA TRP A 69 -4.94 -1.46 -4.02
C TRP A 69 -3.66 -1.57 -4.82
N ALA A 70 -3.59 -2.57 -5.60
CA ALA A 70 -2.52 -2.78 -6.50
C ALA A 70 -3.08 -3.24 -7.81
N ARG A 71 -2.56 -2.71 -8.88
CA ARG A 71 -2.87 -3.18 -10.15
C ARG A 71 -1.54 -3.28 -10.82
N TYR A 72 -1.05 -4.42 -10.80
CA TYR A 72 0.26 -4.74 -11.35
C TYR A 72 0.16 -4.77 -12.88
N ALA A 73 1.30 -4.75 -13.56
CA ALA A 73 1.31 -4.87 -15.04
C ALA A 73 1.46 -6.31 -15.40
N PHE A 74 1.43 -7.14 -14.36
CA PHE A 74 1.20 -8.54 -14.50
C PHE A 74 -0.30 -8.66 -14.82
N GLY A 75 -1.00 -7.54 -14.60
CA GLY A 75 -2.38 -7.35 -14.93
C GLY A 75 -3.28 -7.70 -13.78
N GLN A 76 -2.68 -8.31 -12.77
CA GLN A 76 -3.36 -8.73 -11.57
C GLN A 76 -3.70 -7.52 -10.73
N GLU A 77 -4.65 -7.67 -9.86
CA GLU A 77 -5.04 -6.63 -8.98
C GLU A 77 -5.13 -7.17 -7.58
N THR A 78 -5.36 -6.29 -6.66
CA THR A 78 -5.64 -6.61 -5.31
C THR A 78 -6.04 -5.32 -4.62
N ASN A 79 -6.94 -5.38 -3.70
CA ASN A 79 -7.38 -4.22 -2.94
C ASN A 79 -7.68 -4.65 -1.54
N VAL A 80 -6.70 -4.55 -0.63
CA VAL A 80 -6.94 -5.23 0.67
C VAL A 80 -6.36 -4.68 1.96
N PRO A 81 -7.25 -4.65 3.00
CA PRO A 81 -6.94 -4.31 4.38
C PRO A 81 -5.67 -4.96 4.88
N LEU A 82 -4.68 -4.15 4.96
CA LEU A 82 -3.35 -4.51 5.31
C LEU A 82 -3.06 -4.12 6.77
N ASN A 83 -4.15 -4.02 7.52
CA ASN A 83 -4.20 -3.64 8.96
C ASN A 83 -3.21 -4.39 9.85
N ASN A 84 -3.00 -5.60 9.58
CA ASN A 84 -2.14 -6.45 10.43
C ASN A 84 -0.69 -6.43 10.01
N PHE A 85 -0.30 -5.48 9.20
CA PHE A 85 1.06 -5.38 8.77
C PHE A 85 1.61 -4.02 9.20
N SER A 86 2.86 -4.03 9.54
CA SER A 86 3.52 -2.84 10.04
C SER A 86 4.16 -2.00 8.90
N ALA A 87 4.72 -0.83 9.29
CA ALA A 87 5.23 0.23 8.39
C ALA A 87 6.17 -0.27 7.29
N ASP A 88 7.30 -0.77 7.72
CA ASP A 88 8.31 -1.16 6.76
C ASP A 88 8.04 -2.49 6.17
N GLN A 89 7.17 -3.23 6.82
CA GLN A 89 6.77 -4.50 6.30
C GLN A 89 5.86 -4.25 5.13
N VAL A 90 4.87 -3.36 5.29
CA VAL A 90 4.00 -3.04 4.18
C VAL A 90 4.80 -2.48 3.03
N THR A 91 5.74 -1.58 3.31
CA THR A 91 6.53 -0.99 2.22
C THR A 91 7.39 -2.03 1.45
N ARG A 92 8.04 -2.85 2.21
CA ARG A 92 8.95 -3.85 1.67
C ARG A 92 8.16 -4.97 1.02
N ALA A 93 7.10 -5.41 1.68
CA ALA A 93 6.23 -6.42 1.11
C ALA A 93 5.57 -5.90 -0.13
N LEU A 94 5.28 -4.57 -0.17
CA LEU A 94 4.81 -3.94 -1.41
C LEU A 94 5.78 -4.22 -2.48
N GLU A 95 7.02 -3.86 -2.26
CA GLU A 95 8.04 -4.02 -3.28
C GLU A 95 8.17 -5.48 -3.67
N ASN A 96 8.16 -6.35 -2.67
CA ASN A 96 8.15 -7.78 -2.87
C ASN A 96 7.02 -8.16 -3.85
N VAL A 97 5.78 -7.89 -3.39
CA VAL A 97 4.60 -8.24 -4.13
C VAL A 97 4.53 -7.67 -5.47
N LEU A 98 4.83 -6.44 -5.58
CA LEU A 98 4.53 -5.82 -6.80
C LEU A 98 5.55 -5.86 -7.83
N SER A 99 6.77 -5.87 -7.46
CA SER A 99 7.73 -5.92 -8.47
C SER A 99 7.83 -7.34 -8.98
N GLY A 100 7.59 -8.33 -8.10
CA GLY A 100 7.62 -9.65 -8.62
C GLY A 100 7.13 -10.70 -7.69
N LYS A 101 6.05 -10.47 -6.95
CA LYS A 101 5.52 -11.60 -6.15
C LYS A 101 4.37 -12.17 -6.88
N ALA A 102 3.56 -11.27 -7.25
CA ALA A 102 2.31 -11.49 -7.95
C ALA A 102 2.54 -12.23 -9.26
N GLY A 18 6.94 -2.11 -9.56
CA GLY A 18 6.62 -3.47 -9.99
C GLY A 18 5.24 -3.54 -10.59
N LEU A 19 4.62 -2.39 -10.73
CA LEU A 19 3.27 -2.32 -11.15
C LEU A 19 2.93 -0.95 -11.63
N ARG A 20 1.71 -0.80 -12.07
CA ARG A 20 1.28 0.46 -12.59
C ARG A 20 0.35 1.16 -11.65
N GLU A 21 -0.04 0.50 -10.56
CA GLU A 21 -0.93 1.21 -9.62
C GLU A 21 -0.89 0.68 -8.17
N ILE A 22 -0.58 1.58 -7.18
CA ILE A 22 -0.85 1.28 -5.79
C ILE A 22 -1.72 2.38 -5.22
N ARG A 23 -2.87 1.99 -4.85
CA ARG A 23 -3.80 2.86 -4.25
C ARG A 23 -3.99 2.41 -2.84
N ILE A 24 -3.66 3.24 -1.93
CA ILE A 24 -3.74 2.88 -0.57
C ILE A 24 -5.03 3.37 -0.08
N HIS A 25 -5.74 2.59 0.59
CA HIS A 25 -6.93 3.09 1.17
C HIS A 25 -6.57 3.50 2.57
N LEU A 26 -6.72 4.78 2.86
CA LEU A 26 -6.32 5.31 4.15
C LEU A 26 -7.45 5.41 5.12
N CYS A 27 -8.08 6.55 5.14
CA CYS A 27 -9.17 6.91 6.07
C CYS A 27 -8.75 6.89 7.55
N GLN A 28 -9.64 7.44 8.34
CA GLN A 28 -9.64 7.35 9.77
C GLN A 28 -11.09 7.11 10.14
N ARG A 29 -11.57 5.94 9.72
CA ARG A 29 -12.96 5.55 9.79
C ARG A 29 -13.10 4.16 10.45
N SER A 30 -12.73 3.10 9.73
CA SER A 30 -12.85 1.75 10.22
C SER A 30 -11.52 1.37 10.95
N PRO A 31 -11.34 0.09 11.46
CA PRO A 31 -10.12 -0.41 12.14
C PRO A 31 -8.79 0.29 11.72
N GLY A 32 -8.49 0.29 10.43
CA GLY A 32 -7.27 0.94 9.94
C GLY A 32 -6.02 0.25 10.43
N SER A 33 -4.94 1.01 10.62
CA SER A 33 -3.71 0.48 11.17
C SER A 33 -2.65 1.58 11.30
N GLN A 34 -1.74 1.28 12.15
CA GLN A 34 -0.67 2.13 12.52
C GLN A 34 0.42 1.93 11.54
N GLY A 35 0.49 0.71 11.02
CA GLY A 35 1.42 0.42 9.99
C GLY A 35 1.04 1.17 8.77
N VAL A 36 -0.27 1.39 8.64
CA VAL A 36 -0.80 2.13 7.51
C VAL A 36 -0.34 3.56 7.64
N ARG A 37 -0.83 4.25 8.66
CA ARG A 37 -0.49 5.66 8.91
C ARG A 37 1.00 5.93 8.90
N ASP A 38 1.74 5.06 9.54
CA ASP A 38 3.19 5.15 9.56
C ASP A 38 3.74 5.14 8.18
N PHE A 39 3.28 4.20 7.38
CA PHE A 39 3.61 4.16 5.99
C PHE A 39 3.27 5.50 5.38
N ILE A 40 2.04 5.86 5.53
CA ILE A 40 1.42 7.06 4.93
C ILE A 40 2.28 8.35 5.23
N GLU A 41 2.81 8.46 6.45
CA GLU A 41 3.47 9.69 6.87
C GLU A 41 4.97 9.57 6.97
N LYS A 42 5.39 8.59 7.72
CA LYS A 42 6.78 8.35 8.02
C LYS A 42 7.47 7.76 6.83
N ARG A 43 6.79 6.85 6.20
CA ARG A 43 7.45 6.08 5.24
C ARG A 43 7.17 6.57 3.85
N TYR A 44 6.06 7.27 3.66
CA TYR A 44 5.58 7.76 2.31
C TYR A 44 6.68 8.18 1.33
N VAL A 45 7.34 9.24 1.63
CA VAL A 45 8.39 9.77 0.78
C VAL A 45 9.53 8.74 0.56
N GLU A 46 9.82 7.99 1.60
CA GLU A 46 10.81 6.94 1.55
C GLU A 46 10.25 5.76 0.78
N LEU A 47 8.95 5.62 0.75
CA LEU A 47 8.28 4.56 0.07
C LEU A 47 8.27 4.87 -1.41
N LYS A 48 8.17 6.14 -1.70
CA LYS A 48 8.21 6.63 -3.05
C LYS A 48 9.61 6.43 -3.62
N LYS A 49 10.61 6.74 -2.83
CA LYS A 49 11.97 6.60 -3.31
C LYS A 49 12.41 5.15 -3.26
N ALA A 50 11.92 4.38 -2.28
CA ALA A 50 12.40 3.04 -2.10
C ALA A 50 11.81 2.07 -3.11
N ASN A 51 10.64 2.42 -3.63
CA ASN A 51 9.93 1.62 -4.56
C ASN A 51 9.56 2.56 -5.69
N PRO A 52 10.47 2.70 -6.64
CA PRO A 52 10.36 3.67 -7.77
C PRO A 52 9.15 3.45 -8.63
N ASP A 53 9.05 2.28 -9.13
CA ASP A 53 7.92 1.86 -9.99
C ASP A 53 6.72 1.43 -9.12
N LEU A 54 6.47 2.19 -8.08
CA LEU A 54 5.40 1.92 -7.20
C LEU A 54 4.53 3.20 -7.13
N PRO A 55 3.43 3.29 -7.90
CA PRO A 55 2.48 4.40 -7.78
C PRO A 55 1.88 4.45 -6.43
N ILE A 56 1.90 5.58 -5.82
CA ILE A 56 1.48 5.74 -4.43
C ILE A 56 0.39 6.79 -4.35
N LEU A 57 -0.84 6.34 -4.35
CA LEU A 57 -1.99 7.25 -4.31
C LEU A 57 -2.84 7.00 -3.08
N ILE A 58 -3.02 8.03 -2.27
CA ILE A 58 -3.89 7.98 -1.12
C ILE A 58 -5.33 7.96 -1.60
N ARG A 59 -5.96 6.88 -1.34
CA ARG A 59 -7.34 6.64 -1.67
C ARG A 59 -8.14 6.47 -0.42
N GLU A 60 -9.41 6.41 -0.59
CA GLU A 60 -10.31 6.28 0.50
C GLU A 60 -10.74 4.80 0.65
N CYS A 61 -11.25 4.48 1.80
CA CYS A 61 -11.62 3.14 2.19
C CYS A 61 -13.08 2.85 1.89
N SER A 62 -13.50 1.62 2.15
CA SER A 62 -14.88 1.24 2.01
C SER A 62 -15.27 0.14 3.03
N ASP A 63 -14.45 -0.92 3.14
CA ASP A 63 -14.76 -2.02 4.08
C ASP A 63 -13.99 -1.96 5.45
N VAL A 64 -12.91 -2.76 5.61
CA VAL A 64 -12.14 -2.88 6.90
C VAL A 64 -11.28 -1.67 7.14
N GLN A 65 -11.10 -1.00 6.05
CA GLN A 65 -10.38 0.28 5.87
C GLN A 65 -9.10 0.18 5.02
N PRO A 66 -7.94 -0.29 5.56
CA PRO A 66 -6.67 -0.22 4.86
C PRO A 66 -6.44 -1.33 3.88
N LYS A 67 -6.79 -1.13 2.67
CA LYS A 67 -6.53 -2.10 1.64
C LYS A 67 -5.45 -1.60 0.74
N LEU A 68 -4.75 -2.54 0.19
CA LEU A 68 -3.70 -2.30 -0.72
C LEU A 68 -4.23 -2.53 -2.08
N TRP A 69 -4.55 -1.50 -2.76
CA TRP A 69 -5.00 -1.70 -4.08
C TRP A 69 -3.80 -1.72 -5.01
N ALA A 70 -3.64 -2.79 -5.68
CA ALA A 70 -2.61 -2.95 -6.63
C ALA A 70 -3.19 -3.29 -7.97
N ARG A 71 -2.63 -2.71 -8.98
CA ARG A 71 -2.97 -2.97 -10.30
C ARG A 71 -1.64 -3.01 -11.00
N TYR A 72 -1.18 -4.17 -11.16
CA TYR A 72 0.15 -4.42 -11.68
C TYR A 72 0.21 -4.25 -13.20
N ALA A 73 1.43 -4.25 -13.75
CA ALA A 73 1.64 -4.26 -15.21
C ALA A 73 1.65 -5.69 -15.70
N PHE A 74 1.51 -6.59 -14.74
CA PHE A 74 1.19 -7.95 -15.06
C PHE A 74 -0.28 -7.93 -15.48
N GLY A 75 -0.94 -6.83 -15.09
CA GLY A 75 -2.27 -6.52 -15.47
C GLY A 75 -3.31 -7.12 -14.55
N GLN A 76 -2.82 -7.75 -13.50
CA GLN A 76 -3.68 -8.31 -12.47
C GLN A 76 -3.92 -7.27 -11.40
N GLU A 77 -4.83 -7.53 -10.52
CA GLU A 77 -5.15 -6.60 -9.47
C GLU A 77 -5.18 -7.30 -8.13
N THR A 78 -5.30 -6.52 -7.08
CA THR A 78 -5.49 -7.03 -5.76
C THR A 78 -5.84 -5.81 -4.93
N ASN A 79 -6.68 -5.98 -3.98
CA ASN A 79 -7.09 -4.90 -3.11
C ASN A 79 -7.16 -5.44 -1.70
N VAL A 80 -6.11 -5.18 -0.89
CA VAL A 80 -6.06 -5.95 0.37
C VAL A 80 -5.61 -5.34 1.67
N PRO A 81 -6.46 -5.55 2.70
CA PRO A 81 -6.25 -5.20 4.09
C PRO A 81 -4.84 -5.48 4.53
N LEU A 82 -4.12 -4.42 4.74
CA LEU A 82 -2.75 -4.48 5.09
C LEU A 82 -2.55 -4.04 6.54
N ASN A 83 -3.63 -4.16 7.26
CA ASN A 83 -3.75 -3.79 8.68
C ASN A 83 -2.73 -4.44 9.62
N ASN A 84 -2.21 -5.54 9.23
CA ASN A 84 -1.35 -6.33 10.12
C ASN A 84 0.15 -6.10 9.90
N PHE A 85 0.51 -5.09 9.16
CA PHE A 85 1.91 -4.82 8.91
C PHE A 85 2.24 -3.44 9.45
N SER A 86 3.49 -3.16 9.59
CA SER A 86 3.94 -1.88 10.07
C SER A 86 4.43 -1.03 8.86
N ALA A 87 4.92 0.20 9.11
CA ALA A 87 5.30 1.16 8.05
C ALA A 87 6.30 0.56 7.04
N ASP A 88 7.46 0.26 7.55
CA ASP A 88 8.56 -0.26 6.77
C ASP A 88 8.17 -1.60 6.17
N GLN A 89 7.50 -2.42 6.95
CA GLN A 89 7.01 -3.71 6.49
C GLN A 89 6.02 -3.64 5.38
N VAL A 90 5.01 -2.77 5.45
CA VAL A 90 4.11 -2.65 4.33
C VAL A 90 4.89 -2.27 3.10
N THR A 91 5.79 -1.28 3.20
CA THR A 91 6.52 -0.84 2.00
C THR A 91 7.40 -1.92 1.34
N ARG A 92 8.09 -2.64 2.14
CA ARG A 92 9.01 -3.65 1.65
C ARG A 92 8.22 -4.88 1.22
N ALA A 93 7.18 -5.22 1.98
CA ALA A 93 6.30 -6.32 1.59
C ALA A 93 5.59 -5.95 0.32
N LEU A 94 5.18 -4.66 0.18
CA LEU A 94 4.60 -4.15 -1.08
C LEU A 94 5.49 -4.51 -2.20
N GLU A 95 6.72 -4.06 -2.12
CA GLU A 95 7.64 -4.22 -3.25
C GLU A 95 7.86 -5.70 -3.53
N ASN A 96 7.97 -6.47 -2.49
CA ASN A 96 8.06 -7.92 -2.59
C ASN A 96 6.86 -8.46 -3.38
N VAL A 97 5.67 -8.28 -2.79
CA VAL A 97 4.45 -8.79 -3.33
C VAL A 97 4.14 -8.37 -4.71
N LEU A 98 4.36 -7.15 -5.00
CA LEU A 98 3.88 -6.69 -6.26
C LEU A 98 4.86 -6.71 -7.35
N SER A 99 6.10 -6.56 -7.06
CA SER A 99 7.03 -6.59 -8.11
C SER A 99 7.26 -8.02 -8.55
N GLY A 100 7.07 -9.01 -7.64
CA GLY A 100 7.21 -10.35 -8.10
C GLY A 100 6.69 -11.40 -7.19
N LYS A 101 5.65 -11.12 -6.42
CA LYS A 101 5.12 -12.21 -5.60
C LYS A 101 3.92 -12.77 -6.26
N ALA A 102 2.98 -11.93 -6.32
CA ALA A 102 1.68 -12.24 -6.81
C ALA A 102 1.58 -11.95 -8.30
N GLY A 18 7.09 -2.02 -10.01
CA GLY A 18 6.87 -3.35 -10.58
C GLY A 18 5.48 -3.50 -11.12
N LEU A 19 4.67 -2.49 -10.90
CA LEU A 19 3.31 -2.58 -11.25
C LEU A 19 2.81 -1.32 -11.89
N ARG A 20 1.52 -1.31 -12.16
CA ARG A 20 0.89 -0.18 -12.77
C ARG A 20 0.49 0.80 -11.69
N GLU A 21 0.05 0.31 -10.51
CA GLU A 21 -0.40 1.27 -9.46
C GLU A 21 -0.61 0.68 -8.06
N ILE A 22 -0.36 1.52 -7.02
CA ILE A 22 -0.83 1.28 -5.66
C ILE A 22 -1.68 2.46 -5.23
N ARG A 23 -2.89 2.18 -4.89
CA ARG A 23 -3.79 3.17 -4.40
C ARG A 23 -4.17 2.80 -2.99
N ILE A 24 -3.66 3.49 -2.05
CA ILE A 24 -3.98 3.20 -0.68
C ILE A 24 -5.28 3.81 -0.33
N HIS A 25 -6.16 3.02 0.06
CA HIS A 25 -7.43 3.53 0.47
C HIS A 25 -7.34 3.69 1.97
N LEU A 26 -7.49 4.91 2.48
CA LEU A 26 -7.29 5.17 3.89
C LEU A 26 -8.61 5.28 4.71
N CYS A 27 -8.85 6.46 5.25
CA CYS A 27 -9.90 6.84 6.21
C CYS A 27 -9.83 6.03 7.50
N GLN A 28 -9.36 6.67 8.55
CA GLN A 28 -9.22 6.04 9.83
C GLN A 28 -10.57 6.10 10.53
N ARG A 29 -11.36 5.06 10.37
CA ARG A 29 -12.66 4.98 11.02
C ARG A 29 -12.88 3.62 11.68
N SER A 30 -12.23 2.64 11.16
CA SER A 30 -12.39 1.28 11.59
C SER A 30 -10.99 0.72 11.87
N PRO A 31 -10.83 -0.62 12.25
CA PRO A 31 -9.52 -1.27 12.48
C PRO A 31 -8.41 -0.77 11.54
N GLY A 32 -7.66 0.18 12.04
CA GLY A 32 -6.66 0.82 11.27
C GLY A 32 -5.33 0.26 11.52
N SER A 33 -4.48 0.34 10.52
CA SER A 33 -3.19 -0.17 10.63
C SER A 33 -2.26 0.94 11.03
N GLN A 34 -1.39 0.58 11.85
CA GLN A 34 -0.41 1.46 12.36
C GLN A 34 0.69 1.41 11.38
N GLY A 35 0.83 0.24 10.78
CA GLY A 35 1.74 0.07 9.75
C GLY A 35 1.33 0.85 8.56
N VAL A 36 0.02 0.95 8.34
CA VAL A 36 -0.43 1.72 7.22
C VAL A 36 -0.12 3.17 7.45
N ARG A 37 -0.59 3.75 8.58
CA ARG A 37 -0.35 5.16 8.91
C ARG A 37 1.12 5.52 8.88
N ASP A 38 1.90 4.64 9.40
CA ASP A 38 3.33 4.79 9.42
C ASP A 38 3.84 4.95 8.04
N PHE A 39 3.44 4.05 7.21
CA PHE A 39 3.75 4.08 5.83
C PHE A 39 3.23 5.40 5.23
N ILE A 40 1.98 5.67 5.49
CA ILE A 40 1.24 6.85 4.99
C ILE A 40 2.01 8.15 5.32
N GLU A 41 2.62 8.20 6.49
CA GLU A 41 3.14 9.45 7.03
C GLU A 41 4.60 9.53 6.89
N LYS A 42 5.24 8.61 7.54
CA LYS A 42 6.66 8.56 7.67
C LYS A 42 7.29 7.98 6.48
N ARG A 43 6.59 7.11 5.81
CA ARG A 43 7.19 6.48 4.75
C ARG A 43 6.81 7.13 3.44
N TYR A 44 5.64 7.78 3.36
CA TYR A 44 5.06 8.26 2.02
C TYR A 44 6.08 8.72 0.93
N VAL A 45 6.80 9.78 1.15
CA VAL A 45 7.70 10.27 0.10
C VAL A 45 8.94 9.35 -0.06
N GLU A 46 9.31 8.72 1.03
CA GLU A 46 10.34 7.70 1.07
C GLU A 46 9.77 6.42 0.42
N LEU A 47 8.47 6.29 0.39
CA LEU A 47 7.82 5.19 -0.17
C LEU A 47 7.83 5.35 -1.66
N LYS A 48 7.65 6.55 -2.09
CA LYS A 48 7.67 6.81 -3.48
C LYS A 48 9.09 6.72 -4.01
N LYS A 49 10.05 7.15 -3.21
CA LYS A 49 11.42 7.12 -3.67
C LYS A 49 12.06 5.78 -3.43
N ALA A 50 11.61 5.02 -2.43
CA ALA A 50 12.31 3.81 -2.13
C ALA A 50 11.80 2.68 -3.01
N ASN A 51 10.61 2.89 -3.54
CA ASN A 51 9.89 1.95 -4.37
C ASN A 51 9.60 2.75 -5.64
N PRO A 52 10.60 2.86 -6.51
CA PRO A 52 10.60 3.76 -7.69
C PRO A 52 9.45 3.52 -8.63
N ASP A 53 9.42 2.35 -9.14
CA ASP A 53 8.37 1.94 -10.10
C ASP A 53 7.12 1.46 -9.33
N LEU A 54 6.93 2.03 -8.20
CA LEU A 54 5.81 1.74 -7.40
C LEU A 54 5.00 3.03 -7.18
N PRO A 55 3.89 3.19 -7.91
CA PRO A 55 2.92 4.26 -7.67
C PRO A 55 2.28 4.16 -6.32
N ILE A 56 2.22 5.27 -5.64
CA ILE A 56 1.54 5.39 -4.35
C ILE A 56 0.64 6.58 -4.36
N LEU A 57 -0.62 6.32 -4.46
CA LEU A 57 -1.62 7.34 -4.40
C LEU A 57 -2.40 7.16 -3.12
N ILE A 58 -2.36 8.15 -2.25
CA ILE A 58 -3.08 8.09 -1.01
C ILE A 58 -4.53 8.43 -1.39
N ARG A 59 -5.37 7.50 -1.23
CA ARG A 59 -6.73 7.58 -1.71
C ARG A 59 -7.74 7.45 -0.60
N GLU A 60 -8.97 7.69 -0.97
CA GLU A 60 -10.08 7.60 -0.06
C GLU A 60 -10.47 6.14 0.12
N CYS A 61 -11.30 5.86 1.08
CA CYS A 61 -11.58 4.51 1.45
C CYS A 61 -12.73 3.83 0.74
N SER A 62 -12.54 2.54 0.58
CA SER A 62 -13.51 1.65 0.07
C SER A 62 -14.03 0.73 1.20
N ASP A 63 -13.09 0.11 1.95
CA ASP A 63 -13.42 -0.91 2.92
C ASP A 63 -13.01 -0.40 4.28
N VAL A 64 -12.84 -1.33 5.22
CA VAL A 64 -12.55 -1.08 6.66
C VAL A 64 -11.66 0.12 6.94
N GLN A 65 -10.43 0.10 6.46
CA GLN A 65 -9.48 1.18 6.86
C GLN A 65 -8.18 1.15 6.03
N PRO A 66 -7.26 0.21 6.18
CA PRO A 66 -5.99 0.27 5.49
C PRO A 66 -5.94 -0.63 4.27
N LYS A 67 -6.48 -0.22 3.17
CA LYS A 67 -6.56 -1.13 2.02
C LYS A 67 -5.48 -0.82 1.04
N LEU A 68 -4.97 -1.86 0.45
CA LEU A 68 -3.91 -1.77 -0.48
C LEU A 68 -4.46 -2.05 -1.84
N TRP A 69 -4.75 -1.05 -2.59
CA TRP A 69 -5.15 -1.33 -3.92
C TRP A 69 -3.92 -1.44 -4.79
N ALA A 70 -3.83 -2.48 -5.52
CA ALA A 70 -2.77 -2.68 -6.42
C ALA A 70 -3.32 -3.15 -7.74
N ARG A 71 -2.80 -2.62 -8.80
CA ARG A 71 -3.08 -3.08 -10.10
C ARG A 71 -1.72 -3.22 -10.72
N TYR A 72 -1.26 -4.37 -10.65
CA TYR A 72 0.07 -4.76 -11.08
C TYR A 72 0.18 -4.80 -12.60
N ALA A 73 1.41 -4.73 -13.10
CA ALA A 73 1.71 -4.86 -14.53
C ALA A 73 2.12 -6.27 -14.87
N PHE A 74 1.94 -7.13 -13.90
CA PHE A 74 1.95 -8.54 -14.15
C PHE A 74 0.51 -8.90 -14.47
N GLY A 75 -0.33 -7.85 -14.41
CA GLY A 75 -1.70 -7.89 -14.77
C GLY A 75 -2.61 -8.57 -13.77
N GLN A 76 -2.29 -8.40 -12.50
CA GLN A 76 -3.14 -8.87 -11.42
C GLN A 76 -3.54 -7.68 -10.58
N GLU A 77 -4.46 -7.86 -9.67
CA GLU A 77 -4.89 -6.77 -8.84
C GLU A 77 -5.08 -7.25 -7.41
N THR A 78 -5.36 -6.34 -6.51
CA THR A 78 -5.70 -6.65 -5.16
C THR A 78 -6.11 -5.35 -4.51
N ASN A 79 -6.93 -5.42 -3.53
CA ASN A 79 -7.39 -4.27 -2.78
C ASN A 79 -7.56 -4.69 -1.36
N VAL A 80 -6.55 -4.47 -0.52
CA VAL A 80 -6.65 -5.15 0.76
C VAL A 80 -6.14 -4.51 2.02
N PRO A 81 -7.03 -4.53 3.03
CA PRO A 81 -6.75 -4.19 4.41
C PRO A 81 -5.53 -4.92 4.88
N LEU A 82 -4.50 -4.17 4.93
CA LEU A 82 -3.18 -4.58 5.23
C LEU A 82 -2.87 -4.31 6.71
N ASN A 83 -3.94 -4.31 7.48
CA ASN A 83 -3.98 -4.02 8.95
C ASN A 83 -3.05 -4.93 9.77
N ASN A 84 -2.60 -5.97 9.16
CA ASN A 84 -1.76 -6.97 9.82
C ASN A 84 -0.28 -6.59 9.82
N PHE A 85 0.15 -5.75 8.89
CA PHE A 85 1.55 -5.46 8.71
C PHE A 85 1.85 -4.06 9.14
N SER A 86 3.04 -3.86 9.60
CA SER A 86 3.53 -2.57 10.04
C SER A 86 4.24 -1.82 8.88
N ALA A 87 4.82 -0.64 9.19
CA ALA A 87 5.41 0.30 8.20
C ALA A 87 6.42 -0.38 7.25
N ASP A 88 7.45 -0.96 7.85
CA ASP A 88 8.54 -1.63 7.11
C ASP A 88 7.97 -2.77 6.33
N GLN A 89 7.15 -3.52 7.01
CA GLN A 89 6.48 -4.65 6.44
C GLN A 89 5.63 -4.33 5.26
N VAL A 90 4.73 -3.36 5.37
CA VAL A 90 3.91 -3.00 4.23
C VAL A 90 4.76 -2.55 3.07
N THR A 91 5.76 -1.73 3.33
CA THR A 91 6.57 -1.19 2.25
C THR A 91 7.42 -2.24 1.53
N ARG A 92 7.98 -3.10 2.31
CA ARG A 92 8.87 -4.10 1.79
C ARG A 92 8.09 -5.27 1.22
N ALA A 93 6.99 -5.64 1.87
CA ALA A 93 6.12 -6.67 1.32
C ALA A 93 5.50 -6.15 0.06
N LEU A 94 5.23 -4.80 0.00
CA LEU A 94 4.79 -4.16 -1.25
C LEU A 94 5.77 -4.48 -2.31
N GLU A 95 7.00 -4.11 -2.09
CA GLU A 95 8.02 -4.29 -3.13
C GLU A 95 8.12 -5.76 -3.55
N ASN A 96 8.02 -6.62 -2.59
CA ASN A 96 7.96 -8.04 -2.84
C ASN A 96 6.80 -8.39 -3.77
N VAL A 97 5.59 -8.14 -3.28
CA VAL A 97 4.38 -8.45 -4.03
C VAL A 97 4.30 -7.78 -5.36
N LEU A 98 4.67 -6.56 -5.41
CA LEU A 98 4.38 -5.86 -6.60
C LEU A 98 5.47 -5.75 -7.56
N SER A 99 6.63 -5.97 -7.15
CA SER A 99 7.64 -5.91 -8.12
C SER A 99 7.97 -7.31 -8.62
N GLY A 100 7.51 -8.35 -7.90
CA GLY A 100 7.74 -9.67 -8.44
C GLY A 100 6.78 -10.75 -7.97
N LYS A 101 5.69 -10.41 -7.27
CA LYS A 101 4.84 -11.50 -6.80
C LYS A 101 3.66 -11.75 -7.64
N ALA A 102 2.85 -10.82 -7.65
CA ALA A 102 1.56 -10.93 -8.26
C ALA A 102 1.59 -10.54 -9.73
N GLY A 18 6.39 -2.94 -9.77
CA GLY A 18 5.99 -3.23 -11.14
C GLY A 18 4.49 -3.28 -11.27
N LEU A 19 3.86 -2.16 -11.14
CA LEU A 19 2.45 -2.19 -11.18
C LEU A 19 1.95 -1.14 -12.09
N ARG A 20 0.68 -1.11 -12.18
CA ARG A 20 -0.01 -0.11 -12.85
C ARG A 20 -0.50 0.85 -11.78
N GLU A 21 -0.77 0.31 -10.55
CA GLU A 21 -1.26 1.18 -9.44
C GLU A 21 -0.94 0.61 -8.06
N ILE A 22 -0.61 1.49 -7.11
CA ILE A 22 -0.82 1.21 -5.70
C ILE A 22 -1.61 2.35 -5.14
N ARG A 23 -2.83 2.09 -4.98
CA ARG A 23 -3.73 3.06 -4.47
C ARG A 23 -4.12 2.66 -3.08
N ILE A 24 -3.56 3.33 -2.15
CA ILE A 24 -3.84 3.05 -0.79
C ILE A 24 -5.11 3.68 -0.43
N HIS A 25 -6.02 2.92 -0.02
CA HIS A 25 -7.23 3.48 0.44
C HIS A 25 -7.04 3.67 1.91
N LEU A 26 -7.10 4.89 2.38
CA LEU A 26 -6.78 5.19 3.75
C LEU A 26 -8.02 5.51 4.60
N CYS A 27 -8.09 6.79 4.99
CA CYS A 27 -9.03 7.37 5.96
C CYS A 27 -8.62 7.04 7.38
N GLN A 28 -9.04 7.87 8.28
CA GLN A 28 -9.00 7.59 9.68
C GLN A 28 -10.39 7.78 10.18
N ARG A 29 -11.20 6.78 9.95
CA ARG A 29 -12.61 6.87 10.22
C ARG A 29 -13.09 5.59 10.89
N SER A 30 -12.59 4.47 10.43
CA SER A 30 -12.98 3.23 10.97
C SER A 30 -11.84 2.64 11.85
N PRO A 31 -12.05 1.42 12.51
CA PRO A 31 -11.12 0.61 13.39
C PRO A 31 -9.53 0.77 13.41
N GLY A 32 -8.97 1.79 12.82
CA GLY A 32 -7.54 2.05 12.93
C GLY A 32 -6.71 1.42 11.82
N SER A 33 -5.59 2.06 11.49
CA SER A 33 -4.67 1.55 10.49
C SER A 33 -3.24 2.01 10.76
N GLN A 34 -2.48 1.12 11.26
CA GLN A 34 -1.17 1.41 11.78
C GLN A 34 -0.11 1.18 10.75
N GLY A 35 -0.22 0.03 10.07
CA GLY A 35 0.70 -0.31 9.03
C GLY A 35 0.70 0.76 8.01
N VAL A 36 -0.51 1.21 7.65
CA VAL A 36 -0.56 2.28 6.71
C VAL A 36 -0.11 3.54 7.31
N ARG A 37 -0.68 3.96 8.46
CA ARG A 37 -0.30 5.24 9.13
C ARG A 37 1.18 5.46 9.10
N ASP A 38 1.94 4.51 9.59
CA ASP A 38 3.39 4.61 9.57
C ASP A 38 3.91 4.67 8.17
N PHE A 39 3.42 3.84 7.31
CA PHE A 39 3.76 3.94 5.91
C PHE A 39 3.43 5.36 5.36
N ILE A 40 2.21 5.77 5.56
CA ILE A 40 1.62 7.05 5.09
C ILE A 40 2.41 8.28 5.65
N GLU A 41 2.88 8.13 6.86
CA GLU A 41 3.40 9.23 7.66
C GLU A 41 4.89 9.22 7.72
N LYS A 42 5.40 8.13 8.22
CA LYS A 42 6.80 7.96 8.47
C LYS A 42 7.51 7.60 7.18
N ARG A 43 6.81 6.89 6.31
CA ARG A 43 7.48 6.35 5.19
C ARG A 43 7.11 7.03 3.90
N TYR A 44 5.95 7.68 3.80
CA TYR A 44 5.39 8.21 2.47
C TYR A 44 6.42 8.71 1.43
N VAL A 45 7.13 9.72 1.75
CA VAL A 45 8.07 10.29 0.81
C VAL A 45 9.24 9.33 0.54
N GLU A 46 9.61 8.59 1.56
CA GLU A 46 10.63 7.55 1.47
C GLU A 46 10.04 6.38 0.70
N LEU A 47 8.73 6.22 0.74
CA LEU A 47 8.02 5.18 0.07
C LEU A 47 8.03 5.44 -1.40
N LYS A 48 7.71 6.66 -1.73
CA LYS A 48 7.66 7.11 -3.07
C LYS A 48 9.08 7.12 -3.67
N LYS A 49 10.08 7.37 -2.84
CA LYS A 49 11.45 7.36 -3.32
C LYS A 49 12.01 5.94 -3.31
N ALA A 50 11.48 5.09 -2.41
CA ALA A 50 12.06 3.79 -2.22
C ALA A 50 11.68 2.83 -3.30
N ASN A 51 10.43 2.93 -3.69
CA ASN A 51 9.83 2.03 -4.63
C ASN A 51 9.30 2.93 -5.76
N PRO A 52 10.17 3.33 -6.68
CA PRO A 52 9.82 4.24 -7.80
C PRO A 52 8.94 3.53 -8.80
N ASP A 53 9.23 2.28 -8.92
CA ASP A 53 8.50 1.33 -9.77
C ASP A 53 7.20 0.86 -9.04
N LEU A 54 6.75 1.68 -8.12
CA LEU A 54 5.56 1.46 -7.38
C LEU A 54 4.73 2.76 -7.46
N PRO A 55 3.62 2.78 -8.23
CA PRO A 55 2.68 3.91 -8.22
C PRO A 55 2.16 4.20 -6.84
N ILE A 56 2.41 5.37 -6.40
CA ILE A 56 2.08 5.77 -5.03
C ILE A 56 0.87 6.73 -5.06
N LEU A 57 -0.32 6.19 -4.86
CA LEU A 57 -1.54 7.00 -4.86
C LEU A 57 -2.26 6.84 -3.53
N ILE A 58 -2.35 7.91 -2.79
CA ILE A 58 -3.07 7.91 -1.53
C ILE A 58 -4.53 8.24 -1.84
N ARG A 59 -5.38 7.32 -1.51
CA ARG A 59 -6.81 7.38 -1.82
C ARG A 59 -7.68 7.27 -0.58
N GLU A 60 -8.96 7.47 -0.77
CA GLU A 60 -9.94 7.45 0.29
C GLU A 60 -10.44 5.99 0.51
N CYS A 61 -11.12 5.79 1.60
CA CYS A 61 -11.62 4.50 2.02
C CYS A 61 -12.94 4.15 1.38
N SER A 62 -13.06 2.92 0.93
CA SER A 62 -14.32 2.38 0.50
C SER A 62 -14.55 1.03 1.19
N ASP A 63 -13.66 0.74 2.16
CA ASP A 63 -13.68 -0.44 2.94
C ASP A 63 -13.16 0.08 4.25
N VAL A 64 -13.21 -0.70 5.31
CA VAL A 64 -12.91 -0.24 6.67
C VAL A 64 -11.75 0.75 6.79
N GLN A 65 -10.55 0.32 6.45
CA GLN A 65 -9.37 1.11 6.88
C GLN A 65 -8.08 1.08 6.00
N PRO A 66 -7.16 0.08 6.08
CA PRO A 66 -5.91 0.14 5.34
C PRO A 66 -5.88 -0.79 4.15
N LYS A 67 -6.45 -0.41 3.06
CA LYS A 67 -6.55 -1.34 1.95
C LYS A 67 -5.53 -1.01 0.91
N LEU A 68 -4.94 -2.04 0.41
CA LEU A 68 -3.92 -1.91 -0.57
C LEU A 68 -4.50 -2.16 -1.91
N TRP A 69 -4.80 -1.14 -2.66
CA TRP A 69 -5.21 -1.41 -3.98
C TRP A 69 -3.97 -1.55 -4.84
N ALA A 70 -3.73 -2.72 -5.24
CA ALA A 70 -2.67 -3.04 -6.08
C ALA A 70 -3.23 -3.39 -7.42
N ARG A 71 -2.57 -2.97 -8.43
CA ARG A 71 -2.94 -3.32 -9.74
C ARG A 71 -1.68 -3.36 -10.45
N TYR A 72 -1.15 -4.48 -10.54
CA TYR A 72 0.18 -4.68 -11.07
C TYR A 72 0.16 -4.64 -12.60
N ALA A 73 1.33 -4.46 -13.19
CA ALA A 73 1.48 -4.50 -14.64
C ALA A 73 1.86 -5.89 -15.07
N PHE A 74 1.88 -6.77 -14.10
CA PHE A 74 1.85 -8.17 -14.38
C PHE A 74 0.41 -8.46 -14.77
N GLY A 75 -0.45 -7.54 -14.29
CA GLY A 75 -1.81 -7.44 -14.70
C GLY A 75 -2.81 -7.83 -13.63
N GLN A 76 -2.32 -8.39 -12.54
CA GLN A 76 -3.20 -8.79 -11.44
C GLN A 76 -3.71 -7.57 -10.65
N GLU A 77 -4.68 -7.81 -9.80
CA GLU A 77 -5.24 -6.78 -8.96
C GLU A 77 -5.18 -7.26 -7.52
N THR A 78 -5.42 -6.36 -6.62
CA THR A 78 -5.38 -6.58 -5.21
C THR A 78 -5.99 -5.37 -4.54
N ASN A 79 -6.80 -5.55 -3.58
CA ASN A 79 -7.38 -4.44 -2.83
C ASN A 79 -7.56 -4.86 -1.40
N VAL A 80 -6.55 -4.63 -0.54
CA VAL A 80 -6.69 -5.30 0.78
C VAL A 80 -6.08 -4.71 2.03
N PRO A 81 -6.91 -4.74 3.10
CA PRO A 81 -6.54 -4.44 4.49
C PRO A 81 -5.26 -5.12 4.85
N LEU A 82 -4.29 -4.32 4.99
CA LEU A 82 -2.94 -4.73 5.18
C LEU A 82 -2.46 -4.36 6.58
N ASN A 83 -3.42 -4.12 7.44
CA ASN A 83 -3.15 -3.54 8.77
C ASN A 83 -2.32 -4.43 9.69
N ASN A 84 -2.17 -5.67 9.32
CA ASN A 84 -1.42 -6.62 10.14
C ASN A 84 0.07 -6.64 9.82
N PHE A 85 0.53 -5.61 9.13
CA PHE A 85 1.91 -5.39 8.90
C PHE A 85 2.25 -4.04 9.46
N SER A 86 3.49 -3.72 9.45
CA SER A 86 3.98 -2.47 9.96
C SER A 86 4.52 -1.63 8.79
N ALA A 87 4.95 -0.39 9.06
CA ALA A 87 5.51 0.53 8.05
C ALA A 87 6.53 -0.17 7.11
N ASP A 88 7.55 -0.77 7.73
CA ASP A 88 8.63 -1.47 7.00
C ASP A 88 8.06 -2.65 6.26
N GLN A 89 7.17 -3.34 6.92
CA GLN A 89 6.57 -4.53 6.36
C GLN A 89 5.74 -4.24 5.16
N VAL A 90 4.85 -3.26 5.24
CA VAL A 90 4.06 -2.95 4.09
C VAL A 90 4.93 -2.48 2.95
N THR A 91 5.90 -1.63 3.21
CA THR A 91 6.73 -1.13 2.12
C THR A 91 7.57 -2.22 1.42
N ARG A 92 8.11 -3.09 2.20
CA ARG A 92 8.97 -4.13 1.71
C ARG A 92 8.16 -5.28 1.13
N ALA A 93 7.08 -5.67 1.82
CA ALA A 93 6.17 -6.70 1.29
C ALA A 93 5.53 -6.21 0.03
N LEU A 94 5.24 -4.88 -0.04
CA LEU A 94 4.78 -4.29 -1.30
C LEU A 94 5.77 -4.58 -2.35
N GLU A 95 6.99 -4.19 -2.12
CA GLU A 95 8.06 -4.38 -3.11
C GLU A 95 8.15 -5.84 -3.53
N ASN A 96 8.14 -6.71 -2.56
CA ASN A 96 8.10 -8.13 -2.77
C ASN A 96 6.96 -8.53 -3.71
N VAL A 97 5.73 -8.26 -3.30
CA VAL A 97 4.58 -8.59 -4.11
C VAL A 97 4.51 -7.89 -5.42
N LEU A 98 4.85 -6.66 -5.45
CA LEU A 98 4.54 -5.92 -6.61
C LEU A 98 5.59 -5.81 -7.63
N SER A 99 6.74 -6.17 -7.32
CA SER A 99 7.68 -6.19 -8.36
C SER A 99 8.10 -7.62 -8.64
N GLY A 100 7.73 -8.56 -7.76
CA GLY A 100 8.10 -9.91 -8.01
C GLY A 100 7.06 -10.95 -7.67
N LYS A 101 5.92 -10.58 -7.07
CA LYS A 101 5.00 -11.65 -6.67
C LYS A 101 3.87 -11.90 -7.59
N ALA A 102 3.07 -10.96 -7.67
CA ALA A 102 1.83 -11.08 -8.36
C ALA A 102 1.92 -10.52 -9.77
#